data_1MQE
# 
_entry.id   1MQE 
# 
_audit_conform.dict_name       mmcif_pdbx.dic 
_audit_conform.dict_version    5.386 
_audit_conform.dict_location   http://mmcif.pdb.org/dictionaries/ascii/mmcif_pdbx.dic 
# 
loop_
_database_2.database_id 
_database_2.database_code 
_database_2.pdbx_database_accession 
_database_2.pdbx_DOI 
PDB   1MQE         pdb_00001mqe 10.2210/pdb1mqe/pdb 
RCSB  RCSB017099   ?            ?                   
WWPDB D_1000017099 ?            ?                   
# 
loop_
_pdbx_audit_revision_history.ordinal 
_pdbx_audit_revision_history.data_content_type 
_pdbx_audit_revision_history.major_revision 
_pdbx_audit_revision_history.minor_revision 
_pdbx_audit_revision_history.revision_date 
1 'Structure model' 1 0 2003-08-05 
2 'Structure model' 1 1 2008-04-28 
3 'Structure model' 1 2 2011-07-13 
4 'Structure model' 1 3 2024-02-14 
# 
_pdbx_audit_revision_details.ordinal             1 
_pdbx_audit_revision_details.revision_ordinal    1 
_pdbx_audit_revision_details.data_content_type   'Structure model' 
_pdbx_audit_revision_details.provider            repository 
_pdbx_audit_revision_details.type                'Initial release' 
_pdbx_audit_revision_details.description         ? 
_pdbx_audit_revision_details.details             ? 
# 
loop_
_pdbx_audit_revision_group.ordinal 
_pdbx_audit_revision_group.revision_ordinal 
_pdbx_audit_revision_group.data_content_type 
_pdbx_audit_revision_group.group 
1 2 'Structure model' 'Version format compliance' 
2 3 'Structure model' 'Derived calculations'      
3 3 'Structure model' 'Version format compliance' 
4 4 'Structure model' 'Data collection'           
5 4 'Structure model' 'Database references'       
6 4 'Structure model' 'Derived calculations'      
# 
loop_
_pdbx_audit_revision_category.ordinal 
_pdbx_audit_revision_category.revision_ordinal 
_pdbx_audit_revision_category.data_content_type 
_pdbx_audit_revision_category.category 
1 4 'Structure model' chem_comp_atom         
2 4 'Structure model' chem_comp_bond         
3 4 'Structure model' database_2             
4 4 'Structure model' pdbx_struct_conn_angle 
5 4 'Structure model' struct_conn            
6 4 'Structure model' struct_site            
# 
loop_
_pdbx_audit_revision_item.ordinal 
_pdbx_audit_revision_item.revision_ordinal 
_pdbx_audit_revision_item.data_content_type 
_pdbx_audit_revision_item.item 
1  4 'Structure model' '_database_2.pdbx_DOI'                        
2  4 'Structure model' '_database_2.pdbx_database_accession'         
3  4 'Structure model' '_pdbx_struct_conn_angle.ptnr1_auth_comp_id'  
4  4 'Structure model' '_pdbx_struct_conn_angle.ptnr1_auth_seq_id'   
5  4 'Structure model' '_pdbx_struct_conn_angle.ptnr1_label_asym_id' 
6  4 'Structure model' '_pdbx_struct_conn_angle.ptnr1_label_atom_id' 
7  4 'Structure model' '_pdbx_struct_conn_angle.ptnr1_label_comp_id' 
8  4 'Structure model' '_pdbx_struct_conn_angle.ptnr3_auth_comp_id'  
9  4 'Structure model' '_pdbx_struct_conn_angle.ptnr3_auth_seq_id'   
10 4 'Structure model' '_pdbx_struct_conn_angle.ptnr3_label_asym_id' 
11 4 'Structure model' '_pdbx_struct_conn_angle.ptnr3_label_atom_id' 
12 4 'Structure model' '_pdbx_struct_conn_angle.ptnr3_label_comp_id' 
13 4 'Structure model' '_pdbx_struct_conn_angle.value'               
14 4 'Structure model' '_struct_conn.pdbx_dist_value'                
15 4 'Structure model' '_struct_conn.ptnr1_auth_comp_id'             
16 4 'Structure model' '_struct_conn.ptnr1_auth_seq_id'              
17 4 'Structure model' '_struct_conn.ptnr1_label_asym_id'            
18 4 'Structure model' '_struct_conn.ptnr1_label_atom_id'            
19 4 'Structure model' '_struct_conn.ptnr1_label_comp_id'            
20 4 'Structure model' '_struct_conn.ptnr1_label_seq_id'             
21 4 'Structure model' '_struct_conn.ptnr2_auth_comp_id'             
22 4 'Structure model' '_struct_conn.ptnr2_auth_seq_id'              
23 4 'Structure model' '_struct_conn.ptnr2_label_asym_id'            
24 4 'Structure model' '_struct_conn.ptnr2_label_atom_id'            
25 4 'Structure model' '_struct_conn.ptnr2_label_comp_id'            
26 4 'Structure model' '_struct_conn.ptnr2_label_seq_id'             
27 4 'Structure model' '_struct_site.pdbx_auth_asym_id'              
28 4 'Structure model' '_struct_site.pdbx_auth_comp_id'              
29 4 'Structure model' '_struct_site.pdbx_auth_seq_id'               
# 
_pdbx_database_status.status_code                     REL 
_pdbx_database_status.entry_id                        1MQE 
_pdbx_database_status.recvd_initial_deposition_date   2002-09-16 
_pdbx_database_status.deposit_site                    RCSB 
_pdbx_database_status.process_site                    RCSB 
_pdbx_database_status.SG_entry                        . 
_pdbx_database_status.pdb_format_compatible           Y 
_pdbx_database_status.status_code_mr                  ? 
_pdbx_database_status.status_code_sf                  ? 
_pdbx_database_status.status_code_cs                  ? 
_pdbx_database_status.status_code_nmr_data            ? 
_pdbx_database_status.methods_development_category    ? 
# 
loop_
_pdbx_database_related.db_name 
_pdbx_database_related.db_id 
_pdbx_database_related.details 
_pdbx_database_related.content_type 
PDB 1mk1 'The same protein complexed with ADPR'                       unspecified 
PDB 1mp2 'The same protein (apo enzyme)'                              unspecified 
PDB 1MQW 'The same protein complexed with three Mn2+ ions and AMP-CP' unspecified 
PDB 1MR2 'The same protein complexed with 1 Mn2+ ion and AMP-CP'      unspecified 
# 
loop_
_audit_author.name 
_audit_author.pdbx_ordinal 
'Kang, L.-W.'      1 
'Gabelli, S.B.'    2 
'Bianchet, M.A.'   3 
'Cunningham, J.E.' 4 
;O'Handley, S.F.
;
5 
'Amzel, L.M.'      6 
# 
_citation.id                        primary 
_citation.title                     'Structure and mechanism of MT-ADPRase, a Nudix hydrolase from Mycobacterium tuberculosis' 
_citation.journal_abbrev            Structure 
_citation.journal_volume            11 
_citation.page_first                1015 
_citation.page_last                 1023 
_citation.year                      2003 
_citation.journal_id_ASTM           STRUE6 
_citation.country                   UK 
_citation.journal_id_ISSN           0969-2126 
_citation.journal_id_CSD            2005 
_citation.book_publisher            ? 
_citation.pdbx_database_id_PubMed   12906832 
_citation.pdbx_database_id_DOI      '10.1016/S0969-2126(03)00154-0' 
# 
loop_
_citation_author.citation_id 
_citation_author.name 
_citation_author.ordinal 
_citation_author.identifier_ORCID 
primary 'Kang, L.-W.'      1 ? 
primary 'Gabelli, S.B.'    2 ? 
primary 'Cunningham, J.E.' 3 ? 
primary 
;O'Handley, S.F.
;
4 ? 
primary 'Amzel, L.M.'      5 ? 
# 
loop_
_entity.id 
_entity.type 
_entity.src_method 
_entity.pdbx_description 
_entity.formula_weight 
_entity.pdbx_number_of_molecules 
_entity.pdbx_ec 
_entity.pdbx_mutation 
_entity.pdbx_fragment 
_entity.details 
1 polymer     man 'ADPR pyrophosphatase'      22920.846 1  3.6.1.13 ? ? ? 
2 non-polymer syn ADENOSINE-5-DIPHOSPHORIBOSE 559.316   1  ?        ? ? ? 
3 non-polymer syn 'GADOLINIUM ION'            157.250   1  ?        ? ? ? 
4 water       nat water                       18.015    86 ?        ? ? ? 
# 
_entity_name_com.entity_id   1 
_entity_name_com.name        'ADPRase, MutT/nudix family protein, Hypothetical protein Rv1700' 
# 
_entity_poly.entity_id                      1 
_entity_poly.type                           'polypeptide(L)' 
_entity_poly.nstd_linkage                   no 
_entity_poly.nstd_monomer                   no 
_entity_poly.pdbx_seq_one_letter_code       
;MAEHDFETISSETLHTGAIFALRRDQVRMPGGGIVTREVVEHFGAVAIVAMDDNGNIPMVYQYRHTYGRRLWELPAGLLD
VAGEPPHLTAARELREEVGLQASTWQVLVDLDTAPGFSDESVRVYLATGLREVGRPEAHHEEADMTMGWYPIAEAARRVL
RGEIVNSIAIAGVLAVHAVTTGFAQPRPLDTEWIDRPTAFAARRAER
;
_entity_poly.pdbx_seq_one_letter_code_can   
;MAEHDFETISSETLHTGAIFALRRDQVRMPGGGIVTREVVEHFGAVAIVAMDDNGNIPMVYQYRHTYGRRLWELPAGLLD
VAGEPPHLTAARELREEVGLQASTWQVLVDLDTAPGFSDESVRVYLATGLREVGRPEAHHEEADMTMGWYPIAEAARRVL
RGEIVNSIAIAGVLAVHAVTTGFAQPRPLDTEWIDRPTAFAARRAER
;
_entity_poly.pdbx_strand_id                 A 
_entity_poly.pdbx_target_identifier         ? 
# 
loop_
_pdbx_entity_nonpoly.entity_id 
_pdbx_entity_nonpoly.name 
_pdbx_entity_nonpoly.comp_id 
2 ADENOSINE-5-DIPHOSPHORIBOSE APR 
3 'GADOLINIUM ION'            GD3 
4 water                       HOH 
# 
loop_
_entity_poly_seq.entity_id 
_entity_poly_seq.num 
_entity_poly_seq.mon_id 
_entity_poly_seq.hetero 
1 1   MET n 
1 2   ALA n 
1 3   GLU n 
1 4   HIS n 
1 5   ASP n 
1 6   PHE n 
1 7   GLU n 
1 8   THR n 
1 9   ILE n 
1 10  SER n 
1 11  SER n 
1 12  GLU n 
1 13  THR n 
1 14  LEU n 
1 15  HIS n 
1 16  THR n 
1 17  GLY n 
1 18  ALA n 
1 19  ILE n 
1 20  PHE n 
1 21  ALA n 
1 22  LEU n 
1 23  ARG n 
1 24  ARG n 
1 25  ASP n 
1 26  GLN n 
1 27  VAL n 
1 28  ARG n 
1 29  MET n 
1 30  PRO n 
1 31  GLY n 
1 32  GLY n 
1 33  GLY n 
1 34  ILE n 
1 35  VAL n 
1 36  THR n 
1 37  ARG n 
1 38  GLU n 
1 39  VAL n 
1 40  VAL n 
1 41  GLU n 
1 42  HIS n 
1 43  PHE n 
1 44  GLY n 
1 45  ALA n 
1 46  VAL n 
1 47  ALA n 
1 48  ILE n 
1 49  VAL n 
1 50  ALA n 
1 51  MET n 
1 52  ASP n 
1 53  ASP n 
1 54  ASN n 
1 55  GLY n 
1 56  ASN n 
1 57  ILE n 
1 58  PRO n 
1 59  MET n 
1 60  VAL n 
1 61  TYR n 
1 62  GLN n 
1 63  TYR n 
1 64  ARG n 
1 65  HIS n 
1 66  THR n 
1 67  TYR n 
1 68  GLY n 
1 69  ARG n 
1 70  ARG n 
1 71  LEU n 
1 72  TRP n 
1 73  GLU n 
1 74  LEU n 
1 75  PRO n 
1 76  ALA n 
1 77  GLY n 
1 78  LEU n 
1 79  LEU n 
1 80  ASP n 
1 81  VAL n 
1 82  ALA n 
1 83  GLY n 
1 84  GLU n 
1 85  PRO n 
1 86  PRO n 
1 87  HIS n 
1 88  LEU n 
1 89  THR n 
1 90  ALA n 
1 91  ALA n 
1 92  ARG n 
1 93  GLU n 
1 94  LEU n 
1 95  ARG n 
1 96  GLU n 
1 97  GLU n 
1 98  VAL n 
1 99  GLY n 
1 100 LEU n 
1 101 GLN n 
1 102 ALA n 
1 103 SER n 
1 104 THR n 
1 105 TRP n 
1 106 GLN n 
1 107 VAL n 
1 108 LEU n 
1 109 VAL n 
1 110 ASP n 
1 111 LEU n 
1 112 ASP n 
1 113 THR n 
1 114 ALA n 
1 115 PRO n 
1 116 GLY n 
1 117 PHE n 
1 118 SER n 
1 119 ASP n 
1 120 GLU n 
1 121 SER n 
1 122 VAL n 
1 123 ARG n 
1 124 VAL n 
1 125 TYR n 
1 126 LEU n 
1 127 ALA n 
1 128 THR n 
1 129 GLY n 
1 130 LEU n 
1 131 ARG n 
1 132 GLU n 
1 133 VAL n 
1 134 GLY n 
1 135 ARG n 
1 136 PRO n 
1 137 GLU n 
1 138 ALA n 
1 139 HIS n 
1 140 HIS n 
1 141 GLU n 
1 142 GLU n 
1 143 ALA n 
1 144 ASP n 
1 145 MET n 
1 146 THR n 
1 147 MET n 
1 148 GLY n 
1 149 TRP n 
1 150 TYR n 
1 151 PRO n 
1 152 ILE n 
1 153 ALA n 
1 154 GLU n 
1 155 ALA n 
1 156 ALA n 
1 157 ARG n 
1 158 ARG n 
1 159 VAL n 
1 160 LEU n 
1 161 ARG n 
1 162 GLY n 
1 163 GLU n 
1 164 ILE n 
1 165 VAL n 
1 166 ASN n 
1 167 SER n 
1 168 ILE n 
1 169 ALA n 
1 170 ILE n 
1 171 ALA n 
1 172 GLY n 
1 173 VAL n 
1 174 LEU n 
1 175 ALA n 
1 176 VAL n 
1 177 HIS n 
1 178 ALA n 
1 179 VAL n 
1 180 THR n 
1 181 THR n 
1 182 GLY n 
1 183 PHE n 
1 184 ALA n 
1 185 GLN n 
1 186 PRO n 
1 187 ARG n 
1 188 PRO n 
1 189 LEU n 
1 190 ASP n 
1 191 THR n 
1 192 GLU n 
1 193 TRP n 
1 194 ILE n 
1 195 ASP n 
1 196 ARG n 
1 197 PRO n 
1 198 THR n 
1 199 ALA n 
1 200 PHE n 
1 201 ALA n 
1 202 ALA n 
1 203 ARG n 
1 204 ARG n 
1 205 ALA n 
1 206 GLU n 
1 207 ARG n 
# 
_entity_src_gen.entity_id                          1 
_entity_src_gen.pdbx_src_id                        1 
_entity_src_gen.pdbx_alt_source_flag               sample 
_entity_src_gen.pdbx_seq_type                      ? 
_entity_src_gen.pdbx_beg_seq_num                   ? 
_entity_src_gen.pdbx_end_seq_num                   ? 
_entity_src_gen.gene_src_common_name               ? 
_entity_src_gen.gene_src_genus                     Mycobacterium 
_entity_src_gen.pdbx_gene_src_gene                 ? 
_entity_src_gen.gene_src_species                   ? 
_entity_src_gen.gene_src_strain                    ? 
_entity_src_gen.gene_src_tissue                    ? 
_entity_src_gen.gene_src_tissue_fraction           ? 
_entity_src_gen.gene_src_details                   ? 
_entity_src_gen.pdbx_gene_src_fragment             ? 
_entity_src_gen.pdbx_gene_src_scientific_name      'Mycobacterium tuberculosis' 
_entity_src_gen.pdbx_gene_src_ncbi_taxonomy_id     1773 
_entity_src_gen.pdbx_gene_src_variant              ? 
_entity_src_gen.pdbx_gene_src_cell_line            ? 
_entity_src_gen.pdbx_gene_src_atcc                 ? 
_entity_src_gen.pdbx_gene_src_organ                ? 
_entity_src_gen.pdbx_gene_src_organelle            ? 
_entity_src_gen.pdbx_gene_src_cell                 ? 
_entity_src_gen.pdbx_gene_src_cellular_location    ? 
_entity_src_gen.host_org_common_name               ? 
_entity_src_gen.pdbx_host_org_scientific_name      'Escherichia coli' 
_entity_src_gen.pdbx_host_org_ncbi_taxonomy_id     562 
_entity_src_gen.host_org_genus                     Escherichia 
_entity_src_gen.pdbx_host_org_gene                 ? 
_entity_src_gen.pdbx_host_org_organ                ? 
_entity_src_gen.host_org_species                   ? 
_entity_src_gen.pdbx_host_org_tissue               ? 
_entity_src_gen.pdbx_host_org_tissue_fraction      ? 
_entity_src_gen.pdbx_host_org_strain               'blr(de3)' 
_entity_src_gen.pdbx_host_org_variant              ? 
_entity_src_gen.pdbx_host_org_cell_line            ? 
_entity_src_gen.pdbx_host_org_atcc                 ? 
_entity_src_gen.pdbx_host_org_culture_collection   ? 
_entity_src_gen.pdbx_host_org_cell                 ? 
_entity_src_gen.pdbx_host_org_organelle            ? 
_entity_src_gen.pdbx_host_org_cellular_location    ? 
_entity_src_gen.pdbx_host_org_vector_type          plasmid 
_entity_src_gen.pdbx_host_org_vector               ? 
_entity_src_gen.host_org_details                   ? 
_entity_src_gen.expression_system_id               ? 
_entity_src_gen.plasmid_name                       pET11b 
_entity_src_gen.plasmid_details                    ? 
_entity_src_gen.pdbx_description                   ? 
# 
loop_
_chem_comp.id 
_chem_comp.type 
_chem_comp.mon_nstd_flag 
_chem_comp.name 
_chem_comp.pdbx_synonyms 
_chem_comp.formula 
_chem_comp.formula_weight 
ALA 'L-peptide linking' y ALANINE                     ? 'C3 H7 N O2'        89.093  
APR non-polymer         . ADENOSINE-5-DIPHOSPHORIBOSE ? 'C15 H23 N5 O14 P2' 559.316 
ARG 'L-peptide linking' y ARGININE                    ? 'C6 H15 N4 O2 1'    175.209 
ASN 'L-peptide linking' y ASPARAGINE                  ? 'C4 H8 N2 O3'       132.118 
ASP 'L-peptide linking' y 'ASPARTIC ACID'             ? 'C4 H7 N O4'        133.103 
GD3 non-polymer         . 'GADOLINIUM ION'            ? 'Gd 3'              157.250 
GLN 'L-peptide linking' y GLUTAMINE                   ? 'C5 H10 N2 O3'      146.144 
GLU 'L-peptide linking' y 'GLUTAMIC ACID'             ? 'C5 H9 N O4'        147.129 
GLY 'peptide linking'   y GLYCINE                     ? 'C2 H5 N O2'        75.067  
HIS 'L-peptide linking' y HISTIDINE                   ? 'C6 H10 N3 O2 1'    156.162 
HOH non-polymer         . WATER                       ? 'H2 O'              18.015  
ILE 'L-peptide linking' y ISOLEUCINE                  ? 'C6 H13 N O2'       131.173 
LEU 'L-peptide linking' y LEUCINE                     ? 'C6 H13 N O2'       131.173 
MET 'L-peptide linking' y METHIONINE                  ? 'C5 H11 N O2 S'     149.211 
PHE 'L-peptide linking' y PHENYLALANINE               ? 'C9 H11 N O2'       165.189 
PRO 'L-peptide linking' y PROLINE                     ? 'C5 H9 N O2'        115.130 
SER 'L-peptide linking' y SERINE                      ? 'C3 H7 N O3'        105.093 
THR 'L-peptide linking' y THREONINE                   ? 'C4 H9 N O3'        119.119 
TRP 'L-peptide linking' y TRYPTOPHAN                  ? 'C11 H12 N2 O2'     204.225 
TYR 'L-peptide linking' y TYROSINE                    ? 'C9 H11 N O3'       181.189 
VAL 'L-peptide linking' y VALINE                      ? 'C5 H11 N O2'       117.146 
# 
loop_
_pdbx_poly_seq_scheme.asym_id 
_pdbx_poly_seq_scheme.entity_id 
_pdbx_poly_seq_scheme.seq_id 
_pdbx_poly_seq_scheme.mon_id 
_pdbx_poly_seq_scheme.ndb_seq_num 
_pdbx_poly_seq_scheme.pdb_seq_num 
_pdbx_poly_seq_scheme.auth_seq_num 
_pdbx_poly_seq_scheme.pdb_mon_id 
_pdbx_poly_seq_scheme.auth_mon_id 
_pdbx_poly_seq_scheme.pdb_strand_id 
_pdbx_poly_seq_scheme.pdb_ins_code 
_pdbx_poly_seq_scheme.hetero 
A 1 1   MET 1   1   ?   ?   ?   A . n 
A 1 2   ALA 2   2   ?   ?   ?   A . n 
A 1 3   GLU 3   3   ?   ?   ?   A . n 
A 1 4   HIS 4   4   ?   ?   ?   A . n 
A 1 5   ASP 5   5   ?   ?   ?   A . n 
A 1 6   PHE 6   6   6   PHE PHE A . n 
A 1 7   GLU 7   7   7   GLU GLU A . n 
A 1 8   THR 8   8   8   THR THR A . n 
A 1 9   ILE 9   9   9   ILE ILE A . n 
A 1 10  SER 10  10  10  SER SER A . n 
A 1 11  SER 11  11  11  SER SER A . n 
A 1 12  GLU 12  12  12  GLU GLU A . n 
A 1 13  THR 13  13  13  THR THR A . n 
A 1 14  LEU 14  14  14  LEU LEU A . n 
A 1 15  HIS 15  15  15  HIS HIS A . n 
A 1 16  THR 16  16  16  THR THR A . n 
A 1 17  GLY 17  17  17  GLY GLY A . n 
A 1 18  ALA 18  18  18  ALA ALA A . n 
A 1 19  ILE 19  19  19  ILE ILE A . n 
A 1 20  PHE 20  20  20  PHE PHE A . n 
A 1 21  ALA 21  21  21  ALA ALA A . n 
A 1 22  LEU 22  22  22  LEU LEU A . n 
A 1 23  ARG 23  23  23  ARG ARG A . n 
A 1 24  ARG 24  24  24  ARG ARG A . n 
A 1 25  ASP 25  25  25  ASP ASP A . n 
A 1 26  GLN 26  26  26  GLN GLN A . n 
A 1 27  VAL 27  27  27  VAL VAL A . n 
A 1 28  ARG 28  28  28  ARG ARG A . n 
A 1 29  MET 29  29  ?   ?   ?   A . n 
A 1 30  PRO 30  30  ?   ?   ?   A . n 
A 1 31  GLY 31  31  ?   ?   ?   A . n 
A 1 32  GLY 32  32  ?   ?   ?   A . n 
A 1 33  GLY 33  33  ?   ?   ?   A . n 
A 1 34  ILE 34  34  34  ILE ILE A . n 
A 1 35  VAL 35  35  35  VAL VAL A . n 
A 1 36  THR 36  36  36  THR THR A . n 
A 1 37  ARG 37  37  37  ARG ARG A . n 
A 1 38  GLU 38  38  38  GLU GLU A . n 
A 1 39  VAL 39  39  39  VAL VAL A . n 
A 1 40  VAL 40  40  40  VAL VAL A . n 
A 1 41  GLU 41  41  41  GLU GLU A . n 
A 1 42  HIS 42  42  42  HIS HIS A . n 
A 1 43  PHE 43  43  43  PHE PHE A . n 
A 1 44  GLY 44  44  44  GLY GLY A . n 
A 1 45  ALA 45  45  45  ALA ALA A . n 
A 1 46  VAL 46  46  46  VAL VAL A . n 
A 1 47  ALA 47  47  47  ALA ALA A . n 
A 1 48  ILE 48  48  48  ILE ILE A . n 
A 1 49  VAL 49  49  49  VAL VAL A . n 
A 1 50  ALA 50  50  50  ALA ALA A . n 
A 1 51  MET 51  51  51  MET MET A . n 
A 1 52  ASP 52  52  52  ASP ASP A . n 
A 1 53  ASP 53  53  53  ASP ASP A . n 
A 1 54  ASN 54  54  54  ASN ASN A . n 
A 1 55  GLY 55  55  55  GLY GLY A . n 
A 1 56  ASN 56  56  56  ASN ASN A . n 
A 1 57  ILE 57  57  57  ILE ILE A . n 
A 1 58  PRO 58  58  58  PRO PRO A . n 
A 1 59  MET 59  59  59  MET MET A . n 
A 1 60  VAL 60  60  60  VAL VAL A . n 
A 1 61  TYR 61  61  61  TYR TYR A . n 
A 1 62  GLN 62  62  62  GLN GLN A . n 
A 1 63  TYR 63  63  63  TYR TYR A . n 
A 1 64  ARG 64  64  64  ARG ARG A . n 
A 1 65  HIS 65  65  65  HIS HIS A . n 
A 1 66  THR 66  66  66  THR THR A . n 
A 1 67  TYR 67  67  67  TYR TYR A . n 
A 1 68  GLY 68  68  68  GLY GLY A . n 
A 1 69  ARG 69  69  69  ARG ARG A . n 
A 1 70  ARG 70  70  70  ARG ARG A . n 
A 1 71  LEU 71  71  71  LEU LEU A . n 
A 1 72  TRP 72  72  72  TRP TRP A . n 
A 1 73  GLU 73  73  73  GLU GLU A . n 
A 1 74  LEU 74  74  74  LEU LEU A . n 
A 1 75  PRO 75  75  75  PRO PRO A . n 
A 1 76  ALA 76  76  76  ALA ALA A . n 
A 1 77  GLY 77  77  77  GLY GLY A . n 
A 1 78  LEU 78  78  78  LEU LEU A . n 
A 1 79  LEU 79  79  79  LEU LEU A . n 
A 1 80  ASP 80  80  80  ASP ASP A . n 
A 1 81  VAL 81  81  81  VAL VAL A . n 
A 1 82  ALA 82  82  82  ALA ALA A . n 
A 1 83  GLY 83  83  83  GLY GLY A . n 
A 1 84  GLU 84  84  84  GLU GLU A . n 
A 1 85  PRO 85  85  85  PRO PRO A . n 
A 1 86  PRO 86  86  86  PRO PRO A . n 
A 1 87  HIS 87  87  87  HIS HIS A . n 
A 1 88  LEU 88  88  88  LEU LEU A . n 
A 1 89  THR 89  89  89  THR THR A . n 
A 1 90  ALA 90  90  90  ALA ALA A . n 
A 1 91  ALA 91  91  91  ALA ALA A . n 
A 1 92  ARG 92  92  92  ARG ARG A . n 
A 1 93  GLU 93  93  93  GLU GLU A . n 
A 1 94  LEU 94  94  94  LEU LEU A . n 
A 1 95  ARG 95  95  95  ARG ARG A . n 
A 1 96  GLU 96  96  96  GLU GLU A . n 
A 1 97  GLU 97  97  97  GLU GLU A . n 
A 1 98  VAL 98  98  98  VAL VAL A . n 
A 1 99  GLY 99  99  99  GLY GLY A . n 
A 1 100 LEU 100 100 100 LEU LEU A . n 
A 1 101 GLN 101 101 101 GLN GLN A . n 
A 1 102 ALA 102 102 102 ALA ALA A . n 
A 1 103 SER 103 103 103 SER SER A . n 
A 1 104 THR 104 104 104 THR THR A . n 
A 1 105 TRP 105 105 105 TRP TRP A . n 
A 1 106 GLN 106 106 106 GLN GLN A . n 
A 1 107 VAL 107 107 107 VAL VAL A . n 
A 1 108 LEU 108 108 108 LEU LEU A . n 
A 1 109 VAL 109 109 109 VAL VAL A . n 
A 1 110 ASP 110 110 110 ASP ASP A . n 
A 1 111 LEU 111 111 111 LEU LEU A . n 
A 1 112 ASP 112 112 112 ASP ASP A . n 
A 1 113 THR 113 113 113 THR THR A . n 
A 1 114 ALA 114 114 114 ALA ALA A . n 
A 1 115 PRO 115 115 115 PRO PRO A . n 
A 1 116 GLY 116 116 116 GLY GLY A . n 
A 1 117 PHE 117 117 117 PHE PHE A . n 
A 1 118 SER 118 118 118 SER SER A . n 
A 1 119 ASP 119 119 119 ASP ASP A . n 
A 1 120 GLU 120 120 120 GLU GLU A . n 
A 1 121 SER 121 121 121 SER SER A . n 
A 1 122 VAL 122 122 122 VAL VAL A . n 
A 1 123 ARG 123 123 123 ARG ARG A . n 
A 1 124 VAL 124 124 124 VAL VAL A . n 
A 1 125 TYR 125 125 125 TYR TYR A . n 
A 1 126 LEU 126 126 126 LEU LEU A . n 
A 1 127 ALA 127 127 127 ALA ALA A . n 
A 1 128 THR 128 128 128 THR THR A . n 
A 1 129 GLY 129 129 129 GLY GLY A . n 
A 1 130 LEU 130 130 130 LEU LEU A . n 
A 1 131 ARG 131 131 131 ARG ARG A . n 
A 1 132 GLU 132 132 132 GLU GLU A . n 
A 1 133 VAL 133 133 133 VAL VAL A . n 
A 1 134 GLY 134 134 134 GLY GLY A . n 
A 1 135 ARG 135 135 135 ARG ARG A . n 
A 1 136 PRO 136 136 ?   ?   ?   A . n 
A 1 137 GLU 137 137 ?   ?   ?   A . n 
A 1 138 ALA 138 138 ?   ?   ?   A . n 
A 1 139 HIS 139 139 ?   ?   ?   A . n 
A 1 140 HIS 140 140 ?   ?   ?   A . n 
A 1 141 GLU 141 141 ?   ?   ?   A . n 
A 1 142 GLU 142 142 ?   ?   ?   A . n 
A 1 143 ALA 143 143 ?   ?   ?   A . n 
A 1 144 ASP 144 144 ?   ?   ?   A . n 
A 1 145 MET 145 145 ?   ?   ?   A . n 
A 1 146 THR 146 146 146 THR THR A . n 
A 1 147 MET 147 147 147 MET MET A . n 
A 1 148 GLY 148 148 148 GLY GLY A . n 
A 1 149 TRP 149 149 149 TRP TRP A . n 
A 1 150 TYR 150 150 150 TYR TYR A . n 
A 1 151 PRO 151 151 151 PRO PRO A . n 
A 1 152 ILE 152 152 152 ILE ILE A . n 
A 1 153 ALA 153 153 153 ALA ALA A . n 
A 1 154 GLU 154 154 154 GLU GLU A . n 
A 1 155 ALA 155 155 155 ALA ALA A . n 
A 1 156 ALA 156 156 156 ALA ALA A . n 
A 1 157 ARG 157 157 157 ARG ARG A . n 
A 1 158 ARG 158 158 158 ARG ARG A . n 
A 1 159 VAL 159 159 159 VAL VAL A . n 
A 1 160 LEU 160 160 160 LEU LEU A . n 
A 1 161 ARG 161 161 161 ARG ARG A . n 
A 1 162 GLY 162 162 162 GLY GLY A . n 
A 1 163 GLU 163 163 163 GLU GLU A . n 
A 1 164 ILE 164 164 164 ILE ILE A . n 
A 1 165 VAL 165 165 165 VAL VAL A . n 
A 1 166 ASN 166 166 166 ASN ASN A . n 
A 1 167 SER 167 167 167 SER SER A . n 
A 1 168 ILE 168 168 168 ILE ILE A . n 
A 1 169 ALA 169 169 169 ALA ALA A . n 
A 1 170 ILE 170 170 170 ILE ILE A . n 
A 1 171 ALA 171 171 171 ALA ALA A . n 
A 1 172 GLY 172 172 172 GLY GLY A . n 
A 1 173 VAL 173 173 173 VAL VAL A . n 
A 1 174 LEU 174 174 174 LEU LEU A . n 
A 1 175 ALA 175 175 175 ALA ALA A . n 
A 1 176 VAL 176 176 176 VAL VAL A . n 
A 1 177 HIS 177 177 177 HIS HIS A . n 
A 1 178 ALA 178 178 178 ALA ALA A . n 
A 1 179 VAL 179 179 179 VAL VAL A . n 
A 1 180 THR 180 180 180 THR THR A . n 
A 1 181 THR 181 181 181 THR THR A . n 
A 1 182 GLY 182 182 182 GLY GLY A . n 
A 1 183 PHE 183 183 183 PHE PHE A . n 
A 1 184 ALA 184 184 184 ALA ALA A . n 
A 1 185 GLN 185 185 185 GLN GLN A . n 
A 1 186 PRO 186 186 186 PRO PRO A . n 
A 1 187 ARG 187 187 187 ARG ARG A . n 
A 1 188 PRO 188 188 188 PRO PRO A . n 
A 1 189 LEU 189 189 189 LEU LEU A . n 
A 1 190 ASP 190 190 190 ASP ASP A . n 
A 1 191 THR 191 191 191 THR THR A . n 
A 1 192 GLU 192 192 192 GLU GLU A . n 
A 1 193 TRP 193 193 193 TRP TRP A . n 
A 1 194 ILE 194 194 194 ILE ILE A . n 
A 1 195 ASP 195 195 195 ASP ASP A . n 
A 1 196 ARG 196 196 196 ARG ARG A . n 
A 1 197 PRO 197 197 197 PRO PRO A . n 
A 1 198 THR 198 198 198 THR THR A . n 
A 1 199 ALA 199 199 199 ALA ALA A . n 
A 1 200 PHE 200 200 200 PHE PHE A . n 
A 1 201 ALA 201 201 201 ALA ALA A . n 
A 1 202 ALA 202 202 202 ALA ALA A . n 
A 1 203 ARG 203 203 203 ARG ARG A . n 
A 1 204 ARG 204 204 204 ARG ARG A . n 
A 1 205 ALA 205 205 205 ALA ALA A . n 
A 1 206 GLU 206 206 206 GLU GLU A . n 
A 1 207 ARG 207 207 207 ARG ARG A . n 
# 
loop_
_pdbx_nonpoly_scheme.asym_id 
_pdbx_nonpoly_scheme.entity_id 
_pdbx_nonpoly_scheme.mon_id 
_pdbx_nonpoly_scheme.ndb_seq_num 
_pdbx_nonpoly_scheme.pdb_seq_num 
_pdbx_nonpoly_scheme.auth_seq_num 
_pdbx_nonpoly_scheme.pdb_mon_id 
_pdbx_nonpoly_scheme.auth_mon_id 
_pdbx_nonpoly_scheme.pdb_strand_id 
_pdbx_nonpoly_scheme.pdb_ins_code 
B 2 APR 1  208 201 APR APR A . 
C 3 GD3 1  301 301 GD3 GD3 A . 
D 4 HOH 1  302 2   HOH HOH A . 
D 4 HOH 2  303 3   HOH HOH A . 
D 4 HOH 3  304 5   HOH HOH A . 
D 4 HOH 4  305 6   HOH HOH A . 
D 4 HOH 5  306 7   HOH HOH A . 
D 4 HOH 6  307 8   HOH HOH A . 
D 4 HOH 7  308 9   HOH HOH A . 
D 4 HOH 8  309 10  HOH HOH A . 
D 4 HOH 9  310 11  HOH HOH A . 
D 4 HOH 10 311 12  HOH HOH A . 
D 4 HOH 11 312 13  HOH HOH A . 
D 4 HOH 12 313 15  HOH HOH A . 
D 4 HOH 13 314 16  HOH HOH A . 
D 4 HOH 14 315 17  HOH HOH A . 
D 4 HOH 15 316 18  HOH HOH A . 
D 4 HOH 16 317 19  HOH HOH A . 
D 4 HOH 17 318 20  HOH HOH A . 
D 4 HOH 18 319 21  HOH HOH A . 
D 4 HOH 19 320 22  HOH HOH A . 
D 4 HOH 20 321 23  HOH HOH A . 
D 4 HOH 21 322 24  HOH HOH A . 
D 4 HOH 22 323 25  HOH HOH A . 
D 4 HOH 23 324 26  HOH HOH A . 
D 4 HOH 24 325 27  HOH HOH A . 
D 4 HOH 25 326 29  HOH HOH A . 
D 4 HOH 26 327 30  HOH HOH A . 
D 4 HOH 27 328 31  HOH HOH A . 
D 4 HOH 28 329 32  HOH HOH A . 
D 4 HOH 29 330 35  HOH HOH A . 
D 4 HOH 30 331 36  HOH HOH A . 
D 4 HOH 31 332 38  HOH HOH A . 
D 4 HOH 32 333 39  HOH HOH A . 
D 4 HOH 33 334 41  HOH HOH A . 
D 4 HOH 34 335 43  HOH HOH A . 
D 4 HOH 35 336 44  HOH HOH A . 
D 4 HOH 36 337 46  HOH HOH A . 
D 4 HOH 37 338 47  HOH HOH A . 
D 4 HOH 38 339 48  HOH HOH A . 
D 4 HOH 39 340 50  HOH HOH A . 
D 4 HOH 40 341 51  HOH HOH A . 
D 4 HOH 41 342 53  HOH HOH A . 
D 4 HOH 42 343 55  HOH HOH A . 
D 4 HOH 43 344 57  HOH HOH A . 
D 4 HOH 44 345 58  HOH HOH A . 
D 4 HOH 45 346 63  HOH HOH A . 
D 4 HOH 46 347 64  HOH HOH A . 
D 4 HOH 47 348 65  HOH HOH A . 
D 4 HOH 48 349 66  HOH HOH A . 
D 4 HOH 49 350 67  HOH HOH A . 
D 4 HOH 50 351 68  HOH HOH A . 
D 4 HOH 51 352 71  HOH HOH A . 
D 4 HOH 52 353 75  HOH HOH A . 
D 4 HOH 53 354 77  HOH HOH A . 
D 4 HOH 54 355 79  HOH HOH A . 
D 4 HOH 55 356 80  HOH HOH A . 
D 4 HOH 56 357 82  HOH HOH A . 
D 4 HOH 57 358 83  HOH HOH A . 
D 4 HOH 58 359 88  HOH HOH A . 
D 4 HOH 59 360 89  HOH HOH A . 
D 4 HOH 60 361 90  HOH HOH A . 
D 4 HOH 61 362 93  HOH HOH A . 
D 4 HOH 62 363 94  HOH HOH A . 
D 4 HOH 63 364 97  HOH HOH A . 
D 4 HOH 64 365 102 HOH HOH A . 
D 4 HOH 65 366 103 HOH HOH A . 
D 4 HOH 66 367 107 HOH HOH A . 
D 4 HOH 67 368 112 HOH HOH A . 
D 4 HOH 68 369 114 HOH HOH A . 
D 4 HOH 69 370 115 HOH HOH A . 
D 4 HOH 70 371 118 HOH HOH A . 
D 4 HOH 71 372 123 HOH HOH A . 
D 4 HOH 72 373 124 HOH HOH A . 
D 4 HOH 73 374 127 HOH HOH A . 
D 4 HOH 74 375 130 HOH HOH A . 
D 4 HOH 75 376 131 HOH HOH A . 
D 4 HOH 76 377 132 HOH HOH A . 
D 4 HOH 77 378 135 HOH HOH A . 
D 4 HOH 78 379 137 HOH HOH A . 
D 4 HOH 79 380 138 HOH HOH A . 
D 4 HOH 80 381 139 HOH HOH A . 
D 4 HOH 81 382 141 HOH HOH A . 
D 4 HOH 82 383 142 HOH HOH A . 
D 4 HOH 83 384 143 HOH HOH A . 
D 4 HOH 84 385 144 HOH HOH A . 
D 4 HOH 85 386 145 HOH HOH A . 
D 4 HOH 86 387 146 HOH HOH A . 
# 
loop_
_software.name 
_software.classification 
_software.version 
_software.citation_id 
_software.pdbx_ordinal 
DENZO     'data reduction' . ? 1 
SCALEPACK 'data scaling'   . ? 2 
CNS       refinement       . ? 3 
CNS       phasing          . ? 4 
# 
_cell.entry_id           1MQE 
_cell.length_a           64.052 
_cell.length_b           64.052 
_cell.length_c           182.212 
_cell.angle_alpha        90.00 
_cell.angle_beta         90.00 
_cell.angle_gamma        120.00 
_cell.Z_PDB              12 
_cell.pdbx_unique_axis   ? 
# 
_symmetry.entry_id                         1MQE 
_symmetry.space_group_name_H-M             'P 61 2 2' 
_symmetry.pdbx_full_space_group_name_H-M   ? 
_symmetry.cell_setting                     ? 
_symmetry.Int_Tables_number                178 
# 
_exptl.entry_id          1MQE 
_exptl.method            'X-RAY DIFFRACTION' 
_exptl.crystals_number   1 
# 
_exptl_crystal.id                    1 
_exptl_crystal.density_meas          ? 
_exptl_crystal.density_percent_sol   47.72 
_exptl_crystal.density_Matthews      2.35 
_exptl_crystal.description           ? 
# 
_exptl_crystal_grow.crystal_id      1 
_exptl_crystal_grow.method          'VAPOR DIFFUSION, HANGING DROP' 
_exptl_crystal_grow.temp            298 
_exptl_crystal_grow.temp_details    ? 
_exptl_crystal_grow.pH              7.5 
_exptl_crystal_grow.pdbx_details    'Sodium formate, Tris HCl, pH 7.5, VAPOR DIFFUSION, HANGING DROP, temperature 298K' 
_exptl_crystal_grow.pdbx_pH_range   . 
# 
_diffrn.id                     1 
_diffrn.ambient_temp           93 
_diffrn.ambient_temp_details   ? 
_diffrn.crystal_id             1 
# 
_diffrn_detector.diffrn_id              1 
_diffrn_detector.detector               'IMAGE PLATE' 
_diffrn_detector.type                   'RIGAKU RAXIS IV' 
_diffrn_detector.pdbx_collection_date   2001-11-20 
_diffrn_detector.details                mirrors 
# 
_diffrn_radiation.diffrn_id                        1 
_diffrn_radiation.wavelength_id                    1 
_diffrn_radiation.pdbx_monochromatic_or_laue_m_l   M 
_diffrn_radiation.monochromator                    'Ni filter' 
_diffrn_radiation.pdbx_diffrn_protocol             'SINGLE WAVELENGTH' 
_diffrn_radiation.pdbx_scattering_type             x-ray 
# 
_diffrn_radiation_wavelength.id           1 
_diffrn_radiation_wavelength.wavelength   1.54 
_diffrn_radiation_wavelength.wt           1.0 
# 
_diffrn_source.diffrn_id                   1 
_diffrn_source.source                      'ROTATING ANODE' 
_diffrn_source.type                        'RIGAKU RU200' 
_diffrn_source.pdbx_synchrotron_site       ? 
_diffrn_source.pdbx_synchrotron_beamline   ? 
_diffrn_source.pdbx_wavelength             ? 
_diffrn_source.pdbx_wavelength_list        1.54 
# 
_reflns.entry_id                     1MQE 
_reflns.observed_criterion_sigma_F   0 
_reflns.observed_criterion_sigma_I   0 
_reflns.d_resolution_high            2.0 
_reflns.d_resolution_low             30 
_reflns.number_all                   15835 
_reflns.number_obs                   15604 
_reflns.percent_possible_obs         98.6 
_reflns.pdbx_Rmerge_I_obs            ? 
_reflns.pdbx_Rsym_value              0.075 
_reflns.pdbx_netI_over_sigmaI        21.3 
_reflns.B_iso_Wilson_estimate        ? 
_reflns.pdbx_redundancy              ? 
_reflns.R_free_details               ? 
_reflns.limit_h_max                  ? 
_reflns.limit_h_min                  ? 
_reflns.limit_k_max                  ? 
_reflns.limit_k_min                  ? 
_reflns.limit_l_max                  ? 
_reflns.limit_l_min                  ? 
_reflns.observed_criterion_F_max     ? 
_reflns.observed_criterion_F_min     ? 
_reflns.pdbx_ordinal                 1 
_reflns.pdbx_diffrn_id               1 
# 
_reflns_shell.d_res_high             2.0 
_reflns_shell.d_res_low              2.07 
_reflns_shell.percent_possible_all   97.5 
_reflns_shell.Rmerge_I_obs           ? 
_reflns_shell.pdbx_Rsym_value        0.336 
_reflns_shell.meanI_over_sigI_obs    ? 
_reflns_shell.pdbx_redundancy        ? 
_reflns_shell.percent_possible_obs   ? 
_reflns_shell.number_unique_all      ? 
_reflns_shell.pdbx_ordinal           1 
_reflns_shell.pdbx_diffrn_id         1 
# 
_refine.entry_id                                 1MQE 
_refine.ls_d_res_high                            2.0 
_refine.ls_d_res_low                             30 
_refine.pdbx_ls_sigma_F                          0 
_refine.pdbx_ls_sigma_I                          ? 
_refine.ls_number_reflns_all                     15604 
_refine.ls_number_reflns_obs                     15604 
_refine.ls_number_reflns_R_free                  1560 
_refine.ls_percent_reflns_obs                    ? 
_refine.ls_R_factor_all                          ? 
_refine.ls_R_factor_obs                          ? 
_refine.ls_R_factor_R_work                       0.205 
_refine.ls_R_factor_R_free                       0.266 
_refine.ls_redundancy_reflns_obs                 ? 
_refine.pdbx_data_cutoff_high_absF               ? 
_refine.pdbx_data_cutoff_low_absF                ? 
_refine.ls_number_parameters                     ? 
_refine.ls_number_restraints                     ? 
_refine.ls_percent_reflns_R_free                 ? 
_refine.ls_R_factor_R_free_error                 ? 
_refine.ls_R_factor_R_free_error_details         ? 
_refine.pdbx_method_to_determine_struct          MIR 
_refine.pdbx_starting_model                      ? 
_refine.pdbx_ls_cross_valid_method               ? 
_refine.pdbx_R_Free_selection_details            random 
_refine.pdbx_stereochem_target_val_spec_case     ? 
_refine.pdbx_stereochemistry_target_values       'Engh & Huber' 
_refine.solvent_model_details                    ? 
_refine.solvent_model_param_bsol                 ? 
_refine.solvent_model_param_ksol                 ? 
_refine.occupancy_max                            ? 
_refine.occupancy_min                            ? 
_refine.pdbx_isotropic_thermal_model             ? 
_refine.B_iso_mean                               ? 
_refine.aniso_B[1][1]                            ? 
_refine.aniso_B[1][2]                            ? 
_refine.aniso_B[1][3]                            ? 
_refine.aniso_B[2][2]                            ? 
_refine.aniso_B[2][3]                            ? 
_refine.aniso_B[3][3]                            ? 
_refine.details                                  ? 
_refine.B_iso_min                                ? 
_refine.B_iso_max                                ? 
_refine.correlation_coeff_Fo_to_Fc               ? 
_refine.correlation_coeff_Fo_to_Fc_free          ? 
_refine.pdbx_solvent_vdw_probe_radii             ? 
_refine.pdbx_solvent_ion_probe_radii             ? 
_refine.pdbx_solvent_shrinkage_radii             ? 
_refine.overall_SU_R_Cruickshank_DPI             ? 
_refine.overall_SU_R_free                        ? 
_refine.overall_SU_B                             ? 
_refine.overall_SU_ML                            ? 
_refine.pdbx_overall_ESU_R                       ? 
_refine.pdbx_overall_ESU_R_Free                  ? 
_refine.pdbx_data_cutoff_high_rms_absF           ? 
_refine.pdbx_refine_id                           'X-RAY DIFFRACTION' 
_refine.pdbx_diffrn_id                           1 
_refine.pdbx_TLS_residual_ADP_flag               ? 
_refine.pdbx_overall_phase_error                 ? 
_refine.pdbx_overall_SU_R_free_Cruickshank_DPI   ? 
_refine.pdbx_overall_SU_R_Blow_DPI               ? 
_refine.pdbx_overall_SU_R_free_Blow_DPI          ? 
# 
_refine_hist.pdbx_refine_id                   'X-RAY DIFFRACTION' 
_refine_hist.cycle_id                         LAST 
_refine_hist.pdbx_number_atoms_protein        1467 
_refine_hist.pdbx_number_atoms_nucleic_acid   0 
_refine_hist.pdbx_number_atoms_ligand         37 
_refine_hist.number_atoms_solvent             86 
_refine_hist.number_atoms_total               1590 
_refine_hist.d_res_high                       2.0 
_refine_hist.d_res_low                        30 
# 
loop_
_refine_ls_restr.type 
_refine_ls_restr.dev_ideal 
_refine_ls_restr.dev_ideal_target 
_refine_ls_restr.weight 
_refine_ls_restr.number 
_refine_ls_restr.pdbx_refine_id 
_refine_ls_restr.pdbx_restraint_function 
c_bond_d     0.0233 ? ? ? 'X-RAY DIFFRACTION' ? 
c_angle_d    1.479  ? ? ? 'X-RAY DIFFRACTION' ? 
c_mcbond_it  1.268  ? ? ? 'X-RAY DIFFRACTION' ? 
c_mcangle_it 2.195  ? ? ? 'X-RAY DIFFRACTION' ? 
# 
_struct.entry_id                  1MQE 
_struct.title                     'Structure of the MT-ADPRase in complex with gadolidium and ADP-ribose, a Nudix enzyme' 
_struct.pdbx_model_details        ? 
_struct.pdbx_CASP_flag            ? 
_struct.pdbx_model_type_details   ? 
# 
_struct_keywords.entry_id        1MQE 
_struct_keywords.pdbx_keywords   HYDROLASE 
_struct_keywords.text            'Nudix hydrolase, Rv1700, ADPR, Mycobacterium Tuberculosis, HYDROLASE' 
# 
loop_
_struct_asym.id 
_struct_asym.pdbx_blank_PDB_chainid_flag 
_struct_asym.pdbx_modified 
_struct_asym.entity_id 
_struct_asym.details 
A N N 1 ? 
B N N 2 ? 
C N N 3 ? 
D N N 4 ? 
# 
_struct_ref.id                         1 
_struct_ref.db_name                    UNP 
_struct_ref.db_code                    O33199_MYCTU 
_struct_ref.entity_id                  1 
_struct_ref.pdbx_seq_one_letter_code   
;MAEHDFETISSETLHTGAIFALRRDQVRMPGGGIVTREVVEHFGAVAIVAMDDNGNIPMVYQYRHTYGRRLWELPAGLLD
VAGEPPHLTAARELREEVGLQASTWQVLVDLDTAPGFSDESVRVYLATGLREVGRPEAHHEEADMTMGWYPIAEAARRVL
RGEIVNSIAIAGVLAVHAVTTGFAQPRPLDTEWIDRPTAFAARRAER
;
_struct_ref.pdbx_align_begin           1 
_struct_ref.pdbx_db_accession          O33199 
_struct_ref.pdbx_db_isoform            ? 
# 
_struct_ref_seq.align_id                      1 
_struct_ref_seq.ref_id                        1 
_struct_ref_seq.pdbx_PDB_id_code              1MQE 
_struct_ref_seq.pdbx_strand_id                A 
_struct_ref_seq.seq_align_beg                 1 
_struct_ref_seq.pdbx_seq_align_beg_ins_code   ? 
_struct_ref_seq.seq_align_end                 207 
_struct_ref_seq.pdbx_seq_align_end_ins_code   ? 
_struct_ref_seq.pdbx_db_accession             O33199 
_struct_ref_seq.db_align_beg                  1 
_struct_ref_seq.pdbx_db_align_beg_ins_code    ? 
_struct_ref_seq.db_align_end                  207 
_struct_ref_seq.pdbx_db_align_end_ins_code    ? 
_struct_ref_seq.pdbx_auth_seq_align_beg       1 
_struct_ref_seq.pdbx_auth_seq_align_end       207 
# 
_pdbx_struct_assembly.id                   1 
_pdbx_struct_assembly.details              author_and_software_defined_assembly 
_pdbx_struct_assembly.method_details       PISA,PQS 
_pdbx_struct_assembly.oligomeric_details   dimeric 
_pdbx_struct_assembly.oligomeric_count     2 
# 
loop_
_pdbx_struct_assembly_prop.biol_id 
_pdbx_struct_assembly_prop.type 
_pdbx_struct_assembly_prop.value 
_pdbx_struct_assembly_prop.details 
1 'ABSA (A^2)' 7720  ? 
1 MORE         -68   ? 
1 'SSA (A^2)'  15860 ? 
# 
_pdbx_struct_assembly_gen.assembly_id       1 
_pdbx_struct_assembly_gen.oper_expression   1,2 
_pdbx_struct_assembly_gen.asym_id_list      A,B,C,D 
# 
loop_
_pdbx_struct_oper_list.id 
_pdbx_struct_oper_list.type 
_pdbx_struct_oper_list.name 
_pdbx_struct_oper_list.symmetry_operation 
_pdbx_struct_oper_list.matrix[1][1] 
_pdbx_struct_oper_list.matrix[1][2] 
_pdbx_struct_oper_list.matrix[1][3] 
_pdbx_struct_oper_list.vector[1] 
_pdbx_struct_oper_list.matrix[2][1] 
_pdbx_struct_oper_list.matrix[2][2] 
_pdbx_struct_oper_list.matrix[2][3] 
_pdbx_struct_oper_list.vector[2] 
_pdbx_struct_oper_list.matrix[3][1] 
_pdbx_struct_oper_list.matrix[3][2] 
_pdbx_struct_oper_list.matrix[3][3] 
_pdbx_struct_oper_list.vector[3] 
1 'identity operation'         1_555  x,y,z        1.0000000000  0.0000000000 0.0000000000 0.0000000000  0.0000000000 1.0000000000  0.0000000000 0.0000000000  0.0000000000 0.0000000000 1.0000000000 0.0000000000  
2 'crystal symmetry operation' 12_555 x,x-y,-z+1/6 -0.7381576400 0.2555666463 0.6243468490 16.3232724967 0.2555666463 -0.7505586540 0.6093827994 -7.0801477814 0.6243468490 0.6093827994 0.4887162941 -3.9476047230 
# 
_struct_biol.id                    1 
_struct_biol.details               
;The second part of the biological assembly is generated 
by the two fold axis
;
_struct_biol.pdbx_parent_biol_id   ? 
# 
loop_
_struct_conf.conf_type_id 
_struct_conf.id 
_struct_conf.pdbx_PDB_helix_id 
_struct_conf.beg_label_comp_id 
_struct_conf.beg_label_asym_id 
_struct_conf.beg_label_seq_id 
_struct_conf.pdbx_beg_PDB_ins_code 
_struct_conf.end_label_comp_id 
_struct_conf.end_label_asym_id 
_struct_conf.end_label_seq_id 
_struct_conf.pdbx_end_PDB_ins_code 
_struct_conf.beg_auth_comp_id 
_struct_conf.beg_auth_asym_id 
_struct_conf.beg_auth_seq_id 
_struct_conf.end_auth_comp_id 
_struct_conf.end_auth_asym_id 
_struct_conf.end_auth_seq_id 
_struct_conf.pdbx_PDB_helix_class 
_struct_conf.details 
_struct_conf.pdbx_PDB_helix_length 
HELX_P HELX_P1 1 PRO A 85  ? GLY A 99  ? PRO A 85  GLY A 99  1 ? 15 
HELX_P HELX_P2 2 ILE A 152 ? LEU A 160 ? ILE A 152 LEU A 160 1 ? 9  
HELX_P HELX_P3 3 ASN A 166 ? THR A 181 ? ASN A 166 THR A 181 1 ? 16 
HELX_P HELX_P4 4 THR A 198 ? ARG A 204 ? THR A 198 ARG A 204 1 ? 7  
# 
_struct_conf_type.id          HELX_P 
_struct_conf_type.criteria    ? 
_struct_conf_type.reference   ? 
# 
loop_
_struct_conn.id 
_struct_conn.conn_type_id 
_struct_conn.pdbx_leaving_atom_flag 
_struct_conn.pdbx_PDB_id 
_struct_conn.ptnr1_label_asym_id 
_struct_conn.ptnr1_label_comp_id 
_struct_conn.ptnr1_label_seq_id 
_struct_conn.ptnr1_label_atom_id 
_struct_conn.pdbx_ptnr1_label_alt_id 
_struct_conn.pdbx_ptnr1_PDB_ins_code 
_struct_conn.pdbx_ptnr1_standard_comp_id 
_struct_conn.ptnr1_symmetry 
_struct_conn.ptnr2_label_asym_id 
_struct_conn.ptnr2_label_comp_id 
_struct_conn.ptnr2_label_seq_id 
_struct_conn.ptnr2_label_atom_id 
_struct_conn.pdbx_ptnr2_label_alt_id 
_struct_conn.pdbx_ptnr2_PDB_ins_code 
_struct_conn.ptnr1_auth_asym_id 
_struct_conn.ptnr1_auth_comp_id 
_struct_conn.ptnr1_auth_seq_id 
_struct_conn.ptnr2_auth_asym_id 
_struct_conn.ptnr2_auth_comp_id 
_struct_conn.ptnr2_auth_seq_id 
_struct_conn.ptnr2_symmetry 
_struct_conn.pdbx_ptnr3_label_atom_id 
_struct_conn.pdbx_ptnr3_label_seq_id 
_struct_conn.pdbx_ptnr3_label_comp_id 
_struct_conn.pdbx_ptnr3_label_asym_id 
_struct_conn.pdbx_ptnr3_label_alt_id 
_struct_conn.pdbx_ptnr3_PDB_ins_code 
_struct_conn.details 
_struct_conn.pdbx_dist_value 
_struct_conn.pdbx_value_order 
_struct_conn.pdbx_role 
metalc1 metalc ? ? A GLU 93 OE2 ? ? ? 1_555 C GD3 . GD ? ? A GLU 93  A GD3 301 1_555 ? ? ? ? ? ? ? 2.633 ? ? 
metalc2 metalc ? ? B APR .  O1A ? ? ? 1_555 C GD3 . GD ? ? A APR 208 A GD3 301 1_555 ? ? ? ? ? ? ? 2.383 ? ? 
metalc3 metalc ? ? C GD3 .  GD  ? ? ? 1_555 D HOH . O  ? ? A GD3 301 A HOH 302 1_555 ? ? ? ? ? ? ? 2.890 ? ? 
metalc4 metalc ? ? C GD3 .  GD  ? ? ? 1_555 D HOH . O  ? ? A GD3 301 A HOH 303 1_555 ? ? ? ? ? ? ? 2.606 ? ? 
# 
_struct_conn_type.id          metalc 
_struct_conn_type.criteria    ? 
_struct_conn_type.reference   ? 
# 
loop_
_pdbx_struct_conn_angle.id 
_pdbx_struct_conn_angle.ptnr1_label_atom_id 
_pdbx_struct_conn_angle.ptnr1_label_alt_id 
_pdbx_struct_conn_angle.ptnr1_label_asym_id 
_pdbx_struct_conn_angle.ptnr1_label_comp_id 
_pdbx_struct_conn_angle.ptnr1_label_seq_id 
_pdbx_struct_conn_angle.ptnr1_auth_atom_id 
_pdbx_struct_conn_angle.ptnr1_auth_asym_id 
_pdbx_struct_conn_angle.ptnr1_auth_comp_id 
_pdbx_struct_conn_angle.ptnr1_auth_seq_id 
_pdbx_struct_conn_angle.ptnr1_PDB_ins_code 
_pdbx_struct_conn_angle.ptnr1_symmetry 
_pdbx_struct_conn_angle.ptnr2_label_atom_id 
_pdbx_struct_conn_angle.ptnr2_label_alt_id 
_pdbx_struct_conn_angle.ptnr2_label_asym_id 
_pdbx_struct_conn_angle.ptnr2_label_comp_id 
_pdbx_struct_conn_angle.ptnr2_label_seq_id 
_pdbx_struct_conn_angle.ptnr2_auth_atom_id 
_pdbx_struct_conn_angle.ptnr2_auth_asym_id 
_pdbx_struct_conn_angle.ptnr2_auth_comp_id 
_pdbx_struct_conn_angle.ptnr2_auth_seq_id 
_pdbx_struct_conn_angle.ptnr2_PDB_ins_code 
_pdbx_struct_conn_angle.ptnr2_symmetry 
_pdbx_struct_conn_angle.ptnr3_label_atom_id 
_pdbx_struct_conn_angle.ptnr3_label_alt_id 
_pdbx_struct_conn_angle.ptnr3_label_asym_id 
_pdbx_struct_conn_angle.ptnr3_label_comp_id 
_pdbx_struct_conn_angle.ptnr3_label_seq_id 
_pdbx_struct_conn_angle.ptnr3_auth_atom_id 
_pdbx_struct_conn_angle.ptnr3_auth_asym_id 
_pdbx_struct_conn_angle.ptnr3_auth_comp_id 
_pdbx_struct_conn_angle.ptnr3_auth_seq_id 
_pdbx_struct_conn_angle.ptnr3_PDB_ins_code 
_pdbx_struct_conn_angle.ptnr3_symmetry 
_pdbx_struct_conn_angle.value 
_pdbx_struct_conn_angle.value_esd 
1 OE2 ? A GLU 93 ? A GLU 93  ? 1_555 GD ? C GD3 . ? A GD3 301 ? 1_555 O1A ? B APR . ? A APR 208 ? 1_555 115.0 ? 
2 OE2 ? A GLU 93 ? A GLU 93  ? 1_555 GD ? C GD3 . ? A GD3 301 ? 1_555 O   ? D HOH . ? A HOH 302 ? 1_555 83.6  ? 
3 O1A ? B APR .  ? A APR 208 ? 1_555 GD ? C GD3 . ? A GD3 301 ? 1_555 O   ? D HOH . ? A HOH 302 ? 1_555 50.7  ? 
4 OE2 ? A GLU 93 ? A GLU 93  ? 1_555 GD ? C GD3 . ? A GD3 301 ? 1_555 O   ? D HOH . ? A HOH 303 ? 1_555 59.1  ? 
5 O1A ? B APR .  ? A APR 208 ? 1_555 GD ? C GD3 . ? A GD3 301 ? 1_555 O   ? D HOH . ? A HOH 303 ? 1_555 87.4  ? 
6 O   ? D HOH .  ? A HOH 302 ? 1_555 GD ? C GD3 . ? A GD3 301 ? 1_555 O   ? D HOH . ? A HOH 303 ? 1_555 104.4 ? 
# 
loop_
_struct_sheet.id 
_struct_sheet.type 
_struct_sheet.number_strands 
_struct_sheet.details 
A ? 3 ? 
B ? 4 ? 
C ? 3 ? 
# 
loop_
_struct_sheet_order.sheet_id 
_struct_sheet_order.range_id_1 
_struct_sheet_order.range_id_2 
_struct_sheet_order.offset 
_struct_sheet_order.sense 
A 1 2 ? anti-parallel 
A 2 3 ? anti-parallel 
B 1 2 ? anti-parallel 
B 2 3 ? parallel      
B 3 4 ? anti-parallel 
C 1 2 ? anti-parallel 
C 2 3 ? anti-parallel 
# 
loop_
_struct_sheet_range.sheet_id 
_struct_sheet_range.id 
_struct_sheet_range.beg_label_comp_id 
_struct_sheet_range.beg_label_asym_id 
_struct_sheet_range.beg_label_seq_id 
_struct_sheet_range.pdbx_beg_PDB_ins_code 
_struct_sheet_range.end_label_comp_id 
_struct_sheet_range.end_label_asym_id 
_struct_sheet_range.end_label_seq_id 
_struct_sheet_range.pdbx_end_PDB_ins_code 
_struct_sheet_range.beg_auth_comp_id 
_struct_sheet_range.beg_auth_asym_id 
_struct_sheet_range.beg_auth_seq_id 
_struct_sheet_range.end_auth_comp_id 
_struct_sheet_range.end_auth_asym_id 
_struct_sheet_range.end_auth_seq_id 
A 1 THR A 8   ? THR A 16  ? THR A 8   THR A 16  
A 2 PHE A 20  ? VAL A 27  ? PHE A 20  VAL A 27  
A 3 VAL A 35  ? HIS A 42  ? VAL A 35  HIS A 42  
B 1 ALA A 76  ? LEU A 78  ? ALA A 76  LEU A 78  
B 2 ALA A 45  ? ALA A 50  ? ALA A 45  ALA A 50  
B 3 VAL A 122 ? GLU A 132 ? VAL A 122 GLU A 132 
B 4 LEU A 100 ? LEU A 111 ? LEU A 100 LEU A 111 
C 1 ARG A 69  ? GLU A 73  ? ARG A 69  GLU A 73  
C 2 ASN A 56  ? ARG A 64  ? ASN A 56  ARG A 64  
C 3 MET A 147 ? PRO A 151 ? MET A 147 PRO A 151 
# 
loop_
_pdbx_struct_sheet_hbond.sheet_id 
_pdbx_struct_sheet_hbond.range_id_1 
_pdbx_struct_sheet_hbond.range_id_2 
_pdbx_struct_sheet_hbond.range_1_label_atom_id 
_pdbx_struct_sheet_hbond.range_1_label_comp_id 
_pdbx_struct_sheet_hbond.range_1_label_asym_id 
_pdbx_struct_sheet_hbond.range_1_label_seq_id 
_pdbx_struct_sheet_hbond.range_1_PDB_ins_code 
_pdbx_struct_sheet_hbond.range_1_auth_atom_id 
_pdbx_struct_sheet_hbond.range_1_auth_comp_id 
_pdbx_struct_sheet_hbond.range_1_auth_asym_id 
_pdbx_struct_sheet_hbond.range_1_auth_seq_id 
_pdbx_struct_sheet_hbond.range_2_label_atom_id 
_pdbx_struct_sheet_hbond.range_2_label_comp_id 
_pdbx_struct_sheet_hbond.range_2_label_asym_id 
_pdbx_struct_sheet_hbond.range_2_label_seq_id 
_pdbx_struct_sheet_hbond.range_2_PDB_ins_code 
_pdbx_struct_sheet_hbond.range_2_auth_atom_id 
_pdbx_struct_sheet_hbond.range_2_auth_comp_id 
_pdbx_struct_sheet_hbond.range_2_auth_asym_id 
_pdbx_struct_sheet_hbond.range_2_auth_seq_id 
A 1 2 N HIS A 15  ? N HIS A 15  O LEU A 22  ? O LEU A 22  
A 2 3 N ARG A 23  ? N ARG A 23  O VAL A 39  ? O VAL A 39  
B 1 2 O GLY A 77  ? O GLY A 77  N VAL A 46  ? N VAL A 46  
B 2 3 N VAL A 49  ? N VAL A 49  O TYR A 125 ? O TYR A 125 
B 3 4 O VAL A 122 ? O VAL A 122 N LEU A 111 ? N LEU A 111 
C 1 2 O GLU A 73  ? O GLU A 73  N VAL A 60  ? N VAL A 60  
C 2 3 N MET A 59  ? N MET A 59  O GLY A 148 ? O GLY A 148 
# 
loop_
_struct_site.id 
_struct_site.pdbx_evidence_code 
_struct_site.pdbx_auth_asym_id 
_struct_site.pdbx_auth_comp_id 
_struct_site.pdbx_auth_seq_id 
_struct_site.pdbx_auth_ins_code 
_struct_site.pdbx_num_residues 
_struct_site.details 
AC1 Software A APR 208 ? 23 'BINDING SITE FOR RESIDUE APR A 208' 
AC2 Software A GD3 301 ? 4  'BINDING SITE FOR RESIDUE GD3 A 301' 
# 
loop_
_struct_site_gen.id 
_struct_site_gen.site_id 
_struct_site_gen.pdbx_num_res 
_struct_site_gen.label_comp_id 
_struct_site_gen.label_asym_id 
_struct_site_gen.label_seq_id 
_struct_site_gen.pdbx_auth_ins_code 
_struct_site_gen.auth_comp_id 
_struct_site_gen.auth_asym_id 
_struct_site_gen.auth_seq_id 
_struct_site_gen.label_atom_id 
_struct_site_gen.label_alt_id 
_struct_site_gen.symmetry 
_struct_site_gen.details 
1  AC1 23 ILE A 19  ? ILE A 19  . ? 1_555  ? 
2  AC1 23 THR A 36  ? THR A 36  . ? 12_555 ? 
3  AC1 23 ARG A 37  ? ARG A 37  . ? 12_555 ? 
4  AC1 23 GLU A 38  ? GLU A 38  . ? 12_555 ? 
5  AC1 23 ALA A 45  ? ALA A 45  . ? 1_555  ? 
6  AC1 23 ARG A 64  ? ARG A 64  . ? 1_555  ? 
7  AC1 23 ALA A 76  ? ALA A 76  . ? 1_555  ? 
8  AC1 23 GLY A 77  ? GLY A 77  . ? 1_555  ? 
9  AC1 23 LEU A 78  ? LEU A 78  . ? 1_555  ? 
10 AC1 23 PRO A 115 ? PRO A 115 . ? 12_555 ? 
11 AC1 23 GLY A 116 ? GLY A 116 . ? 12_555 ? 
12 AC1 23 GLU A 120 ? GLU A 120 . ? 1_555  ? 
13 AC1 23 ASN A 166 ? ASN A 166 . ? 1_555  ? 
14 AC1 23 ILE A 168 ? ILE A 168 . ? 1_555  ? 
15 AC1 23 GD3 C .   ? GD3 A 301 . ? 1_555  ? 
16 AC1 23 HOH D .   ? HOH A 302 . ? 1_555  ? 
17 AC1 23 HOH D .   ? HOH A 303 . ? 1_555  ? 
18 AC1 23 HOH D .   ? HOH A 323 . ? 1_555  ? 
19 AC1 23 HOH D .   ? HOH A 355 . ? 1_555  ? 
20 AC1 23 HOH D .   ? HOH A 358 . ? 1_555  ? 
21 AC1 23 HOH D .   ? HOH A 361 . ? 1_555  ? 
22 AC1 23 HOH D .   ? HOH A 378 . ? 1_555  ? 
23 AC1 23 HOH D .   ? HOH A 385 . ? 1_555  ? 
24 AC2 4  GLU A 93  ? GLU A 93  . ? 1_555  ? 
25 AC2 4  APR B .   ? APR A 208 . ? 1_555  ? 
26 AC2 4  HOH D .   ? HOH A 302 . ? 1_555  ? 
27 AC2 4  HOH D .   ? HOH A 303 . ? 1_555  ? 
# 
loop_
_pdbx_validate_torsion.id 
_pdbx_validate_torsion.PDB_model_num 
_pdbx_validate_torsion.auth_comp_id 
_pdbx_validate_torsion.auth_asym_id 
_pdbx_validate_torsion.auth_seq_id 
_pdbx_validate_torsion.PDB_ins_code 
_pdbx_validate_torsion.label_alt_id 
_pdbx_validate_torsion.phi 
_pdbx_validate_torsion.psi 
1 1 ALA A 82  ? ? -38.81  130.32 
2 1 LEU A 108 ? ? -104.07 -60.03 
3 1 PHE A 117 ? ? -142.87 -3.35  
4 1 THR A 198 ? ? -141.56 -27.08 
# 
loop_
_pdbx_validate_chiral.id 
_pdbx_validate_chiral.PDB_model_num 
_pdbx_validate_chiral.auth_atom_id 
_pdbx_validate_chiral.label_alt_id 
_pdbx_validate_chiral.auth_asym_id 
_pdbx_validate_chiral.auth_comp_id 
_pdbx_validate_chiral.auth_seq_id 
_pdbx_validate_chiral.PDB_ins_code 
_pdbx_validate_chiral.details 
_pdbx_validate_chiral.omega 
1 1 "C1'" ? A APR 208 ? PLANAR       . 
2 1 C1D   ? A APR 208 ? 'WRONG HAND' . 
# 
loop_
_pdbx_unobs_or_zero_occ_residues.id 
_pdbx_unobs_or_zero_occ_residues.PDB_model_num 
_pdbx_unobs_or_zero_occ_residues.polymer_flag 
_pdbx_unobs_or_zero_occ_residues.occupancy_flag 
_pdbx_unobs_or_zero_occ_residues.auth_asym_id 
_pdbx_unobs_or_zero_occ_residues.auth_comp_id 
_pdbx_unobs_or_zero_occ_residues.auth_seq_id 
_pdbx_unobs_or_zero_occ_residues.PDB_ins_code 
_pdbx_unobs_or_zero_occ_residues.label_asym_id 
_pdbx_unobs_or_zero_occ_residues.label_comp_id 
_pdbx_unobs_or_zero_occ_residues.label_seq_id 
1  1 Y 1 A MET 1   ? A MET 1   
2  1 Y 1 A ALA 2   ? A ALA 2   
3  1 Y 1 A GLU 3   ? A GLU 3   
4  1 Y 1 A HIS 4   ? A HIS 4   
5  1 Y 1 A ASP 5   ? A ASP 5   
6  1 Y 1 A MET 29  ? A MET 29  
7  1 Y 1 A PRO 30  ? A PRO 30  
8  1 Y 1 A GLY 31  ? A GLY 31  
9  1 Y 1 A GLY 32  ? A GLY 32  
10 1 Y 1 A GLY 33  ? A GLY 33  
11 1 Y 1 A PRO 136 ? A PRO 136 
12 1 Y 1 A GLU 137 ? A GLU 137 
13 1 Y 1 A ALA 138 ? A ALA 138 
14 1 Y 1 A HIS 139 ? A HIS 139 
15 1 Y 1 A HIS 140 ? A HIS 140 
16 1 Y 1 A GLU 141 ? A GLU 141 
17 1 Y 1 A GLU 142 ? A GLU 142 
18 1 Y 1 A ALA 143 ? A ALA 143 
19 1 Y 1 A ASP 144 ? A ASP 144 
20 1 Y 1 A MET 145 ? A MET 145 
# 
loop_
_chem_comp_atom.comp_id 
_chem_comp_atom.atom_id 
_chem_comp_atom.type_symbol 
_chem_comp_atom.pdbx_aromatic_flag 
_chem_comp_atom.pdbx_stereo_config 
_chem_comp_atom.pdbx_ordinal 
ALA N      N  N N 1   
ALA CA     C  N S 2   
ALA C      C  N N 3   
ALA O      O  N N 4   
ALA CB     C  N N 5   
ALA OXT    O  N N 6   
ALA H      H  N N 7   
ALA H2     H  N N 8   
ALA HA     H  N N 9   
ALA HB1    H  N N 10  
ALA HB2    H  N N 11  
ALA HB3    H  N N 12  
ALA HXT    H  N N 13  
APR N1     N  Y N 14  
APR C2     C  Y N 15  
APR N3     N  Y N 16  
APR C4     C  Y N 17  
APR C5     C  Y N 18  
APR C6     C  Y N 19  
APR N6     N  N N 20  
APR N7     N  Y N 21  
APR C8     C  Y N 22  
APR N9     N  Y N 23  
APR "C1'"  C  N R 24  
APR "C2'"  C  N R 25  
APR "O2'"  O  N N 26  
APR "C3'"  C  N S 27  
APR "O3'"  O  N N 28  
APR "O4'"  O  N N 29  
APR "C4'"  C  N R 30  
APR "C5'"  C  N N 31  
APR "O5'"  O  N N 32  
APR PA     P  N S 33  
APR O1A    O  N N 34  
APR O2A    O  N N 35  
APR O3A    O  N N 36  
APR PB     P  N R 37  
APR O1B    O  N N 38  
APR O2B    O  N N 39  
APR O5D    O  N N 40  
APR C5D    C  N N 41  
APR O4D    O  N N 42  
APR O1D    O  N N 43  
APR C1D    C  N R 44  
APR O2D    O  N N 45  
APR C2D    C  N R 46  
APR O3D    O  N N 47  
APR C3D    C  N S 48  
APR C4D    C  N R 49  
APR H2     H  N N 50  
APR H61    H  N N 51  
APR H62    H  N N 52  
APR H8     H  N N 53  
APR "H'1"  H  N N 54  
APR "H'2"  H  N N 55  
APR "HO'2" H  N N 56  
APR "H'3"  H  N N 57  
APR "HO'3" H  N N 58  
APR "H'4"  H  N N 59  
APR "H5'1" H  N N 60  
APR "H5'2" H  N N 61  
APR HOA2   H  N N 62  
APR HOB2   H  N N 63  
APR H5R1   H  N N 64  
APR H5R2   H  N N 65  
APR HOR1   H  N N 66  
APR "HR'1" H  N N 67  
APR HOR2   H  N N 68  
APR "HR'2" H  N N 69  
APR HOR3   H  N N 70  
APR "HR'3" H  N N 71  
APR "HR'4" H  N N 72  
ARG N      N  N N 73  
ARG CA     C  N S 74  
ARG C      C  N N 75  
ARG O      O  N N 76  
ARG CB     C  N N 77  
ARG CG     C  N N 78  
ARG CD     C  N N 79  
ARG NE     N  N N 80  
ARG CZ     C  N N 81  
ARG NH1    N  N N 82  
ARG NH2    N  N N 83  
ARG OXT    O  N N 84  
ARG H      H  N N 85  
ARG H2     H  N N 86  
ARG HA     H  N N 87  
ARG HB2    H  N N 88  
ARG HB3    H  N N 89  
ARG HG2    H  N N 90  
ARG HG3    H  N N 91  
ARG HD2    H  N N 92  
ARG HD3    H  N N 93  
ARG HE     H  N N 94  
ARG HH11   H  N N 95  
ARG HH12   H  N N 96  
ARG HH21   H  N N 97  
ARG HH22   H  N N 98  
ARG HXT    H  N N 99  
ASN N      N  N N 100 
ASN CA     C  N S 101 
ASN C      C  N N 102 
ASN O      O  N N 103 
ASN CB     C  N N 104 
ASN CG     C  N N 105 
ASN OD1    O  N N 106 
ASN ND2    N  N N 107 
ASN OXT    O  N N 108 
ASN H      H  N N 109 
ASN H2     H  N N 110 
ASN HA     H  N N 111 
ASN HB2    H  N N 112 
ASN HB3    H  N N 113 
ASN HD21   H  N N 114 
ASN HD22   H  N N 115 
ASN HXT    H  N N 116 
ASP N      N  N N 117 
ASP CA     C  N S 118 
ASP C      C  N N 119 
ASP O      O  N N 120 
ASP CB     C  N N 121 
ASP CG     C  N N 122 
ASP OD1    O  N N 123 
ASP OD2    O  N N 124 
ASP OXT    O  N N 125 
ASP H      H  N N 126 
ASP H2     H  N N 127 
ASP HA     H  N N 128 
ASP HB2    H  N N 129 
ASP HB3    H  N N 130 
ASP HD2    H  N N 131 
ASP HXT    H  N N 132 
GD3 GD     GD N N 133 
GLN N      N  N N 134 
GLN CA     C  N S 135 
GLN C      C  N N 136 
GLN O      O  N N 137 
GLN CB     C  N N 138 
GLN CG     C  N N 139 
GLN CD     C  N N 140 
GLN OE1    O  N N 141 
GLN NE2    N  N N 142 
GLN OXT    O  N N 143 
GLN H      H  N N 144 
GLN H2     H  N N 145 
GLN HA     H  N N 146 
GLN HB2    H  N N 147 
GLN HB3    H  N N 148 
GLN HG2    H  N N 149 
GLN HG3    H  N N 150 
GLN HE21   H  N N 151 
GLN HE22   H  N N 152 
GLN HXT    H  N N 153 
GLU N      N  N N 154 
GLU CA     C  N S 155 
GLU C      C  N N 156 
GLU O      O  N N 157 
GLU CB     C  N N 158 
GLU CG     C  N N 159 
GLU CD     C  N N 160 
GLU OE1    O  N N 161 
GLU OE2    O  N N 162 
GLU OXT    O  N N 163 
GLU H      H  N N 164 
GLU H2     H  N N 165 
GLU HA     H  N N 166 
GLU HB2    H  N N 167 
GLU HB3    H  N N 168 
GLU HG2    H  N N 169 
GLU HG3    H  N N 170 
GLU HE2    H  N N 171 
GLU HXT    H  N N 172 
GLY N      N  N N 173 
GLY CA     C  N N 174 
GLY C      C  N N 175 
GLY O      O  N N 176 
GLY OXT    O  N N 177 
GLY H      H  N N 178 
GLY H2     H  N N 179 
GLY HA2    H  N N 180 
GLY HA3    H  N N 181 
GLY HXT    H  N N 182 
HIS N      N  N N 183 
HIS CA     C  N S 184 
HIS C      C  N N 185 
HIS O      O  N N 186 
HIS CB     C  N N 187 
HIS CG     C  Y N 188 
HIS ND1    N  Y N 189 
HIS CD2    C  Y N 190 
HIS CE1    C  Y N 191 
HIS NE2    N  Y N 192 
HIS OXT    O  N N 193 
HIS H      H  N N 194 
HIS H2     H  N N 195 
HIS HA     H  N N 196 
HIS HB2    H  N N 197 
HIS HB3    H  N N 198 
HIS HD1    H  N N 199 
HIS HD2    H  N N 200 
HIS HE1    H  N N 201 
HIS HE2    H  N N 202 
HIS HXT    H  N N 203 
HOH O      O  N N 204 
HOH H1     H  N N 205 
HOH H2     H  N N 206 
ILE N      N  N N 207 
ILE CA     C  N S 208 
ILE C      C  N N 209 
ILE O      O  N N 210 
ILE CB     C  N S 211 
ILE CG1    C  N N 212 
ILE CG2    C  N N 213 
ILE CD1    C  N N 214 
ILE OXT    O  N N 215 
ILE H      H  N N 216 
ILE H2     H  N N 217 
ILE HA     H  N N 218 
ILE HB     H  N N 219 
ILE HG12   H  N N 220 
ILE HG13   H  N N 221 
ILE HG21   H  N N 222 
ILE HG22   H  N N 223 
ILE HG23   H  N N 224 
ILE HD11   H  N N 225 
ILE HD12   H  N N 226 
ILE HD13   H  N N 227 
ILE HXT    H  N N 228 
LEU N      N  N N 229 
LEU CA     C  N S 230 
LEU C      C  N N 231 
LEU O      O  N N 232 
LEU CB     C  N N 233 
LEU CG     C  N N 234 
LEU CD1    C  N N 235 
LEU CD2    C  N N 236 
LEU OXT    O  N N 237 
LEU H      H  N N 238 
LEU H2     H  N N 239 
LEU HA     H  N N 240 
LEU HB2    H  N N 241 
LEU HB3    H  N N 242 
LEU HG     H  N N 243 
LEU HD11   H  N N 244 
LEU HD12   H  N N 245 
LEU HD13   H  N N 246 
LEU HD21   H  N N 247 
LEU HD22   H  N N 248 
LEU HD23   H  N N 249 
LEU HXT    H  N N 250 
MET N      N  N N 251 
MET CA     C  N S 252 
MET C      C  N N 253 
MET O      O  N N 254 
MET CB     C  N N 255 
MET CG     C  N N 256 
MET SD     S  N N 257 
MET CE     C  N N 258 
MET OXT    O  N N 259 
MET H      H  N N 260 
MET H2     H  N N 261 
MET HA     H  N N 262 
MET HB2    H  N N 263 
MET HB3    H  N N 264 
MET HG2    H  N N 265 
MET HG3    H  N N 266 
MET HE1    H  N N 267 
MET HE2    H  N N 268 
MET HE3    H  N N 269 
MET HXT    H  N N 270 
PHE N      N  N N 271 
PHE CA     C  N S 272 
PHE C      C  N N 273 
PHE O      O  N N 274 
PHE CB     C  N N 275 
PHE CG     C  Y N 276 
PHE CD1    C  Y N 277 
PHE CD2    C  Y N 278 
PHE CE1    C  Y N 279 
PHE CE2    C  Y N 280 
PHE CZ     C  Y N 281 
PHE OXT    O  N N 282 
PHE H      H  N N 283 
PHE H2     H  N N 284 
PHE HA     H  N N 285 
PHE HB2    H  N N 286 
PHE HB3    H  N N 287 
PHE HD1    H  N N 288 
PHE HD2    H  N N 289 
PHE HE1    H  N N 290 
PHE HE2    H  N N 291 
PHE HZ     H  N N 292 
PHE HXT    H  N N 293 
PRO N      N  N N 294 
PRO CA     C  N S 295 
PRO C      C  N N 296 
PRO O      O  N N 297 
PRO CB     C  N N 298 
PRO CG     C  N N 299 
PRO CD     C  N N 300 
PRO OXT    O  N N 301 
PRO H      H  N N 302 
PRO HA     H  N N 303 
PRO HB2    H  N N 304 
PRO HB3    H  N N 305 
PRO HG2    H  N N 306 
PRO HG3    H  N N 307 
PRO HD2    H  N N 308 
PRO HD3    H  N N 309 
PRO HXT    H  N N 310 
SER N      N  N N 311 
SER CA     C  N S 312 
SER C      C  N N 313 
SER O      O  N N 314 
SER CB     C  N N 315 
SER OG     O  N N 316 
SER OXT    O  N N 317 
SER H      H  N N 318 
SER H2     H  N N 319 
SER HA     H  N N 320 
SER HB2    H  N N 321 
SER HB3    H  N N 322 
SER HG     H  N N 323 
SER HXT    H  N N 324 
THR N      N  N N 325 
THR CA     C  N S 326 
THR C      C  N N 327 
THR O      O  N N 328 
THR CB     C  N R 329 
THR OG1    O  N N 330 
THR CG2    C  N N 331 
THR OXT    O  N N 332 
THR H      H  N N 333 
THR H2     H  N N 334 
THR HA     H  N N 335 
THR HB     H  N N 336 
THR HG1    H  N N 337 
THR HG21   H  N N 338 
THR HG22   H  N N 339 
THR HG23   H  N N 340 
THR HXT    H  N N 341 
TRP N      N  N N 342 
TRP CA     C  N S 343 
TRP C      C  N N 344 
TRP O      O  N N 345 
TRP CB     C  N N 346 
TRP CG     C  Y N 347 
TRP CD1    C  Y N 348 
TRP CD2    C  Y N 349 
TRP NE1    N  Y N 350 
TRP CE2    C  Y N 351 
TRP CE3    C  Y N 352 
TRP CZ2    C  Y N 353 
TRP CZ3    C  Y N 354 
TRP CH2    C  Y N 355 
TRP OXT    O  N N 356 
TRP H      H  N N 357 
TRP H2     H  N N 358 
TRP HA     H  N N 359 
TRP HB2    H  N N 360 
TRP HB3    H  N N 361 
TRP HD1    H  N N 362 
TRP HE1    H  N N 363 
TRP HE3    H  N N 364 
TRP HZ2    H  N N 365 
TRP HZ3    H  N N 366 
TRP HH2    H  N N 367 
TRP HXT    H  N N 368 
TYR N      N  N N 369 
TYR CA     C  N S 370 
TYR C      C  N N 371 
TYR O      O  N N 372 
TYR CB     C  N N 373 
TYR CG     C  Y N 374 
TYR CD1    C  Y N 375 
TYR CD2    C  Y N 376 
TYR CE1    C  Y N 377 
TYR CE2    C  Y N 378 
TYR CZ     C  Y N 379 
TYR OH     O  N N 380 
TYR OXT    O  N N 381 
TYR H      H  N N 382 
TYR H2     H  N N 383 
TYR HA     H  N N 384 
TYR HB2    H  N N 385 
TYR HB3    H  N N 386 
TYR HD1    H  N N 387 
TYR HD2    H  N N 388 
TYR HE1    H  N N 389 
TYR HE2    H  N N 390 
TYR HH     H  N N 391 
TYR HXT    H  N N 392 
VAL N      N  N N 393 
VAL CA     C  N S 394 
VAL C      C  N N 395 
VAL O      O  N N 396 
VAL CB     C  N N 397 
VAL CG1    C  N N 398 
VAL CG2    C  N N 399 
VAL OXT    O  N N 400 
VAL H      H  N N 401 
VAL H2     H  N N 402 
VAL HA     H  N N 403 
VAL HB     H  N N 404 
VAL HG11   H  N N 405 
VAL HG12   H  N N 406 
VAL HG13   H  N N 407 
VAL HG21   H  N N 408 
VAL HG22   H  N N 409 
VAL HG23   H  N N 410 
VAL HXT    H  N N 411 
# 
loop_
_chem_comp_bond.comp_id 
_chem_comp_bond.atom_id_1 
_chem_comp_bond.atom_id_2 
_chem_comp_bond.value_order 
_chem_comp_bond.pdbx_aromatic_flag 
_chem_comp_bond.pdbx_stereo_config 
_chem_comp_bond.pdbx_ordinal 
ALA N     CA     sing N N 1   
ALA N     H      sing N N 2   
ALA N     H2     sing N N 3   
ALA CA    C      sing N N 4   
ALA CA    CB     sing N N 5   
ALA CA    HA     sing N N 6   
ALA C     O      doub N N 7   
ALA C     OXT    sing N N 8   
ALA CB    HB1    sing N N 9   
ALA CB    HB2    sing N N 10  
ALA CB    HB3    sing N N 11  
ALA OXT   HXT    sing N N 12  
APR N1    C2     sing Y N 13  
APR N1    C6     doub Y N 14  
APR C2    N3     doub Y N 15  
APR C2    H2     sing N N 16  
APR N3    C4     sing Y N 17  
APR C4    C5     doub Y N 18  
APR C4    N9     sing Y N 19  
APR C5    C6     sing Y N 20  
APR C5    N7     sing Y N 21  
APR C6    N6     sing N N 22  
APR N6    H61    sing N N 23  
APR N6    H62    sing N N 24  
APR N7    C8     doub Y N 25  
APR C8    N9     sing Y N 26  
APR C8    H8     sing N N 27  
APR N9    "C1'"  sing N N 28  
APR "C1'" "C2'"  sing N N 29  
APR "C1'" "O4'"  sing N N 30  
APR "C1'" "H'1"  sing N N 31  
APR "C2'" "O2'"  sing N N 32  
APR "C2'" "C3'"  sing N N 33  
APR "C2'" "H'2"  sing N N 34  
APR "O2'" "HO'2" sing N N 35  
APR "C3'" "O3'"  sing N N 36  
APR "C3'" "C4'"  sing N N 37  
APR "C3'" "H'3"  sing N N 38  
APR "O3'" "HO'3" sing N N 39  
APR "O4'" "C4'"  sing N N 40  
APR "C4'" "C5'"  sing N N 41  
APR "C4'" "H'4"  sing N N 42  
APR "C5'" "O5'"  sing N N 43  
APR "C5'" "H5'1" sing N N 44  
APR "C5'" "H5'2" sing N N 45  
APR "O5'" PA     sing N N 46  
APR PA    O1A    doub N N 47  
APR PA    O2A    sing N N 48  
APR PA    O3A    sing N N 49  
APR O2A   HOA2   sing N N 50  
APR O3A   PB     sing N N 51  
APR PB    O1B    doub N N 52  
APR PB    O2B    sing N N 53  
APR PB    O5D    sing N N 54  
APR O2B   HOB2   sing N N 55  
APR O5D   C5D    sing N N 56  
APR C5D   C4D    sing N N 57  
APR C5D   H5R1   sing N N 58  
APR C5D   H5R2   sing N N 59  
APR O4D   C1D    sing N N 60  
APR O4D   C4D    sing N N 61  
APR O1D   C1D    sing N N 62  
APR O1D   HOR1   sing N N 63  
APR C1D   C2D    sing N N 64  
APR C1D   "HR'1" sing N N 65  
APR O2D   C2D    sing N N 66  
APR O2D   HOR2   sing N N 67  
APR C2D   C3D    sing N N 68  
APR C2D   "HR'2" sing N N 69  
APR O3D   C3D    sing N N 70  
APR O3D   HOR3   sing N N 71  
APR C3D   C4D    sing N N 72  
APR C3D   "HR'3" sing N N 73  
APR C4D   "HR'4" sing N N 74  
ARG N     CA     sing N N 75  
ARG N     H      sing N N 76  
ARG N     H2     sing N N 77  
ARG CA    C      sing N N 78  
ARG CA    CB     sing N N 79  
ARG CA    HA     sing N N 80  
ARG C     O      doub N N 81  
ARG C     OXT    sing N N 82  
ARG CB    CG     sing N N 83  
ARG CB    HB2    sing N N 84  
ARG CB    HB3    sing N N 85  
ARG CG    CD     sing N N 86  
ARG CG    HG2    sing N N 87  
ARG CG    HG3    sing N N 88  
ARG CD    NE     sing N N 89  
ARG CD    HD2    sing N N 90  
ARG CD    HD3    sing N N 91  
ARG NE    CZ     sing N N 92  
ARG NE    HE     sing N N 93  
ARG CZ    NH1    sing N N 94  
ARG CZ    NH2    doub N N 95  
ARG NH1   HH11   sing N N 96  
ARG NH1   HH12   sing N N 97  
ARG NH2   HH21   sing N N 98  
ARG NH2   HH22   sing N N 99  
ARG OXT   HXT    sing N N 100 
ASN N     CA     sing N N 101 
ASN N     H      sing N N 102 
ASN N     H2     sing N N 103 
ASN CA    C      sing N N 104 
ASN CA    CB     sing N N 105 
ASN CA    HA     sing N N 106 
ASN C     O      doub N N 107 
ASN C     OXT    sing N N 108 
ASN CB    CG     sing N N 109 
ASN CB    HB2    sing N N 110 
ASN CB    HB3    sing N N 111 
ASN CG    OD1    doub N N 112 
ASN CG    ND2    sing N N 113 
ASN ND2   HD21   sing N N 114 
ASN ND2   HD22   sing N N 115 
ASN OXT   HXT    sing N N 116 
ASP N     CA     sing N N 117 
ASP N     H      sing N N 118 
ASP N     H2     sing N N 119 
ASP CA    C      sing N N 120 
ASP CA    CB     sing N N 121 
ASP CA    HA     sing N N 122 
ASP C     O      doub N N 123 
ASP C     OXT    sing N N 124 
ASP CB    CG     sing N N 125 
ASP CB    HB2    sing N N 126 
ASP CB    HB3    sing N N 127 
ASP CG    OD1    doub N N 128 
ASP CG    OD2    sing N N 129 
ASP OD2   HD2    sing N N 130 
ASP OXT   HXT    sing N N 131 
GLN N     CA     sing N N 132 
GLN N     H      sing N N 133 
GLN N     H2     sing N N 134 
GLN CA    C      sing N N 135 
GLN CA    CB     sing N N 136 
GLN CA    HA     sing N N 137 
GLN C     O      doub N N 138 
GLN C     OXT    sing N N 139 
GLN CB    CG     sing N N 140 
GLN CB    HB2    sing N N 141 
GLN CB    HB3    sing N N 142 
GLN CG    CD     sing N N 143 
GLN CG    HG2    sing N N 144 
GLN CG    HG3    sing N N 145 
GLN CD    OE1    doub N N 146 
GLN CD    NE2    sing N N 147 
GLN NE2   HE21   sing N N 148 
GLN NE2   HE22   sing N N 149 
GLN OXT   HXT    sing N N 150 
GLU N     CA     sing N N 151 
GLU N     H      sing N N 152 
GLU N     H2     sing N N 153 
GLU CA    C      sing N N 154 
GLU CA    CB     sing N N 155 
GLU CA    HA     sing N N 156 
GLU C     O      doub N N 157 
GLU C     OXT    sing N N 158 
GLU CB    CG     sing N N 159 
GLU CB    HB2    sing N N 160 
GLU CB    HB3    sing N N 161 
GLU CG    CD     sing N N 162 
GLU CG    HG2    sing N N 163 
GLU CG    HG3    sing N N 164 
GLU CD    OE1    doub N N 165 
GLU CD    OE2    sing N N 166 
GLU OE2   HE2    sing N N 167 
GLU OXT   HXT    sing N N 168 
GLY N     CA     sing N N 169 
GLY N     H      sing N N 170 
GLY N     H2     sing N N 171 
GLY CA    C      sing N N 172 
GLY CA    HA2    sing N N 173 
GLY CA    HA3    sing N N 174 
GLY C     O      doub N N 175 
GLY C     OXT    sing N N 176 
GLY OXT   HXT    sing N N 177 
HIS N     CA     sing N N 178 
HIS N     H      sing N N 179 
HIS N     H2     sing N N 180 
HIS CA    C      sing N N 181 
HIS CA    CB     sing N N 182 
HIS CA    HA     sing N N 183 
HIS C     O      doub N N 184 
HIS C     OXT    sing N N 185 
HIS CB    CG     sing N N 186 
HIS CB    HB2    sing N N 187 
HIS CB    HB3    sing N N 188 
HIS CG    ND1    sing Y N 189 
HIS CG    CD2    doub Y N 190 
HIS ND1   CE1    doub Y N 191 
HIS ND1   HD1    sing N N 192 
HIS CD2   NE2    sing Y N 193 
HIS CD2   HD2    sing N N 194 
HIS CE1   NE2    sing Y N 195 
HIS CE1   HE1    sing N N 196 
HIS NE2   HE2    sing N N 197 
HIS OXT   HXT    sing N N 198 
HOH O     H1     sing N N 199 
HOH O     H2     sing N N 200 
ILE N     CA     sing N N 201 
ILE N     H      sing N N 202 
ILE N     H2     sing N N 203 
ILE CA    C      sing N N 204 
ILE CA    CB     sing N N 205 
ILE CA    HA     sing N N 206 
ILE C     O      doub N N 207 
ILE C     OXT    sing N N 208 
ILE CB    CG1    sing N N 209 
ILE CB    CG2    sing N N 210 
ILE CB    HB     sing N N 211 
ILE CG1   CD1    sing N N 212 
ILE CG1   HG12   sing N N 213 
ILE CG1   HG13   sing N N 214 
ILE CG2   HG21   sing N N 215 
ILE CG2   HG22   sing N N 216 
ILE CG2   HG23   sing N N 217 
ILE CD1   HD11   sing N N 218 
ILE CD1   HD12   sing N N 219 
ILE CD1   HD13   sing N N 220 
ILE OXT   HXT    sing N N 221 
LEU N     CA     sing N N 222 
LEU N     H      sing N N 223 
LEU N     H2     sing N N 224 
LEU CA    C      sing N N 225 
LEU CA    CB     sing N N 226 
LEU CA    HA     sing N N 227 
LEU C     O      doub N N 228 
LEU C     OXT    sing N N 229 
LEU CB    CG     sing N N 230 
LEU CB    HB2    sing N N 231 
LEU CB    HB3    sing N N 232 
LEU CG    CD1    sing N N 233 
LEU CG    CD2    sing N N 234 
LEU CG    HG     sing N N 235 
LEU CD1   HD11   sing N N 236 
LEU CD1   HD12   sing N N 237 
LEU CD1   HD13   sing N N 238 
LEU CD2   HD21   sing N N 239 
LEU CD2   HD22   sing N N 240 
LEU CD2   HD23   sing N N 241 
LEU OXT   HXT    sing N N 242 
MET N     CA     sing N N 243 
MET N     H      sing N N 244 
MET N     H2     sing N N 245 
MET CA    C      sing N N 246 
MET CA    CB     sing N N 247 
MET CA    HA     sing N N 248 
MET C     O      doub N N 249 
MET C     OXT    sing N N 250 
MET CB    CG     sing N N 251 
MET CB    HB2    sing N N 252 
MET CB    HB3    sing N N 253 
MET CG    SD     sing N N 254 
MET CG    HG2    sing N N 255 
MET CG    HG3    sing N N 256 
MET SD    CE     sing N N 257 
MET CE    HE1    sing N N 258 
MET CE    HE2    sing N N 259 
MET CE    HE3    sing N N 260 
MET OXT   HXT    sing N N 261 
PHE N     CA     sing N N 262 
PHE N     H      sing N N 263 
PHE N     H2     sing N N 264 
PHE CA    C      sing N N 265 
PHE CA    CB     sing N N 266 
PHE CA    HA     sing N N 267 
PHE C     O      doub N N 268 
PHE C     OXT    sing N N 269 
PHE CB    CG     sing N N 270 
PHE CB    HB2    sing N N 271 
PHE CB    HB3    sing N N 272 
PHE CG    CD1    doub Y N 273 
PHE CG    CD2    sing Y N 274 
PHE CD1   CE1    sing Y N 275 
PHE CD1   HD1    sing N N 276 
PHE CD2   CE2    doub Y N 277 
PHE CD2   HD2    sing N N 278 
PHE CE1   CZ     doub Y N 279 
PHE CE1   HE1    sing N N 280 
PHE CE2   CZ     sing Y N 281 
PHE CE2   HE2    sing N N 282 
PHE CZ    HZ     sing N N 283 
PHE OXT   HXT    sing N N 284 
PRO N     CA     sing N N 285 
PRO N     CD     sing N N 286 
PRO N     H      sing N N 287 
PRO CA    C      sing N N 288 
PRO CA    CB     sing N N 289 
PRO CA    HA     sing N N 290 
PRO C     O      doub N N 291 
PRO C     OXT    sing N N 292 
PRO CB    CG     sing N N 293 
PRO CB    HB2    sing N N 294 
PRO CB    HB3    sing N N 295 
PRO CG    CD     sing N N 296 
PRO CG    HG2    sing N N 297 
PRO CG    HG3    sing N N 298 
PRO CD    HD2    sing N N 299 
PRO CD    HD3    sing N N 300 
PRO OXT   HXT    sing N N 301 
SER N     CA     sing N N 302 
SER N     H      sing N N 303 
SER N     H2     sing N N 304 
SER CA    C      sing N N 305 
SER CA    CB     sing N N 306 
SER CA    HA     sing N N 307 
SER C     O      doub N N 308 
SER C     OXT    sing N N 309 
SER CB    OG     sing N N 310 
SER CB    HB2    sing N N 311 
SER CB    HB3    sing N N 312 
SER OG    HG     sing N N 313 
SER OXT   HXT    sing N N 314 
THR N     CA     sing N N 315 
THR N     H      sing N N 316 
THR N     H2     sing N N 317 
THR CA    C      sing N N 318 
THR CA    CB     sing N N 319 
THR CA    HA     sing N N 320 
THR C     O      doub N N 321 
THR C     OXT    sing N N 322 
THR CB    OG1    sing N N 323 
THR CB    CG2    sing N N 324 
THR CB    HB     sing N N 325 
THR OG1   HG1    sing N N 326 
THR CG2   HG21   sing N N 327 
THR CG2   HG22   sing N N 328 
THR CG2   HG23   sing N N 329 
THR OXT   HXT    sing N N 330 
TRP N     CA     sing N N 331 
TRP N     H      sing N N 332 
TRP N     H2     sing N N 333 
TRP CA    C      sing N N 334 
TRP CA    CB     sing N N 335 
TRP CA    HA     sing N N 336 
TRP C     O      doub N N 337 
TRP C     OXT    sing N N 338 
TRP CB    CG     sing N N 339 
TRP CB    HB2    sing N N 340 
TRP CB    HB3    sing N N 341 
TRP CG    CD1    doub Y N 342 
TRP CG    CD2    sing Y N 343 
TRP CD1   NE1    sing Y N 344 
TRP CD1   HD1    sing N N 345 
TRP CD2   CE2    doub Y N 346 
TRP CD2   CE3    sing Y N 347 
TRP NE1   CE2    sing Y N 348 
TRP NE1   HE1    sing N N 349 
TRP CE2   CZ2    sing Y N 350 
TRP CE3   CZ3    doub Y N 351 
TRP CE3   HE3    sing N N 352 
TRP CZ2   CH2    doub Y N 353 
TRP CZ2   HZ2    sing N N 354 
TRP CZ3   CH2    sing Y N 355 
TRP CZ3   HZ3    sing N N 356 
TRP CH2   HH2    sing N N 357 
TRP OXT   HXT    sing N N 358 
TYR N     CA     sing N N 359 
TYR N     H      sing N N 360 
TYR N     H2     sing N N 361 
TYR CA    C      sing N N 362 
TYR CA    CB     sing N N 363 
TYR CA    HA     sing N N 364 
TYR C     O      doub N N 365 
TYR C     OXT    sing N N 366 
TYR CB    CG     sing N N 367 
TYR CB    HB2    sing N N 368 
TYR CB    HB3    sing N N 369 
TYR CG    CD1    doub Y N 370 
TYR CG    CD2    sing Y N 371 
TYR CD1   CE1    sing Y N 372 
TYR CD1   HD1    sing N N 373 
TYR CD2   CE2    doub Y N 374 
TYR CD2   HD2    sing N N 375 
TYR CE1   CZ     doub Y N 376 
TYR CE1   HE1    sing N N 377 
TYR CE2   CZ     sing Y N 378 
TYR CE2   HE2    sing N N 379 
TYR CZ    OH     sing N N 380 
TYR OH    HH     sing N N 381 
TYR OXT   HXT    sing N N 382 
VAL N     CA     sing N N 383 
VAL N     H      sing N N 384 
VAL N     H2     sing N N 385 
VAL CA    C      sing N N 386 
VAL CA    CB     sing N N 387 
VAL CA    HA     sing N N 388 
VAL C     O      doub N N 389 
VAL C     OXT    sing N N 390 
VAL CB    CG1    sing N N 391 
VAL CB    CG2    sing N N 392 
VAL CB    HB     sing N N 393 
VAL CG1   HG11   sing N N 394 
VAL CG1   HG12   sing N N 395 
VAL CG1   HG13   sing N N 396 
VAL CG2   HG21   sing N N 397 
VAL CG2   HG22   sing N N 398 
VAL CG2   HG23   sing N N 399 
VAL OXT   HXT    sing N N 400 
# 
_atom_sites.entry_id                    1MQE 
_atom_sites.fract_transf_matrix[1][1]   -0.00652307 
_atom_sites.fract_transf_matrix[1][2]   -0.00636624 
_atom_sites.fract_transf_matrix[1][3]   -0.01555337 
_atom_sites.fract_transf_matrix[2][1]   -0.01278723 
_atom_sites.fract_transf_matrix[2][2]   0.00914200 
_atom_sites.fract_transf_matrix[2][3]   -0.00882719 
_atom_sites.fract_transf_matrix[3][1]   0.00386827 
_atom_sites.fract_transf_matrix[3][2]   0.00275526 
_atom_sites.fract_transf_matrix[3][3]   -0.00275012 
_atom_sites.fract_transf_vector[1]      0.448833 
_atom_sites.fract_transf_vector[2]      0.343728 
_atom_sites.fract_transf_vector[3]      0.056086 
# 
loop_
_atom_type.symbol 
C  
GD 
N  
O  
P  
S  
# 
loop_
_atom_site.group_PDB 
_atom_site.id 
_atom_site.type_symbol 
_atom_site.label_atom_id 
_atom_site.label_alt_id 
_atom_site.label_comp_id 
_atom_site.label_asym_id 
_atom_site.label_entity_id 
_atom_site.label_seq_id 
_atom_site.pdbx_PDB_ins_code 
_atom_site.Cartn_x 
_atom_site.Cartn_y 
_atom_site.Cartn_z 
_atom_site.occupancy 
_atom_site.B_iso_or_equiv 
_atom_site.pdbx_formal_charge 
_atom_site.auth_seq_id 
_atom_site.auth_comp_id 
_atom_site.auth_asym_id 
_atom_site.auth_atom_id 
_atom_site.pdbx_PDB_model_num 
ATOM   1    N  N     . PHE A 1 6   ? 15.611  9.048   -22.325 1.00 65.33  ? 6   PHE A N     1 
ATOM   2    C  CA    . PHE A 1 6   ? 14.862  7.837   -22.777 1.00 65.48  ? 6   PHE A CA    1 
ATOM   3    C  C     . PHE A 1 6   ? 13.605  8.278   -23.491 1.00 66.19  ? 6   PHE A C     1 
ATOM   4    O  O     . PHE A 1 6   ? 13.159  9.413   -23.318 1.00 67.82  ? 6   PHE A O     1 
ATOM   5    C  CB    . PHE A 1 6   ? 14.482  6.948   -21.586 1.00 63.67  ? 6   PHE A CB    1 
ATOM   6    C  CG    . PHE A 1 6   ? 15.664  6.443   -20.807 1.00 62.25  ? 6   PHE A CG    1 
ATOM   7    C  CD1   . PHE A 1 6   ? 16.343  7.282   -19.929 1.00 61.08  ? 6   PHE A CD1   1 
ATOM   8    C  CD2   . PHE A 1 6   ? 16.123  5.139   -20.982 1.00 60.30  ? 6   PHE A CD2   1 
ATOM   9    C  CE1   . PHE A 1 6   ? 17.464  6.831   -19.238 1.00 60.81  ? 6   PHE A CE1   1 
ATOM   10   C  CE2   . PHE A 1 6   ? 17.243  4.680   -20.296 1.00 59.00  ? 6   PHE A CE2   1 
ATOM   11   C  CZ    . PHE A 1 6   ? 17.914  5.526   -19.423 1.00 59.71  ? 6   PHE A CZ    1 
ATOM   12   N  N     . GLU A 1 7   ? 13.030  7.379   -24.283 1.00 65.46  ? 7   GLU A N     1 
ATOM   13   C  CA    . GLU A 1 7   ? 11.821  7.687   -25.039 1.00 64.18  ? 7   GLU A CA    1 
ATOM   14   C  C     . GLU A 1 7   ? 11.070  6.418   -25.378 1.00 62.12  ? 7   GLU A C     1 
ATOM   15   O  O     . GLU A 1 7   ? 11.680  5.405   -25.720 1.00 62.14  ? 7   GLU A O     1 
ATOM   16   C  CB    . GLU A 1 7   ? 12.197  8.407   -26.335 1.00 67.27  ? 7   GLU A CB    1 
ATOM   17   C  CG    . GLU A 1 7   ? 11.130  8.350   -27.426 1.00 70.53  ? 7   GLU A CG    1 
ATOM   18   C  CD    . GLU A 1 7   ? 11.685  8.691   -28.808 1.00 72.22  ? 7   GLU A CD    1 
ATOM   19   O  OE1   . GLU A 1 7   ? 12.617  7.992   -29.273 1.00 72.45  ? 7   GLU A OE1   1 
ATOM   20   O  OE2   . GLU A 1 7   ? 11.190  9.657   -29.431 1.00 73.38  ? 7   GLU A OE2   1 
ATOM   21   N  N     . THR A 1 8   ? 9.746   6.465   -25.289 1.00 59.55  ? 8   THR A N     1 
ATOM   22   C  CA    . THR A 1 8   ? 8.953   5.287   -25.617 1.00 57.19  ? 8   THR A CA    1 
ATOM   23   C  C     . THR A 1 8   ? 8.627   5.332   -27.104 1.00 56.25  ? 8   THR A C     1 
ATOM   24   O  O     . THR A 1 8   ? 7.817   6.144   -27.544 1.00 55.83  ? 8   THR A O     1 
ATOM   25   C  CB    . THR A 1 8   ? 7.634   5.232   -24.820 1.00 55.45  ? 8   THR A CB    1 
ATOM   26   O  OG1   . THR A 1 8   ? 7.901   5.416   -23.426 1.00 55.04  ? 8   THR A OG1   1 
ATOM   27   C  CG2   . THR A 1 8   ? 6.958   3.884   -25.020 1.00 53.57  ? 8   THR A CG2   1 
ATOM   28   N  N     . ILE A 1 9   ? 9.276   4.468   -27.875 1.00 55.53  ? 9   ILE A N     1 
ATOM   29   C  CA    . ILE A 1 9   ? 9.052   4.411   -29.313 1.00 55.44  ? 9   ILE A CA    1 
ATOM   30   C  C     . ILE A 1 9   ? 7.630   3.961   -29.607 1.00 56.27  ? 9   ILE A C     1 
ATOM   31   O  O     . ILE A 1 9   ? 6.854   4.675   -30.247 1.00 56.78  ? 9   ILE A O     1 
ATOM   32   C  CB    . ILE A 1 9   ? 10.030  3.430   -29.984 1.00 54.84  ? 9   ILE A CB    1 
ATOM   33   C  CG1   . ILE A 1 9   ? 11.463  3.905   -29.763 1.00 53.31  ? 9   ILE A CG1   1 
ATOM   34   C  CG2   . ILE A 1 9   ? 9.723   3.309   -31.465 1.00 54.49  ? 9   ILE A CG2   1 
ATOM   35   C  CD1   . ILE A 1 9   ? 11.695  5.329   -30.176 1.00 53.51  ? 9   ILE A CD1   1 
ATOM   36   N  N     . SER A 1 10  ? 7.293   2.769   -29.132 1.00 56.22  ? 10  SER A N     1 
ATOM   37   C  CA    . SER A 1 10  ? 5.965   2.219   -29.343 1.00 56.14  ? 10  SER A CA    1 
ATOM   38   C  C     . SER A 1 10  ? 5.605   1.331   -28.171 1.00 55.36  ? 10  SER A C     1 
ATOM   39   O  O     . SER A 1 10  ? 6.485   0.756   -27.533 1.00 56.45  ? 10  SER A O     1 
ATOM   40   C  CB    . SER A 1 10  ? 5.936   1.387   -30.625 1.00 56.68  ? 10  SER A CB    1 
ATOM   41   O  OG    . SER A 1 10  ? 6.865   0.320   -30.549 1.00 56.74  ? 10  SER A OG    1 
ATOM   42   N  N     . SER A 1 11  ? 4.314   1.224   -27.887 1.00 54.04  ? 11  SER A N     1 
ATOM   43   C  CA    . SER A 1 11  ? 3.850   0.380   -26.799 1.00 53.49  ? 11  SER A CA    1 
ATOM   44   C  C     . SER A 1 11  ? 2.679   -0.471  -27.282 1.00 52.27  ? 11  SER A C     1 
ATOM   45   O  O     . SER A 1 11  ? 1.816   -0.005  -28.023 1.00 51.48  ? 11  SER A O     1 
ATOM   46   C  CB    . SER A 1 11  ? 3.440   1.226   -25.593 1.00 53.74  ? 11  SER A CB    1 
ATOM   47   O  OG    . SER A 1 11  ? 2.428   2.147   -25.934 1.00 56.77  ? 11  SER A OG    1 
ATOM   48   N  N     . GLU A 1 12  ? 2.659   -1.723  -26.846 1.00 51.15  ? 12  GLU A N     1 
ATOM   49   C  CA    . GLU A 1 12  ? 1.627   -2.659  -27.251 1.00 49.26  ? 12  GLU A CA    1 
ATOM   50   C  C     . GLU A 1 12  ? 1.031   -3.382  -26.050 1.00 47.02  ? 12  GLU A C     1 
ATOM   51   O  O     . GLU A 1 12  ? 1.758   -3.889  -25.199 1.00 46.55  ? 12  GLU A O     1 
ATOM   52   C  CB    . GLU A 1 12  ? 2.251   -3.669  -28.205 1.00 51.42  ? 12  GLU A CB    1 
ATOM   53   C  CG    . GLU A 1 12  ? 1.335   -4.756  -28.693 1.00 54.99  ? 12  GLU A CG    1 
ATOM   54   C  CD    . GLU A 1 12  ? 2.124   -5.948  -29.191 1.00 58.64  ? 12  GLU A CD    1 
ATOM   55   O  OE1   . GLU A 1 12  ? 3.330   -5.769  -29.485 1.00 60.08  ? 12  GLU A OE1   1 
ATOM   56   O  OE2   . GLU A 1 12  ? 1.547   -7.055  -29.293 1.00 60.70  ? 12  GLU A OE2   1 
ATOM   57   N  N     . THR A 1 13  ? -0.293  -3.429  -25.985 1.00 43.56  ? 13  THR A N     1 
ATOM   58   C  CA    . THR A 1 13  ? -0.964  -4.110  -24.889 1.00 41.25  ? 13  THR A CA    1 
ATOM   59   C  C     . THR A 1 13  ? -0.963  -5.598  -25.144 1.00 39.89  ? 13  THR A C     1 
ATOM   60   O  O     . THR A 1 13  ? -1.488  -6.060  -26.146 1.00 40.14  ? 13  THR A O     1 
ATOM   61   C  CB    . THR A 1 13  ? -2.416  -3.662  -24.752 1.00 41.04  ? 13  THR A CB    1 
ATOM   62   O  OG1   . THR A 1 13  ? -2.450  -2.258  -24.481 1.00 40.67  ? 13  THR A OG1   1 
ATOM   63   C  CG2   . THR A 1 13  ? -3.106  -4.431  -23.623 1.00 39.79  ? 13  THR A CG2   1 
ATOM   64   N  N     . LEU A 1 14  ? -0.377  -6.349  -24.229 1.00 39.38  ? 14  LEU A N     1 
ATOM   65   C  CA    . LEU A 1 14  ? -0.314  -7.793  -24.373 1.00 39.10  ? 14  LEU A CA    1 
ATOM   66   C  C     . LEU A 1 14  ? -1.450  -8.487  -23.636 1.00 39.24  ? 14  LEU A C     1 
ATOM   67   O  O     . LEU A 1 14  ? -1.923  -9.537  -24.068 1.00 40.23  ? 14  LEU A O     1 
ATOM   68   C  CB    . LEU A 1 14  ? 1.033   -8.314  -23.863 1.00 37.90  ? 14  LEU A CB    1 
ATOM   69   C  CG    . LEU A 1 14  ? 2.245   -8.218  -24.798 1.00 37.79  ? 14  LEU A CG    1 
ATOM   70   C  CD1   . LEU A 1 14  ? 2.352   -6.836  -25.418 1.00 37.57  ? 14  LEU A CD1   1 
ATOM   71   C  CD2   . LEU A 1 14  ? 3.497   -8.563  -24.006 1.00 37.12  ? 14  LEU A CD2   1 
ATOM   72   N  N     . HIS A 1 15  ? -1.894  -7.901  -22.530 1.00 39.84  ? 15  HIS A N     1 
ATOM   73   C  CA    . HIS A 1 15  ? -2.970  -8.494  -21.751 1.00 39.43  ? 15  HIS A CA    1 
ATOM   74   C  C     . HIS A 1 15  ? -3.618  -7.517  -20.800 1.00 39.11  ? 15  HIS A C     1 
ATOM   75   O  O     . HIS A 1 15  ? -2.954  -6.661  -20.225 1.00 40.30  ? 15  HIS A O     1 
ATOM   76   C  CB    . HIS A 1 15  ? -2.446  -9.669  -20.931 1.00 41.92  ? 15  HIS A CB    1 
ATOM   77   C  CG    . HIS A 1 15  ? -3.432  -10.205 -19.931 1.00 45.55  ? 15  HIS A CG    1 
ATOM   78   N  ND1   . HIS A 1 15  ? -4.451  -11.072 -20.275 1.00 46.48  ? 15  HIS A ND1   1 
ATOM   79   C  CD2   . HIS A 1 15  ? -3.556  -9.990  -18.599 1.00 45.09  ? 15  HIS A CD2   1 
ATOM   80   C  CE1   . HIS A 1 15  ? -5.154  -11.369 -19.197 1.00 46.35  ? 15  HIS A CE1   1 
ATOM   81   N  NE2   . HIS A 1 15  ? -4.631  -10.726 -18.167 1.00 46.12  ? 15  HIS A NE2   1 
ATOM   82   N  N     . THR A 1 16  ? -4.926  -7.662  -20.636 1.00 38.39  ? 16  THR A N     1 
ATOM   83   C  CA    . THR A 1 16  ? -5.688  -6.843  -19.709 1.00 37.63  ? 16  THR A CA    1 
ATOM   84   C  C     . THR A 1 16  ? -6.382  -7.846  -18.807 1.00 37.00  ? 16  THR A C     1 
ATOM   85   O  O     . THR A 1 16  ? -7.119  -8.708  -19.285 1.00 36.79  ? 16  THR A O     1 
ATOM   86   C  CB    . THR A 1 16  ? -6.747  -5.983  -20.420 1.00 38.55  ? 16  THR A CB    1 
ATOM   87   O  OG1   . THR A 1 16  ? -6.097  -4.956  -21.182 1.00 39.83  ? 16  THR A OG1   1 
ATOM   88   C  CG2   . THR A 1 16  ? -7.671  -5.337  -19.404 1.00 38.30  ? 16  THR A CG2   1 
ATOM   89   N  N     . GLY A 1 17  ? -6.121  -7.748  -17.508 1.00 35.69  ? 17  GLY A N     1 
ATOM   90   C  CA    . GLY A 1 17  ? -6.727  -8.666  -16.569 1.00 34.13  ? 17  GLY A CA    1 
ATOM   91   C  C     . GLY A 1 17  ? -7.656  -7.970  -15.601 1.00 34.66  ? 17  GLY A C     1 
ATOM   92   O  O     . GLY A 1 17  ? -8.131  -6.863  -15.856 1.00 34.03  ? 17  GLY A O     1 
ATOM   93   N  N     . ALA A 1 18  ? -7.906  -8.621  -14.474 1.00 34.76  ? 18  ALA A N     1 
ATOM   94   C  CA    . ALA A 1 18  ? -8.788  -8.069  -13.465 1.00 34.78  ? 18  ALA A CA    1 
ATOM   95   C  C     . ALA A 1 18  ? -8.181  -6.864  -12.756 1.00 34.87  ? 18  ALA A C     1 
ATOM   96   O  O     . ALA A 1 18  ? -8.804  -5.803  -12.686 1.00 35.98  ? 18  ALA A O     1 
ATOM   97   C  CB    . ALA A 1 18  ? -9.151  -9.151  -12.446 1.00 34.37  ? 18  ALA A CB    1 
ATOM   98   N  N     . ILE A 1 19  ? -6.963  -7.012  -12.238 1.00 34.76  ? 19  ILE A N     1 
ATOM   99   C  CA    . ILE A 1 19  ? -6.330  -5.912  -11.506 1.00 33.56  ? 19  ILE A CA    1 
ATOM   100  C  C     . ILE A 1 19  ? -5.116  -5.255  -12.159 1.00 33.68  ? 19  ILE A C     1 
ATOM   101  O  O     . ILE A 1 19  ? -4.561  -4.294  -11.617 1.00 33.29  ? 19  ILE A O     1 
ATOM   102  C  CB    . ILE A 1 19  ? -5.935  -6.343  -10.068 1.00 31.86  ? 19  ILE A CB    1 
ATOM   103  C  CG1   . ILE A 1 19  ? -4.916  -7.477  -10.106 1.00 29.29  ? 19  ILE A CG1   1 
ATOM   104  C  CG2   . ILE A 1 19  ? -7.162  -6.796  -9.310  1.00 30.30  ? 19  ILE A CG2   1 
ATOM   105  C  CD1   . ILE A 1 19  ? -4.260  -7.702  -8.776  1.00 27.13  ? 19  ILE A CD1   1 
ATOM   106  N  N     . PHE A 1 20  ? -4.701  -5.768  -13.315 1.00 33.13  ? 20  PHE A N     1 
ATOM   107  C  CA    . PHE A 1 20  ? -3.570  -5.175  -14.018 1.00 32.41  ? 20  PHE A CA    1 
ATOM   108  C  C     . PHE A 1 20  ? -3.552  -5.527  -15.495 1.00 32.22  ? 20  PHE A C     1 
ATOM   109  O  O     . PHE A 1 20  ? -4.255  -6.434  -15.944 1.00 33.00  ? 20  PHE A O     1 
ATOM   110  C  CB    . PHE A 1 20  ? -2.239  -5.579  -13.359 1.00 32.28  ? 20  PHE A CB    1 
ATOM   111  C  CG    . PHE A 1 20  ? -1.935  -7.059  -13.419 1.00 31.92  ? 20  PHE A CG    1 
ATOM   112  C  CD1   . PHE A 1 20  ? -1.523  -7.656  -14.609 1.00 31.18  ? 20  PHE A CD1   1 
ATOM   113  C  CD2   . PHE A 1 20  ? -2.042  -7.848  -12.274 1.00 30.94  ? 20  PHE A CD2   1 
ATOM   114  C  CE1   . PHE A 1 20  ? -1.219  -9.013  -14.661 1.00 30.03  ? 20  PHE A CE1   1 
ATOM   115  C  CE2   . PHE A 1 20  ? -1.740  -9.209  -12.314 1.00 30.89  ? 20  PHE A CE2   1 
ATOM   116  C  CZ    . PHE A 1 20  ? -1.327  -9.793  -13.509 1.00 31.46  ? 20  PHE A CZ    1 
ATOM   117  N  N     . ALA A 1 21  ? -2.758  -4.780  -16.250 1.00 30.86  ? 21  ALA A N     1 
ATOM   118  C  CA    . ALA A 1 21  ? -2.617  -5.011  -17.675 1.00 29.94  ? 21  ALA A CA    1 
ATOM   119  C  C     . ALA A 1 21  ? -1.132  -5.140  -17.948 1.00 29.84  ? 21  ALA A C     1 
ATOM   120  O  O     . ALA A 1 21  ? -0.318  -4.521  -17.264 1.00 29.17  ? 21  ALA A O     1 
ATOM   121  C  CB    . ALA A 1 21  ? -3.195  -3.837  -18.461 1.00 30.51  ? 21  ALA A CB    1 
ATOM   122  N  N     . LEU A 1 22  ? -0.778  -5.961  -18.927 1.00 29.79  ? 22  LEU A N     1 
ATOM   123  C  CA    . LEU A 1 22  ? 0.615   -6.138  -19.297 1.00 30.35  ? 22  LEU A CA    1 
ATOM   124  C  C     . LEU A 1 22  ? 0.817   -5.386  -20.605 1.00 31.43  ? 22  LEU A C     1 
ATOM   125  O  O     . LEU A 1 22  ? 0.073   -5.585  -21.566 1.00 31.64  ? 22  LEU A O     1 
ATOM   126  C  CB    . LEU A 1 22  ? 0.944   -7.623  -19.470 1.00 31.10  ? 22  LEU A CB    1 
ATOM   127  C  CG    . LEU A 1 22  ? 2.371   -7.947  -19.927 1.00 31.44  ? 22  LEU A CG    1 
ATOM   128  C  CD1   . LEU A 1 22  ? 3.383   -7.319  -18.988 1.00 31.76  ? 22  LEU A CD1   1 
ATOM   129  C  CD2   . LEU A 1 22  ? 2.545   -9.455  -19.977 1.00 32.76  ? 22  LEU A CD2   1 
ATOM   130  N  N     . ARG A 1 23  ? 1.823   -4.519  -20.632 1.00 31.56  ? 23  ARG A N     1 
ATOM   131  C  CA    . ARG A 1 23  ? 2.108   -3.706  -21.805 1.00 32.77  ? 23  ARG A CA    1 
ATOM   132  C  C     . ARG A 1 23  ? 3.586   -3.812  -22.164 1.00 33.35  ? 23  ARG A C     1 
ATOM   133  O  O     . ARG A 1 23  ? 4.431   -3.934  -21.285 1.00 34.35  ? 23  ARG A O     1 
ATOM   134  C  CB    . ARG A 1 23  ? 1.740   -2.250  -21.501 1.00 32.91  ? 23  ARG A CB    1 
ATOM   135  C  CG    . ARG A 1 23  ? 1.880   -1.296  -22.659 1.00 34.67  ? 23  ARG A CG    1 
ATOM   136  C  CD    . ARG A 1 23  ? 1.848   0.144   -22.175 1.00 33.62  ? 23  ARG A CD    1 
ATOM   137  N  NE    . ARG A 1 23  ? 3.118   0.545   -21.572 1.00 34.72  ? 23  ARG A NE    1 
ATOM   138  C  CZ    . ARG A 1 23  ? 3.262   0.983   -20.323 1.00 35.85  ? 23  ARG A CZ    1 
ATOM   139  N  NH1   . ARG A 1 23  ? 2.208   1.082   -19.519 1.00 34.01  ? 23  ARG A NH1   1 
ATOM   140  N  NH2   . ARG A 1 23  ? 4.466   1.331   -19.875 1.00 36.25  ? 23  ARG A NH2   1 
ATOM   141  N  N     . ARG A 1 24  ? 3.900   -3.787  -23.455 1.00 34.61  ? 24  ARG A N     1 
ATOM   142  C  CA    . ARG A 1 24  ? 5.292   -3.865  -23.877 1.00 34.29  ? 24  ARG A CA    1 
ATOM   143  C  C     . ARG A 1 24  ? 5.660   -2.618  -24.650 1.00 34.88  ? 24  ARG A C     1 
ATOM   144  O  O     . ARG A 1 24  ? 5.005   -2.265  -25.627 1.00 34.26  ? 24  ARG A O     1 
ATOM   145  C  CB    . ARG A 1 24  ? 5.552   -5.082  -24.763 1.00 35.12  ? 24  ARG A CB    1 
ATOM   146  C  CG    . ARG A 1 24  ? 7.039   -5.262  -25.036 1.00 38.36  ? 24  ARG A CG    1 
ATOM   147  C  CD    . ARG A 1 24  ? 7.332   -5.972  -26.334 1.00 38.37  ? 24  ARG A CD    1 
ATOM   148  N  NE    . ARG A 1 24  ? 6.932   -7.370  -26.309 1.00 41.22  ? 24  ARG A NE    1 
ATOM   149  C  CZ    . ARG A 1 24  ? 6.022   -7.894  -27.121 1.00 40.98  ? 24  ARG A CZ    1 
ATOM   150  N  NH1   . ARG A 1 24  ? 5.413   -7.138  -28.023 1.00 40.71  ? 24  ARG A NH1   1 
ATOM   151  N  NH2   . ARG A 1 24  ? 5.729   -9.179  -27.034 1.00 43.78  ? 24  ARG A NH2   1 
ATOM   152  N  N     . ASP A 1 25  ? 6.718   -1.955  -24.205 1.00 36.28  ? 25  ASP A N     1 
ATOM   153  C  CA    . ASP A 1 25  ? 7.177   -0.740  -24.853 1.00 39.05  ? 25  ASP A CA    1 
ATOM   154  C  C     . ASP A 1 25  ? 8.525   -0.957  -25.509 1.00 41.58  ? 25  ASP A C     1 
ATOM   155  O  O     . ASP A 1 25  ? 9.247   -1.904  -25.183 1.00 40.02  ? 25  ASP A O     1 
ATOM   156  C  CB    . ASP A 1 25  ? 7.327   0.397   -23.838 1.00 38.45  ? 25  ASP A CB    1 
ATOM   157  C  CG    . ASP A 1 25  ? 6.019   0.775   -23.175 1.00 39.25  ? 25  ASP A CG    1 
ATOM   158  O  OD1   . ASP A 1 25  ? 4.977   0.180   -23.519 1.00 41.26  ? 25  ASP A OD1   1 
ATOM   159  O  OD2   . ASP A 1 25  ? 6.035   1.673   -22.305 1.00 38.80  ? 25  ASP A OD2   1 
ATOM   160  N  N     . GLN A 1 26  ? 8.843   -0.063  -26.442 1.00 44.74  ? 26  GLN A N     1 
ATOM   161  C  CA    . GLN A 1 26  ? 10.121  -0.056  -27.139 1.00 48.21  ? 26  GLN A CA    1 
ATOM   162  C  C     . GLN A 1 26  ? 10.729  1.238   -26.634 1.00 49.31  ? 26  GLN A C     1 
ATOM   163  O  O     . GLN A 1 26  ? 10.237  2.327   -26.934 1.00 48.69  ? 26  GLN A O     1 
ATOM   164  C  CB    . GLN A 1 26  ? 9.929   -0.025  -28.655 1.00 48.30  ? 26  GLN A CB    1 
ATOM   165  C  CG    . GLN A 1 26  ? 9.352   -1.323  -29.204 1.00 48.57  ? 26  GLN A CG    1 
ATOM   166  C  CD    . GLN A 1 26  ? 10.060  -2.558  -28.656 1.00 49.29  ? 26  GLN A CD    1 
ATOM   167  O  OE1   . GLN A 1 26  ? 11.288  -2.597  -28.572 1.00 49.76  ? 26  GLN A OE1   1 
ATOM   168  N  NE2   . GLN A 1 26  ? 9.285   -3.576  -28.287 1.00 48.53  ? 26  GLN A NE2   1 
ATOM   169  N  N     . VAL A 1 27  ? 11.785  1.109   -25.842 1.00 52.13  ? 27  VAL A N     1 
ATOM   170  C  CA    . VAL A 1 27  ? 12.413  2.264   -25.232 1.00 55.66  ? 27  VAL A CA    1 
ATOM   171  C  C     . VAL A 1 27  ? 13.703  2.744   -25.865 1.00 58.87  ? 27  VAL A C     1 
ATOM   172  O  O     . VAL A 1 27  ? 14.455  1.961   -26.438 1.00 58.15  ? 27  VAL A O     1 
ATOM   173  C  CB    . VAL A 1 27  ? 12.676  1.993   -23.729 1.00 53.89  ? 27  VAL A CB    1 
ATOM   174  C  CG1   . VAL A 1 27  ? 13.119  3.273   -23.036 1.00 53.44  ? 27  VAL A CG1   1 
ATOM   175  C  CG2   . VAL A 1 27  ? 11.425  1.435   -23.063 1.00 52.87  ? 27  VAL A CG2   1 
ATOM   176  N  N     . ARG A 1 28  ? 13.913  4.054   -25.729 1.00 63.28  ? 28  ARG A N     1 
ATOM   177  C  CA    . ARG A 1 28  ? 15.075  4.801   -26.196 1.00 66.19  ? 28  ARG A CA    1 
ATOM   178  C  C     . ARG A 1 28  ? 15.899  4.153   -27.289 1.00 67.43  ? 28  ARG A C     1 
ATOM   179  O  O     . ARG A 1 28  ? 16.188  4.790   -28.301 1.00 69.68  ? 28  ARG A O     1 
ATOM   180  C  CB    . ARG A 1 28  ? 15.971  5.142   -25.001 1.00 67.68  ? 28  ARG A CB    1 
ATOM   181  C  CG    . ARG A 1 28  ? 17.084  6.105   -25.327 1.00 70.78  ? 28  ARG A CG    1 
ATOM   182  C  CD    . ARG A 1 28  ? 17.797  6.584   -24.089 1.00 74.05  ? 28  ARG A CD    1 
ATOM   183  N  NE    . ARG A 1 28  ? 18.795  7.600   -24.411 1.00 78.51  ? 28  ARG A NE    1 
ATOM   184  C  CZ    . ARG A 1 28  ? 19.574  8.189   -23.510 1.00 80.91  ? 28  ARG A CZ    1 
ATOM   185  N  NH1   . ARG A 1 28  ? 19.468  7.862   -22.230 1.00 81.69  ? 28  ARG A NH1   1 
ATOM   186  N  NH2   . ARG A 1 28  ? 20.463  9.100   -23.883 1.00 82.09  ? 28  ARG A NH2   1 
ATOM   187  N  N     . ILE A 1 34  ? 17.816  0.941   -28.314 1.00 62.52  ? 34  ILE A N     1 
ATOM   188  C  CA    . ILE A 1 34  ? 16.382  0.666   -28.269 1.00 64.74  ? 34  ILE A CA    1 
ATOM   189  C  C     . ILE A 1 34  ? 16.049  -0.768  -27.834 1.00 64.48  ? 34  ILE A C     1 
ATOM   190  O  O     . ILE A 1 34  ? 16.298  -1.728  -28.573 1.00 65.01  ? 34  ILE A O     1 
ATOM   191  C  CB    . ILE A 1 34  ? 15.720  0.951   -29.643 1.00 64.92  ? 34  ILE A CB    1 
ATOM   192  C  CG1   . ILE A 1 34  ? 15.804  2.454   -29.934 1.00 65.36  ? 34  ILE A CG1   1 
ATOM   193  C  CG2   . ILE A 1 34  ? 14.268  0.457   -29.651 1.00 64.60  ? 34  ILE A CG2   1 
ATOM   194  C  CD1   . ILE A 1 34  ? 14.945  2.919   -31.079 1.00 66.23  ? 34  ILE A CD1   1 
ATOM   195  N  N     . VAL A 1 35  ? 15.460  -0.896  -26.641 1.00 63.08  ? 35  VAL A N     1 
ATOM   196  C  CA    . VAL A 1 35  ? 15.103  -2.203  -26.081 1.00 60.60  ? 35  VAL A CA    1 
ATOM   197  C  C     . VAL A 1 35  ? 13.654  -2.371  -25.632 1.00 58.47  ? 35  VAL A C     1 
ATOM   198  O  O     . VAL A 1 35  ? 12.912  -1.401  -25.479 1.00 58.52  ? 35  VAL A O     1 
ATOM   199  C  CB    . VAL A 1 35  ? 15.971  -2.532  -24.855 1.00 60.55  ? 35  VAL A CB    1 
ATOM   200  C  CG1   . VAL A 1 35  ? 17.421  -2.698  -25.266 1.00 60.91  ? 35  VAL A CG1   1 
ATOM   201  C  CG2   . VAL A 1 35  ? 15.821  -1.429  -23.814 1.00 59.21  ? 35  VAL A CG2   1 
ATOM   202  N  N     . THR A 1 36  ? 13.279  -3.628  -25.407 1.00 55.57  ? 36  THR A N     1 
ATOM   203  C  CA    . THR A 1 36  ? 11.946  -3.989  -24.941 1.00 52.67  ? 36  THR A CA    1 
ATOM   204  C  C     . THR A 1 36  ? 11.833  -3.749  -23.437 1.00 49.44  ? 36  THR A C     1 
ATOM   205  O  O     . THR A 1 36  ? 12.762  -4.031  -22.675 1.00 49.04  ? 36  THR A O     1 
ATOM   206  C  CB    . THR A 1 36  ? 11.640  -5.485  -25.218 1.00 53.90  ? 36  THR A CB    1 
ATOM   207  O  OG1   . THR A 1 36  ? 11.365  -5.663  -26.611 1.00 56.45  ? 36  THR A OG1   1 
ATOM   208  C  CG2   . THR A 1 36  ? 10.443  -5.962  -24.405 1.00 52.92  ? 36  THR A CG2   1 
ATOM   209  N  N     . ARG A 1 37  ? 10.686  -3.223  -23.024 1.00 45.51  ? 37  ARG A N     1 
ATOM   210  C  CA    . ARG A 1 37  ? 10.406  -2.950  -21.623 1.00 40.75  ? 37  ARG A CA    1 
ATOM   211  C  C     . ARG A 1 37  ? 8.954   -3.320  -21.327 1.00 39.22  ? 37  ARG A C     1 
ATOM   212  O  O     . ARG A 1 37  ? 8.030   -2.608  -21.707 1.00 38.76  ? 37  ARG A O     1 
ATOM   213  C  CB    . ARG A 1 37  ? 10.661  -1.475  -21.314 1.00 38.86  ? 37  ARG A CB    1 
ATOM   214  C  CG    . ARG A 1 37  ? 12.131  -1.146  -21.088 1.00 37.58  ? 37  ARG A CG    1 
ATOM   215  C  CD    . ARG A 1 37  ? 12.608  -1.711  -19.762 1.00 35.24  ? 37  ARG A CD    1 
ATOM   216  N  NE    . ARG A 1 37  ? 14.039  -1.524  -19.511 1.00 36.25  ? 37  ARG A NE    1 
ATOM   217  C  CZ    . ARG A 1 37  ? 15.017  -2.207  -20.112 1.00 36.15  ? 37  ARG A CZ    1 
ATOM   218  N  NH1   . ARG A 1 37  ? 14.743  -3.137  -21.022 1.00 35.46  ? 37  ARG A NH1   1 
ATOM   219  N  NH2   . ARG A 1 37  ? 16.279  -1.982  -19.775 1.00 36.69  ? 37  ARG A NH2   1 
ATOM   220  N  N     . GLU A 1 38  ? 8.761   -4.452  -20.656 1.00 37.62  ? 38  GLU A N     1 
ATOM   221  C  CA    . GLU A 1 38  ? 7.424   -4.921  -20.316 1.00 36.29  ? 38  GLU A CA    1 
ATOM   222  C  C     . GLU A 1 38  ? 6.987   -4.339  -18.977 1.00 34.53  ? 38  GLU A C     1 
ATOM   223  O  O     . GLU A 1 38  ? 7.685   -4.453  -17.968 1.00 33.86  ? 38  GLU A O     1 
ATOM   224  C  CB    . GLU A 1 38  ? 7.405   -6.449  -20.307 1.00 36.97  ? 38  GLU A CB    1 
ATOM   225  C  CG    . GLU A 1 38  ? 7.792   -7.025  -21.665 1.00 41.32  ? 38  GLU A CG    1 
ATOM   226  C  CD    . GLU A 1 38  ? 7.748   -8.535  -21.723 1.00 43.21  ? 38  GLU A CD    1 
ATOM   227  O  OE1   . GLU A 1 38  ? 8.464   -9.192  -20.942 1.00 45.95  ? 38  GLU A OE1   1 
ATOM   228  O  OE2   . GLU A 1 38  ? 6.998   -9.069  -22.562 1.00 45.89  ? 38  GLU A OE2   1 
ATOM   229  N  N     . VAL A 1 39  ? 5.819   -3.706  -18.988 1.00 32.11  ? 39  VAL A N     1 
ATOM   230  C  CA    . VAL A 1 39  ? 5.274   -3.044  -17.813 1.00 28.57  ? 39  VAL A CA    1 
ATOM   231  C  C     . VAL A 1 39  ? 3.926   -3.593  -17.375 1.00 27.62  ? 39  VAL A C     1 
ATOM   232  O  O     . VAL A 1 39  ? 3.026   -3.782  -18.192 1.00 25.96  ? 39  VAL A O     1 
ATOM   233  C  CB    . VAL A 1 39  ? 5.082   -1.529  -18.096 1.00 26.54  ? 39  VAL A CB    1 
ATOM   234  C  CG1   . VAL A 1 39  ? 4.541   -0.811  -16.862 1.00 25.65  ? 39  VAL A CG1   1 
ATOM   235  C  CG2   . VAL A 1 39  ? 6.384   -0.921  -18.547 1.00 26.37  ? 39  VAL A CG2   1 
ATOM   236  N  N     . VAL A 1 40  ? 3.792   -3.846  -16.077 1.00 26.92  ? 40  VAL A N     1 
ATOM   237  C  CA    . VAL A 1 40  ? 2.524   -4.294  -15.519 1.00 24.77  ? 40  VAL A CA    1 
ATOM   238  C  C     . VAL A 1 40  ? 1.861   -3.016  -14.981 1.00 26.33  ? 40  VAL A C     1 
ATOM   239  O  O     . VAL A 1 40  ? 2.354   -2.409  -14.027 1.00 27.76  ? 40  VAL A O     1 
ATOM   240  C  CB    . VAL A 1 40  ? 2.727   -5.301  -14.357 1.00 24.29  ? 40  VAL A CB    1 
ATOM   241  C  CG1   . VAL A 1 40  ? 1.393   -5.663  -13.738 1.00 22.23  ? 40  VAL A CG1   1 
ATOM   242  C  CG2   . VAL A 1 40  ? 3.420   -6.551  -14.863 1.00 23.20  ? 40  VAL A CG2   1 
ATOM   243  N  N     . GLU A 1 41  ? 0.779   -2.580  -15.622 1.00 27.01  ? 41  GLU A N     1 
ATOM   244  C  CA    . GLU A 1 41  ? 0.058   -1.388  -15.181 1.00 28.13  ? 41  GLU A CA    1 
ATOM   245  C  C     . GLU A 1 41  ? -0.828  -1.808  -14.017 1.00 29.29  ? 41  GLU A C     1 
ATOM   246  O  O     . GLU A 1 41  ? -1.576  -2.783  -14.109 1.00 30.81  ? 41  GLU A O     1 
ATOM   247  C  CB    . GLU A 1 41  ? -0.800  -0.832  -16.307 1.00 29.08  ? 41  GLU A CB    1 
ATOM   248  C  CG    . GLU A 1 41  ? -0.026  -0.556  -17.570 1.00 30.23  ? 41  GLU A CG    1 
ATOM   249  C  CD    . GLU A 1 41  ? -0.900  0.044   -18.642 1.00 31.26  ? 41  GLU A CD    1 
ATOM   250  O  OE1   . GLU A 1 41  ? -2.138  -0.057  -18.516 1.00 31.50  ? 41  GLU A OE1   1 
ATOM   251  O  OE2   . GLU A 1 41  ? -0.355  0.605   -19.611 1.00 33.07  ? 41  GLU A OE2   1 
ATOM   252  N  N     . HIS A 1 42  ? -0.760  -1.061  -12.928 1.00 28.72  ? 42  HIS A N     1 
ATOM   253  C  CA    . HIS A 1 42  ? -1.506  -1.417  -11.733 1.00 28.48  ? 42  HIS A CA    1 
ATOM   254  C  C     . HIS A 1 42  ? -2.336  -0.227  -11.263 1.00 28.93  ? 42  HIS A C     1 
ATOM   255  O  O     . HIS A 1 42  ? -2.052  0.909   -11.628 1.00 29.11  ? 42  HIS A O     1 
ATOM   256  C  CB    . HIS A 1 42  ? -0.476  -1.851  -10.674 1.00 28.24  ? 42  HIS A CB    1 
ATOM   257  C  CG    . HIS A 1 42  ? -1.054  -2.511  -9.461  1.00 29.02  ? 42  HIS A CG    1 
ATOM   258  N  ND1   . HIS A 1 42  ? -1.512  -1.801  -8.370  1.00 27.23  ? 42  HIS A ND1   1 
ATOM   259  C  CD2   . HIS A 1 42  ? -1.181  -3.820  -9.135  1.00 27.43  ? 42  HIS A CD2   1 
ATOM   260  C  CE1   . HIS A 1 42  ? -1.889  -2.643  -7.424  1.00 26.31  ? 42  HIS A CE1   1 
ATOM   261  N  NE2   . HIS A 1 42  ? -1.697  -3.875  -7.863  1.00 26.55  ? 42  HIS A NE2   1 
ATOM   262  N  N     . PHE A 1 43  ? -3.371  -0.499  -10.474 1.00 29.54  ? 43  PHE A N     1 
ATOM   263  C  CA    . PHE A 1 43  ? -4.233  0.547   -9.921  1.00 29.83  ? 43  PHE A CA    1 
ATOM   264  C  C     . PHE A 1 43  ? -3.472  1.401   -8.905  1.00 29.93  ? 43  PHE A C     1 
ATOM   265  O  O     . PHE A 1 43  ? -3.677  2.615   -8.791  1.00 28.35  ? 43  PHE A O     1 
ATOM   266  C  CB    . PHE A 1 43  ? -5.416  -0.077  -9.176  1.00 31.27  ? 43  PHE A CB    1 
ATOM   267  C  CG    . PHE A 1 43  ? -6.611  -0.355  -10.034 1.00 34.00  ? 43  PHE A CG    1 
ATOM   268  C  CD1   . PHE A 1 43  ? -7.192  0.660   -10.797 1.00 34.42  ? 43  PHE A CD1   1 
ATOM   269  C  CD2   . PHE A 1 43  ? -7.198  -1.621  -10.036 1.00 34.36  ? 43  PHE A CD2   1 
ATOM   270  C  CE1   . PHE A 1 43  ? -8.345  0.420   -11.549 1.00 34.06  ? 43  PHE A CE1   1 
ATOM   271  C  CE2   . PHE A 1 43  ? -8.349  -1.870  -10.784 1.00 34.76  ? 43  PHE A CE2   1 
ATOM   272  C  CZ    . PHE A 1 43  ? -8.923  -0.843  -11.542 1.00 34.12  ? 43  PHE A CZ    1 
ATOM   273  N  N     . GLY A 1 44  ? -2.588  0.739   -8.169  1.00 29.65  ? 44  GLY A N     1 
ATOM   274  C  CA    . GLY A 1 44  ? -1.856  1.397   -7.109  1.00 29.17  ? 44  GLY A CA    1 
ATOM   275  C  C     . GLY A 1 44  ? -2.653  0.967   -5.888  1.00 28.87  ? 44  GLY A C     1 
ATOM   276  O  O     . GLY A 1 44  ? -3.750  0.421   -6.031  1.00 29.42  ? 44  GLY A O     1 
ATOM   277  N  N     . ALA A 1 45  ? -2.129  1.184   -4.693  1.00 27.78  ? 45  ALA A N     1 
ATOM   278  C  CA    . ALA A 1 45  ? -2.865  0.784   -3.506  1.00 25.38  ? 45  ALA A CA    1 
ATOM   279  C  C     . ALA A 1 45  ? -2.567  1.721   -2.351  1.00 24.84  ? 45  ALA A C     1 
ATOM   280  O  O     . ALA A 1 45  ? -1.778  2.652   -2.481  1.00 24.01  ? 45  ALA A O     1 
ATOM   281  C  CB    . ALA A 1 45  ? -2.511  -0.648  -3.131  1.00 24.41  ? 45  ALA A CB    1 
ATOM   282  N  N     . VAL A 1 46  ? -3.229  1.472   -1.229  1.00 25.01  ? 46  VAL A N     1 
ATOM   283  C  CA    . VAL A 1 46  ? -3.057  2.263   -0.014  1.00 25.44  ? 46  VAL A CA    1 
ATOM   284  C  C     . VAL A 1 46  ? -3.069  1.286   1.161   1.00 24.96  ? 46  VAL A C     1 
ATOM   285  O  O     . VAL A 1 46  ? -3.740  0.258   1.110   1.00 26.07  ? 46  VAL A O     1 
ATOM   286  C  CB    . VAL A 1 46  ? -4.213  3.305   0.169   1.00 25.05  ? 46  VAL A CB    1 
ATOM   287  C  CG1   . VAL A 1 46  ? -4.101  4.409   -0.880  1.00 23.23  ? 46  VAL A CG1   1 
ATOM   288  C  CG2   . VAL A 1 46  ? -5.584  2.609   0.065   1.00 24.37  ? 46  VAL A CG2   1 
ATOM   289  N  N     . ALA A 1 47  ? -2.311  1.587   2.204   1.00 24.03  ? 47  ALA A N     1 
ATOM   290  C  CA    . ALA A 1 47  ? -2.272  0.725   3.379   1.00 24.32  ? 47  ALA A CA    1 
ATOM   291  C  C     . ALA A 1 47  ? -2.347  1.647   4.580   1.00 23.76  ? 47  ALA A C     1 
ATOM   292  O  O     . ALA A 1 47  ? -2.180  2.862   4.440   1.00 25.60  ? 47  ALA A O     1 
ATOM   293  C  CB    . ALA A 1 47  ? -0.975  -0.103  3.406   1.00 23.52  ? 47  ALA A CB    1 
ATOM   294  N  N     . ILE A 1 48  ? -2.591  1.088   5.757   1.00 23.02  ? 48  ILE A N     1 
ATOM   295  C  CA    . ILE A 1 48  ? -2.706  1.932   6.932   1.00 24.12  ? 48  ILE A CA    1 
ATOM   296  C  C     . ILE A 1 48  ? -2.001  1.379   8.163   1.00 24.81  ? 48  ILE A C     1 
ATOM   297  O  O     . ILE A 1 48  ? -2.133  0.201   8.494   1.00 24.72  ? 48  ILE A O     1 
ATOM   298  C  CB    . ILE A 1 48  ? -4.216  2.165   7.335   1.00 24.52  ? 48  ILE A CB    1 
ATOM   299  C  CG1   . ILE A 1 48  ? -5.068  2.514   6.114   1.00 22.73  ? 48  ILE A CG1   1 
ATOM   300  C  CG2   . ILE A 1 48  ? -4.322  3.270   8.382   1.00 22.55  ? 48  ILE A CG2   1 
ATOM   301  C  CD1   . ILE A 1 48  ? -5.620  1.286   5.360   1.00 22.07  ? 48  ILE A CD1   1 
ATOM   302  N  N     . VAL A 1 49  ? -1.246  2.243   8.833   1.00 25.57  ? 49  VAL A N     1 
ATOM   303  C  CA    . VAL A 1 49  ? -0.588  1.895   10.087  1.00 25.41  ? 49  VAL A CA    1 
ATOM   304  C  C     . VAL A 1 49  ? -1.444  2.637   11.125  1.00 26.25  ? 49  VAL A C     1 
ATOM   305  O  O     . VAL A 1 49  ? -1.285  3.849   11.325  1.00 26.21  ? 49  VAL A O     1 
ATOM   306  C  CB    . VAL A 1 49  ? 0.873   2.418   10.144  1.00 25.73  ? 49  VAL A CB    1 
ATOM   307  C  CG1   . VAL A 1 49  ? 1.435   2.269   11.558  1.00 24.83  ? 49  VAL A CG1   1 
ATOM   308  C  CG2   . VAL A 1 49  ? 1.738   1.653   9.164   1.00 24.10  ? 49  VAL A CG2   1 
ATOM   309  N  N     . ALA A 1 50  ? -2.381  1.920   11.742  1.00 26.58  ? 50  ALA A N     1 
ATOM   310  C  CA    . ALA A 1 50  ? -3.277  2.510   12.741  1.00 27.80  ? 50  ALA A CA    1 
ATOM   311  C  C     . ALA A 1 50  ? -2.711  2.297   14.131  1.00 29.44  ? 50  ALA A C     1 
ATOM   312  O  O     . ALA A 1 50  ? -2.867  1.232   14.722  1.00 29.65  ? 50  ALA A O     1 
ATOM   313  C  CB    . ALA A 1 50  ? -4.653  1.890   12.644  1.00 26.20  ? 50  ALA A CB    1 
ATOM   314  N  N     . MET A 1 51  ? -2.052  3.325   14.647  1.00 30.71  ? 51  MET A N     1 
ATOM   315  C  CA    . MET A 1 51  ? -1.433  3.256   15.956  1.00 31.86  ? 51  MET A CA    1 
ATOM   316  C  C     . MET A 1 51  ? -2.369  3.732   17.061  1.00 32.60  ? 51  MET A C     1 
ATOM   317  O  O     . MET A 1 51  ? -2.901  4.844   16.992  1.00 30.71  ? 51  MET A O     1 
ATOM   318  C  CB    . MET A 1 51  ? -0.159  4.097   15.940  1.00 32.78  ? 51  MET A CB    1 
ATOM   319  C  CG    . MET A 1 51  ? 0.534   4.221   17.274  1.00 34.14  ? 51  MET A CG    1 
ATOM   320  S  SD    . MET A 1 51  ? 2.112   5.036   17.062  1.00 36.77  ? 51  MET A SD    1 
ATOM   321  C  CE    . MET A 1 51  ? 1.597   6.563   16.282  1.00 37.17  ? 51  MET A CE    1 
ATOM   322  N  N     . ASP A 1 52  ? -2.573  2.893   18.075  1.00 32.45  ? 52  ASP A N     1 
ATOM   323  C  CA    . ASP A 1 52  ? -3.449  3.272   19.171  1.00 34.87  ? 52  ASP A CA    1 
ATOM   324  C  C     . ASP A 1 52  ? -2.705  4.123   20.191  1.00 37.43  ? 52  ASP A C     1 
ATOM   325  O  O     . ASP A 1 52  ? -1.565  4.527   19.952  1.00 36.15  ? 52  ASP A O     1 
ATOM   326  C  CB    . ASP A 1 52  ? -4.098  2.039   19.835  1.00 34.60  ? 52  ASP A CB    1 
ATOM   327  C  CG    . ASP A 1 52  ? -3.113  1.166   20.602  1.00 35.02  ? 52  ASP A CG    1 
ATOM   328  O  OD1   . ASP A 1 52  ? -2.012  1.633   20.964  1.00 37.06  ? 52  ASP A OD1   1 
ATOM   329  O  OD2   . ASP A 1 52  ? -3.459  -0.004  20.866  1.00 35.19  ? 52  ASP A OD2   1 
ATOM   330  N  N     . ASP A 1 53  ? -3.347  4.393   21.323  1.00 41.91  ? 53  ASP A N     1 
ATOM   331  C  CA    . ASP A 1 53  ? -2.762  5.237   22.364  1.00 46.64  ? 53  ASP A CA    1 
ATOM   332  C  C     . ASP A 1 53  ? -1.601  4.635   23.145  1.00 45.72  ? 53  ASP A C     1 
ATOM   333  O  O     . ASP A 1 53  ? -0.969  5.325   23.949  1.00 46.59  ? 53  ASP A O     1 
ATOM   334  C  CB    . ASP A 1 53  ? -3.854  5.677   23.343  1.00 53.24  ? 53  ASP A CB    1 
ATOM   335  C  CG    . ASP A 1 53  ? -5.088  6.196   22.630  1.00 60.33  ? 53  ASP A CG    1 
ATOM   336  O  OD1   . ASP A 1 53  ? -5.716  5.390   21.898  1.00 63.48  ? 53  ASP A OD1   1 
ATOM   337  O  OD2   . ASP A 1 53  ? -5.426  7.397   22.790  1.00 64.14  ? 53  ASP A OD2   1 
ATOM   338  N  N     . ASN A 1 54  ? -1.313  3.361   22.917  1.00 43.63  ? 54  ASN A N     1 
ATOM   339  C  CA    . ASN A 1 54  ? -0.216  2.731   23.625  1.00 42.76  ? 54  ASN A CA    1 
ATOM   340  C  C     . ASN A 1 54  ? 0.906   2.261   22.713  1.00 41.51  ? 54  ASN A C     1 
ATOM   341  O  O     . ASN A 1 54  ? 1.801   1.532   23.141  1.00 41.71  ? 54  ASN A O     1 
ATOM   342  C  CB    . ASN A 1 54  ? -0.740  1.579   24.477  1.00 44.17  ? 54  ASN A CB    1 
ATOM   343  C  CG    . ASN A 1 54  ? -1.597  2.064   25.628  1.00 46.12  ? 54  ASN A CG    1 
ATOM   344  O  OD1   . ASN A 1 54  ? -1.152  2.875   26.447  1.00 47.48  ? 54  ASN A OD1   1 
ATOM   345  N  ND2   . ASN A 1 54  ? -2.832  1.579   25.693  1.00 46.42  ? 54  ASN A ND2   1 
ATOM   346  N  N     . GLY A 1 55  ? 0.858   2.685   21.453  1.00 39.30  ? 55  GLY A N     1 
ATOM   347  C  CA    . GLY A 1 55  ? 1.899   2.313   20.513  1.00 36.23  ? 55  GLY A CA    1 
ATOM   348  C  C     . GLY A 1 55  ? 1.733   0.974   19.822  1.00 34.53  ? 55  GLY A C     1 
ATOM   349  O  O     . GLY A 1 55  ? 2.717   0.394   19.362  1.00 35.54  ? 55  GLY A O     1 
ATOM   350  N  N     . ASN A 1 56  ? 0.502   0.479   19.743  1.00 32.27  ? 56  ASN A N     1 
ATOM   351  C  CA    . ASN A 1 56  ? 0.249   -0.793  19.084  1.00 30.08  ? 56  ASN A CA    1 
ATOM   352  C  C     . ASN A 1 56  ? -0.438  -0.528  17.762  1.00 29.01  ? 56  ASN A C     1 
ATOM   353  O  O     . ASN A 1 56  ? -1.108  0.483   17.593  1.00 28.55  ? 56  ASN A O     1 
ATOM   354  C  CB    . ASN A 1 56  ? -0.658  -1.679  19.935  1.00 31.40  ? 56  ASN A CB    1 
ATOM   355  C  CG    . ASN A 1 56  ? -0.209  -1.760  21.365  1.00 31.98  ? 56  ASN A CG    1 
ATOM   356  O  OD1   . ASN A 1 56  ? 0.916   -2.161  21.656  1.00 31.95  ? 56  ASN A OD1   1 
ATOM   357  N  ND2   . ASN A 1 56  ? -1.087  -1.371  22.275  1.00 33.51  ? 56  ASN A ND2   1 
ATOM   358  N  N     . ILE A 1 57  ? -0.277  -1.453  16.829  1.00 28.47  ? 57  ILE A N     1 
ATOM   359  C  CA    . ILE A 1 57  ? -0.896  -1.329  15.517  1.00 26.55  ? 57  ILE A CA    1 
ATOM   360  C  C     . ILE A 1 57  ? -1.508  -2.677  15.190  1.00 26.24  ? 57  ILE A C     1 
ATOM   361  O  O     . ILE A 1 57  ? -1.024  -3.711  15.643  1.00 26.52  ? 57  ILE A O     1 
ATOM   362  C  CB    . ILE A 1 57  ? 0.142   -0.971  14.423  1.00 25.22  ? 57  ILE A CB    1 
ATOM   363  C  CG1   . ILE A 1 57  ? 1.182   -2.095  14.300  1.00 24.08  ? 57  ILE A CG1   1 
ATOM   364  C  CG2   . ILE A 1 57  ? 0.812   0.360   14.760  1.00 23.74  ? 57  ILE A CG2   1 
ATOM   365  C  CD1   . ILE A 1 57  ? 2.182   -1.915  13.181  1.00 20.62  ? 57  ILE A CD1   1 
ATOM   366  N  N     . PRO A 1 58  ? -2.600  -2.682  14.415  1.00 26.64  ? 58  PRO A N     1 
ATOM   367  C  CA    . PRO A 1 58  ? -3.264  -3.935  14.038  1.00 27.01  ? 58  PRO A CA    1 
ATOM   368  C  C     . PRO A 1 58  ? -2.687  -4.490  12.727  1.00 28.24  ? 58  PRO A C     1 
ATOM   369  O  O     . PRO A 1 58  ? -2.404  -3.731  11.793  1.00 28.95  ? 58  PRO A O     1 
ATOM   370  C  CB    . PRO A 1 58  ? -4.710  -3.505  13.885  1.00 25.91  ? 58  PRO A CB    1 
ATOM   371  C  CG    . PRO A 1 58  ? -4.560  -2.137  13.242  1.00 24.83  ? 58  PRO A CG    1 
ATOM   372  C  CD    . PRO A 1 58  ? -3.402  -1.510  14.005  1.00 25.53  ? 58  PRO A CD    1 
ATOM   373  N  N     . MET A 1 59  ? -2.492  -5.800  12.659  1.00 27.31  ? 59  MET A N     1 
ATOM   374  C  CA    . MET A 1 59  ? -1.972  -6.407  11.441  1.00 27.46  ? 59  MET A CA    1 
ATOM   375  C  C     . MET A 1 59  ? -2.832  -7.602  11.086  1.00 28.70  ? 59  MET A C     1 
ATOM   376  O  O     . MET A 1 59  ? -3.367  -8.266  11.970  1.00 29.74  ? 59  MET A O     1 
ATOM   377  C  CB    . MET A 1 59  ? -0.509  -6.835  11.624  1.00 25.90  ? 59  MET A CB    1 
ATOM   378  C  CG    . MET A 1 59  ? 0.462   -5.656  11.643  1.00 24.78  ? 59  MET A CG    1 
ATOM   379  S  SD    . MET A 1 59  ? 2.221   -6.078  11.546  1.00 25.46  ? 59  MET A SD    1 
ATOM   380  C  CE    . MET A 1 59  ? 2.433   -6.298  9.781   1.00 23.98  ? 59  MET A CE    1 
ATOM   381  N  N     . VAL A 1 60  ? -2.983  -7.861  9.791   1.00 29.75  ? 60  VAL A N     1 
ATOM   382  C  CA    . VAL A 1 60  ? -3.787  -8.991  9.324   1.00 29.96  ? 60  VAL A CA    1 
ATOM   383  C  C     . VAL A 1 60  ? -2.902  -10.124 8.799   1.00 30.88  ? 60  VAL A C     1 
ATOM   384  O  O     . VAL A 1 60  ? -1.822  -9.883  8.259   1.00 30.20  ? 60  VAL A O     1 
ATOM   385  C  CB    . VAL A 1 60  ? -4.760  -8.567  8.190   1.00 29.99  ? 60  VAL A CB    1 
ATOM   386  C  CG1   . VAL A 1 60  ? -5.756  -7.527  8.711   1.00 28.96  ? 60  VAL A CG1   1 
ATOM   387  C  CG2   . VAL A 1 60  ? -3.974  -8.011  7.006   1.00 29.04  ? 60  VAL A CG2   1 
ATOM   388  N  N     . TYR A 1 61  ? -3.364  -11.358 8.974   1.00 31.52  ? 61  TYR A N     1 
ATOM   389  C  CA    . TYR A 1 61  ? -2.643  -12.539 8.504   1.00 32.03  ? 61  TYR A CA    1 
ATOM   390  C  C     . TYR A 1 61  ? -3.440  -13.032 7.302   1.00 33.03  ? 61  TYR A C     1 
ATOM   391  O  O     . TYR A 1 61  ? -4.461  -13.705 7.455   1.00 32.48  ? 61  TYR A O     1 
ATOM   392  C  CB    . TYR A 1 61  ? -2.621  -13.593 9.604   1.00 32.29  ? 61  TYR A CB    1 
ATOM   393  C  CG    . TYR A 1 61  ? -1.717  -14.765 9.335   1.00 31.11  ? 61  TYR A CG    1 
ATOM   394  C  CD1   . TYR A 1 61  ? -0.403  -14.578 8.920   1.00 29.56  ? 61  TYR A CD1   1 
ATOM   395  C  CD2   . TYR A 1 61  ? -2.163  -16.067 9.554   1.00 31.34  ? 61  TYR A CD2   1 
ATOM   396  C  CE1   . TYR A 1 61  ? 0.447   -15.658 8.733   1.00 30.77  ? 61  TYR A CE1   1 
ATOM   397  C  CE2   . TYR A 1 61  ? -1.323  -17.156 9.368   1.00 30.66  ? 61  TYR A CE2   1 
ATOM   398  C  CZ    . TYR A 1 61  ? -0.023  -16.944 8.962   1.00 31.16  ? 61  TYR A CZ    1 
ATOM   399  O  OH    . TYR A 1 61  ? 0.807   -18.025 8.805   1.00 33.27  ? 61  TYR A OH    1 
ATOM   400  N  N     . GLN A 1 62  ? -2.963  -12.687 6.107   1.00 34.99  ? 62  GLN A N     1 
ATOM   401  C  CA    . GLN A 1 62  ? -3.658  -13.030 4.869   1.00 35.09  ? 62  GLN A CA    1 
ATOM   402  C  C     . GLN A 1 62  ? -2.953  -13.942 3.874   1.00 33.54  ? 62  GLN A C     1 
ATOM   403  O  O     . GLN A 1 62  ? -1.752  -13.822 3.622   1.00 33.17  ? 62  GLN A O     1 
ATOM   404  C  CB    . GLN A 1 62  ? -4.056  -11.742 4.152   1.00 37.21  ? 62  GLN A CB    1 
ATOM   405  C  CG    . GLN A 1 62  ? -4.649  -11.954 2.781   1.00 42.80  ? 62  GLN A CG    1 
ATOM   406  C  CD    . GLN A 1 62  ? -5.438  -10.759 2.337   1.00 46.44  ? 62  GLN A CD    1 
ATOM   407  O  OE1   . GLN A 1 62  ? -4.994  -9.620  2.492   1.00 49.79  ? 62  GLN A OE1   1 
ATOM   408  N  NE2   . GLN A 1 62  ? -6.619  -11.002 1.777   1.00 49.43  ? 62  GLN A NE2   1 
ATOM   409  N  N     . TYR A 1 63  ? -3.734  -14.845 3.293   1.00 31.35  ? 63  TYR A N     1 
ATOM   410  C  CA    . TYR A 1 63  ? -3.216  -15.771 2.311   1.00 29.58  ? 63  TYR A CA    1 
ATOM   411  C  C     . TYR A 1 63  ? -2.899  -15.035 1.016   1.00 28.22  ? 63  TYR A C     1 
ATOM   412  O  O     . TYR A 1 63  ? -3.701  -14.236 0.515   1.00 26.94  ? 63  TYR A O     1 
ATOM   413  C  CB    . TYR A 1 63  ? -4.231  -16.873 2.028   1.00 29.56  ? 63  TYR A CB    1 
ATOM   414  C  CG    . TYR A 1 63  ? -3.779  -17.839 0.959   1.00 29.12  ? 63  TYR A CG    1 
ATOM   415  C  CD1   . TYR A 1 63  ? -2.889  -18.868 1.250   1.00 27.64  ? 63  TYR A CD1   1 
ATOM   416  C  CD2   . TYR A 1 63  ? -4.208  -17.690 -0.361  1.00 29.69  ? 63  TYR A CD2   1 
ATOM   417  C  CE1   . TYR A 1 63  ? -2.434  -19.729 0.252   1.00 29.15  ? 63  TYR A CE1   1 
ATOM   418  C  CE2   . TYR A 1 63  ? -3.762  -18.538 -1.364  1.00 29.32  ? 63  TYR A CE2   1 
ATOM   419  C  CZ    . TYR A 1 63  ? -2.875  -19.554 -1.055  1.00 30.10  ? 63  TYR A CZ    1 
ATOM   420  O  OH    . TYR A 1 63  ? -2.413  -20.372 -2.066  1.00 33.73  ? 63  TYR A OH    1 
ATOM   421  N  N     . ARG A 1 64  ? -1.711  -15.311 0.493   1.00 27.57  ? 64  ARG A N     1 
ATOM   422  C  CA    . ARG A 1 64  ? -1.244  -14.723 -0.756  1.00 27.99  ? 64  ARG A CA    1 
ATOM   423  C  C     . ARG A 1 64  ? -0.949  -15.869 -1.719  1.00 27.92  ? 64  ARG A C     1 
ATOM   424  O  O     . ARG A 1 64  ? 0.024   -16.600 -1.561  1.00 28.28  ? 64  ARG A O     1 
ATOM   425  C  CB    . ARG A 1 64  ? 0.017   -13.866 -0.522  1.00 25.11  ? 64  ARG A CB    1 
ATOM   426  C  CG    . ARG A 1 64  ? -0.262  -12.546 0.195   1.00 21.76  ? 64  ARG A CG    1 
ATOM   427  C  CD    . ARG A 1 64  ? -1.277  -11.721 -0.590  1.00 24.02  ? 64  ARG A CD    1 
ATOM   428  N  NE    . ARG A 1 64  ? -1.629  -10.464 0.066   1.00 23.25  ? 64  ARG A NE    1 
ATOM   429  C  CZ    . ARG A 1 64  ? -2.528  -9.594  -0.395  1.00 25.32  ? 64  ARG A CZ    1 
ATOM   430  N  NH1   . ARG A 1 64  ? -3.186  -9.831  -1.530  1.00 22.44  ? 64  ARG A NH1   1 
ATOM   431  N  NH2   . ARG A 1 64  ? -2.772  -8.478  0.282   1.00 25.05  ? 64  ARG A NH2   1 
ATOM   432  N  N     . HIS A 1 65  ? -1.811  -16.030 -2.711  1.00 29.08  ? 65  HIS A N     1 
ATOM   433  C  CA    . HIS A 1 65  ? -1.638  -17.097 -3.674  1.00 29.53  ? 65  HIS A CA    1 
ATOM   434  C  C     . HIS A 1 65  ? -0.258  -17.058 -4.324  1.00 30.90  ? 65  HIS A C     1 
ATOM   435  O  O     . HIS A 1 65  ? 0.345   -18.105 -4.573  1.00 31.88  ? 65  HIS A O     1 
ATOM   436  C  CB    . HIS A 1 65  ? -2.729  -17.013 -4.741  1.00 29.53  ? 65  HIS A CB    1 
ATOM   437  C  CG    . HIS A 1 65  ? -2.647  -18.101 -5.763  1.00 29.61  ? 65  HIS A CG    1 
ATOM   438  N  ND1   . HIS A 1 65  ? -2.642  -19.438 -5.425  1.00 28.95  ? 65  HIS A ND1   1 
ATOM   439  C  CD2   . HIS A 1 65  ? -2.524  -18.052 -7.111  1.00 29.37  ? 65  HIS A CD2   1 
ATOM   440  C  CE1   . HIS A 1 65  ? -2.516  -20.164 -6.520  1.00 29.10  ? 65  HIS A CE1   1 
ATOM   441  N  NE2   . HIS A 1 65  ? -2.442  -19.348 -7.556  1.00 29.70  ? 65  HIS A NE2   1 
ATOM   442  N  N     . THR A 1 66  ? 0.247   -15.855 -4.594  1.00 30.21  ? 66  THR A N     1 
ATOM   443  C  CA    . THR A 1 66  ? 1.561   -15.710 -5.218  1.00 29.41  ? 66  THR A CA    1 
ATOM   444  C  C     . THR A 1 66  ? 2.644   -16.509 -4.501  1.00 29.04  ? 66  THR A C     1 
ATOM   445  O  O     . THR A 1 66  ? 3.534   -17.074 -5.139  1.00 30.01  ? 66  THR A O     1 
ATOM   446  C  CB    . THR A 1 66  ? 2.011   -14.245 -5.249  1.00 28.58  ? 66  THR A CB    1 
ATOM   447  O  OG1   . THR A 1 66  ? 1.827   -13.674 -3.952  1.00 29.18  ? 66  THR A OG1   1 
ATOM   448  C  CG2   . THR A 1 66  ? 1.224   -13.456 -6.275  1.00 27.49  ? 66  THR A CG2   1 
ATOM   449  N  N     . TYR A 1 67  ? 2.573   -16.548 -3.175  1.00 28.59  ? 67  TYR A N     1 
ATOM   450  C  CA    . TYR A 1 67  ? 3.561   -17.275 -2.385  1.00 28.12  ? 67  TYR A CA    1 
ATOM   451  C  C     . TYR A 1 67  ? 3.015   -18.587 -1.872  1.00 27.55  ? 67  TYR A C     1 
ATOM   452  O  O     . TYR A 1 67  ? 3.760   -19.391 -1.332  1.00 28.92  ? 67  TYR A O     1 
ATOM   453  C  CB    . TYR A 1 67  ? 4.032   -16.422 -1.207  1.00 27.87  ? 67  TYR A CB    1 
ATOM   454  C  CG    . TYR A 1 67  ? 4.581   -15.093 -1.656  1.00 28.62  ? 67  TYR A CG    1 
ATOM   455  C  CD1   . TYR A 1 67  ? 5.720   -15.031 -2.459  1.00 26.39  ? 67  TYR A CD1   1 
ATOM   456  C  CD2   . TYR A 1 67  ? 3.930   -13.901 -1.329  1.00 27.11  ? 67  TYR A CD2   1 
ATOM   457  C  CE1   . TYR A 1 67  ? 6.197   -13.817 -2.928  1.00 27.15  ? 67  TYR A CE1   1 
ATOM   458  C  CE2   . TYR A 1 67  ? 4.401   -12.680 -1.796  1.00 26.93  ? 67  TYR A CE2   1 
ATOM   459  C  CZ    . TYR A 1 67  ? 5.533   -12.647 -2.594  1.00 26.81  ? 67  TYR A CZ    1 
ATOM   460  O  OH    . TYR A 1 67  ? 6.010   -11.448 -3.061  1.00 28.31  ? 67  TYR A OH    1 
ATOM   461  N  N     . GLY A 1 68  ? 1.712   -18.794 -2.042  1.00 27.88  ? 68  GLY A N     1 
ATOM   462  C  CA    . GLY A 1 68  ? 1.090   -20.022 -1.586  1.00 27.42  ? 68  GLY A CA    1 
ATOM   463  C  C     . GLY A 1 68  ? 1.033   -20.120 -0.076  1.00 28.48  ? 68  GLY A C     1 
ATOM   464  O  O     . GLY A 1 68  ? 1.007   -21.219 0.465   1.00 30.28  ? 68  GLY A O     1 
ATOM   465  N  N     . ARG A 1 69  ? 1.017   -18.979 0.610   1.00 28.11  ? 69  ARG A N     1 
ATOM   466  C  CA    . ARG A 1 69  ? 0.957   -18.968 2.072   1.00 27.82  ? 69  ARG A CA    1 
ATOM   467  C  C     . ARG A 1 69  ? 0.415   -17.643 2.625   1.00 28.87  ? 69  ARG A C     1 
ATOM   468  O  O     . ARG A 1 69  ? 0.230   -16.672 1.883   1.00 28.07  ? 69  ARG A O     1 
ATOM   469  C  CB    . ARG A 1 69  ? 2.346   -19.253 2.661   1.00 25.68  ? 69  ARG A CB    1 
ATOM   470  C  CG    . ARG A 1 69  ? 3.336   -18.112 2.550   1.00 25.29  ? 69  ARG A CG    1 
ATOM   471  C  CD    . ARG A 1 69  ? 4.727   -18.592 2.892   1.00 25.73  ? 69  ARG A CD    1 
ATOM   472  N  NE    . ARG A 1 69  ? 5.688   -17.503 3.028   1.00 25.29  ? 69  ARG A NE    1 
ATOM   473  C  CZ    . ARG A 1 69  ? 5.883   -16.810 4.144   1.00 27.23  ? 69  ARG A CZ    1 
ATOM   474  N  NH1   . ARG A 1 69  ? 5.186   -17.086 5.243   1.00 26.15  ? 69  ARG A NH1   1 
ATOM   475  N  NH2   . ARG A 1 69  ? 6.777   -15.834 4.157   1.00 29.21  ? 69  ARG A NH2   1 
ATOM   476  N  N     . ARG A 1 70  ? 0.148   -17.615 3.930   1.00 29.80  ? 70  ARG A N     1 
ATOM   477  C  CA    . ARG A 1 70  ? -0.375  -16.418 4.576   1.00 30.41  ? 70  ARG A CA    1 
ATOM   478  C  C     . ARG A 1 70  ? 0.779   -15.553 5.049   1.00 28.77  ? 70  ARG A C     1 
ATOM   479  O  O     . ARG A 1 70  ? 1.782   -16.057 5.560   1.00 27.64  ? 70  ARG A O     1 
ATOM   480  C  CB    . ARG A 1 70  ? -1.256  -16.796 5.765   1.00 33.89  ? 70  ARG A CB    1 
ATOM   481  C  CG    . ARG A 1 70  ? -2.422  -17.698 5.409   1.00 38.56  ? 70  ARG A CG    1 
ATOM   482  C  CD    . ARG A 1 70  ? -3.011  -18.286 6.674   1.00 45.72  ? 70  ARG A CD    1 
ATOM   483  N  NE    . ARG A 1 70  ? -3.834  -19.468 6.420   1.00 51.67  ? 70  ARG A NE    1 
ATOM   484  C  CZ    . ARG A 1 70  ? -5.046  -19.429 5.880   1.00 54.33  ? 70  ARG A CZ    1 
ATOM   485  N  NH1   . ARG A 1 70  ? -5.584  -18.264 5.533   1.00 55.07  ? 70  ARG A NH1   1 
ATOM   486  N  NH2   . ARG A 1 70  ? -5.722  -20.557 5.689   1.00 55.81  ? 70  ARG A NH2   1 
ATOM   487  N  N     . LEU A 1 71  ? 0.633   -14.245 4.870   1.00 27.22  ? 71  LEU A N     1 
ATOM   488  C  CA    . LEU A 1 71  ? 1.666   -13.303 5.275   1.00 25.79  ? 71  LEU A CA    1 
ATOM   489  C  C     . LEU A 1 71  ? 1.054   -12.315 6.229   1.00 24.50  ? 71  LEU A C     1 
ATOM   490  O  O     . LEU A 1 71  ? -0.136  -12.040 6.145   1.00 24.10  ? 71  LEU A O     1 
ATOM   491  C  CB    . LEU A 1 71  ? 2.201   -12.523 4.066   1.00 24.69  ? 71  LEU A CB    1 
ATOM   492  C  CG    . LEU A 1 71  ? 2.895   -13.289 2.947   1.00 24.65  ? 71  LEU A CG    1 
ATOM   493  C  CD1   . LEU A 1 71  ? 3.291   -12.313 1.844   1.00 24.18  ? 71  LEU A CD1   1 
ATOM   494  C  CD2   . LEU A 1 71  ? 4.110   -14.018 3.502   1.00 23.28  ? 71  LEU A CD2   1 
ATOM   495  N  N     . TRP A 1 72  ? 1.863   -11.791 7.142   1.00 23.99  ? 72  TRP A N     1 
ATOM   496  C  CA    . TRP A 1 72  ? 1.379   -10.768 8.059   1.00 24.45  ? 72  TRP A CA    1 
ATOM   497  C  C     . TRP A 1 72  ? 1.468   -9.439  7.295   1.00 25.35  ? 72  TRP A C     1 
ATOM   498  O  O     . TRP A 1 72  ? 2.521   -9.112  6.722   1.00 25.09  ? 72  TRP A O     1 
ATOM   499  C  CB    . TRP A 1 72  ? 2.226   -10.734 9.334   1.00 23.06  ? 72  TRP A CB    1 
ATOM   500  C  CG    . TRP A 1 72  ? 1.759   -11.741 10.317  1.00 23.07  ? 72  TRP A CG    1 
ATOM   501  C  CD1   . TRP A 1 72  ? 2.284   -12.985 10.539  1.00 23.96  ? 72  TRP A CD1   1 
ATOM   502  C  CD2   . TRP A 1 72  ? 0.595   -11.640 11.145  1.00 23.48  ? 72  TRP A CD2   1 
ATOM   503  N  NE1   . TRP A 1 72  ? 1.510   -13.668 11.455  1.00 25.03  ? 72  TRP A NE1   1 
ATOM   504  C  CE2   . TRP A 1 72  ? 0.469   -12.864 11.842  1.00 24.59  ? 72  TRP A CE2   1 
ATOM   505  C  CE3   . TRP A 1 72  ? -0.358  -10.634 11.365  1.00 25.34  ? 72  TRP A CE3   1 
ATOM   506  C  CZ2   . TRP A 1 72  ? -0.573  -13.106 12.745  1.00 24.68  ? 72  TRP A CZ2   1 
ATOM   507  C  CZ3   . TRP A 1 72  ? -1.398  -10.876 12.265  1.00 24.46  ? 72  TRP A CZ3   1 
ATOM   508  C  CH2   . TRP A 1 72  ? -1.494  -12.101 12.941  1.00 24.92  ? 72  TRP A CH2   1 
ATOM   509  N  N     . GLU A 1 73  ? 0.366   -8.683  7.278   1.00 23.85  ? 73  GLU A N     1 
ATOM   510  C  CA    . GLU A 1 73  ? 0.325   -7.422  6.543   1.00 24.73  ? 73  GLU A CA    1 
ATOM   511  C  C     . GLU A 1 73  ? -0.463  -6.310  7.207   1.00 25.18  ? 73  GLU A C     1 
ATOM   512  O  O     . GLU A 1 73  ? -1.195  -6.529  8.170   1.00 27.19  ? 73  GLU A O     1 
ATOM   513  C  CB    . GLU A 1 73  ? -0.296  -7.646  5.169   1.00 23.61  ? 73  GLU A CB    1 
ATOM   514  C  CG    . GLU A 1 73  ? -0.051  -9.011  4.593   1.00 22.23  ? 73  GLU A CG    1 
ATOM   515  C  CD    . GLU A 1 73  ? -0.686  -9.168  3.234   1.00 23.65  ? 73  GLU A CD    1 
ATOM   516  O  OE1   . GLU A 1 73  ? -1.852  -8.744  3.066   1.00 21.66  ? 73  GLU A OE1   1 
ATOM   517  O  OE2   . GLU A 1 73  ? -0.013  -9.722  2.334   1.00 25.35  ? 73  GLU A OE2   1 
ATOM   518  N  N     . LEU A 1 74  ? -0.317  -5.110  6.663   1.00 25.02  ? 74  LEU A N     1 
ATOM   519  C  CA    . LEU A 1 74  ? -1.055  -3.958  7.158   1.00 24.07  ? 74  LEU A CA    1 
ATOM   520  C  C     . LEU A 1 74  ? -2.364  -3.951  6.376   1.00 26.08  ? 74  LEU A C     1 
ATOM   521  O  O     . LEU A 1 74  ? -2.420  -4.450  5.241   1.00 27.38  ? 74  LEU A O     1 
ATOM   522  C  CB    . LEU A 1 74  ? -0.316  -2.650  6.853   1.00 20.79  ? 74  LEU A CB    1 
ATOM   523  C  CG    . LEU A 1 74  ? 1.043   -2.353  7.484   1.00 20.53  ? 74  LEU A CG    1 
ATOM   524  C  CD1   . LEU A 1 74  ? 1.588   -1.067  6.885   1.00 16.25  ? 74  LEU A CD1   1 
ATOM   525  C  CD2   . LEU A 1 74  ? 0.904   -2.243  9.006   1.00 19.09  ? 74  LEU A CD2   1 
ATOM   526  N  N     . PRO A 1 75  ? -3.442  -3.419  6.974   1.00 24.67  ? 75  PRO A N     1 
ATOM   527  C  CA    . PRO A 1 75  ? -4.705  -3.385  6.233   1.00 24.77  ? 75  PRO A CA    1 
ATOM   528  C  C     . PRO A 1 75  ? -4.427  -2.626  4.924   1.00 25.31  ? 75  PRO A C     1 
ATOM   529  O  O     . PRO A 1 75  ? -3.809  -1.561  4.944   1.00 26.43  ? 75  PRO A O     1 
ATOM   530  C  CB    . PRO A 1 75  ? -5.621  -2.602  7.166   1.00 23.78  ? 75  PRO A CB    1 
ATOM   531  C  CG    . PRO A 1 75  ? -5.124  -3.022  8.529   1.00 23.95  ? 75  PRO A CG    1 
ATOM   532  C  CD    . PRO A 1 75  ? -3.626  -2.986  8.371   1.00 22.92  ? 75  PRO A CD    1 
ATOM   533  N  N     . ALA A 1 76  ? -4.863  -3.166  3.795   1.00 23.74  ? 76  ALA A N     1 
ATOM   534  C  CA    . ALA A 1 76  ? -4.611  -2.496  2.533   1.00 24.34  ? 76  ALA A CA    1 
ATOM   535  C  C     . ALA A 1 76  ? -5.585  -2.886  1.421   1.00 25.07  ? 76  ALA A C     1 
ATOM   536  O  O     . ALA A 1 76  ? -6.103  -4.002  1.386   1.00 26.66  ? 76  ALA A O     1 
ATOM   537  C  CB    . ALA A 1 76  ? -3.184  -2.771  2.098   1.00 24.69  ? 76  ALA A CB    1 
ATOM   538  N  N     . GLY A 1 77  ? -5.825  -1.948  0.511   1.00 25.80  ? 77  GLY A N     1 
ATOM   539  C  CA    . GLY A 1 77  ? -6.724  -2.195  -0.597  1.00 26.08  ? 77  GLY A CA    1 
ATOM   540  C  C     . GLY A 1 77  ? -6.267  -1.479  -1.853  1.00 27.64  ? 77  GLY A C     1 
ATOM   541  O  O     . GLY A 1 77  ? -5.546  -0.482  -1.785  1.00 26.97  ? 77  GLY A O     1 
ATOM   542  N  N     . LEU A 1 78  ? -6.685  -1.993  -3.007  1.00 28.99  ? 78  LEU A N     1 
ATOM   543  C  CA    . LEU A 1 78  ? -6.332  -1.408  -4.295  1.00 29.17  ? 78  LEU A CA    1 
ATOM   544  C  C     . LEU A 1 78  ? -7.116  -0.130  -4.537  1.00 30.60  ? 78  LEU A C     1 
ATOM   545  O  O     . LEU A 1 78  ? -8.219  0.033   -4.018  1.00 31.55  ? 78  LEU A O     1 
ATOM   546  C  CB    . LEU A 1 78  ? -6.665  -2.383  -5.420  1.00 28.24  ? 78  LEU A CB    1 
ATOM   547  C  CG    . LEU A 1 78  ? -6.008  -3.757  -5.410  1.00 28.36  ? 78  LEU A CG    1 
ATOM   548  C  CD1   . LEU A 1 78  ? -6.622  -4.616  -6.495  1.00 28.31  ? 78  LEU A CD1   1 
ATOM   549  C  CD2   . LEU A 1 78  ? -4.525  -3.603  -5.631  1.00 27.94  ? 78  LEU A CD2   1 
ATOM   550  N  N     . LEU A 1 79  ? -6.543  0.777   -5.320  1.00 32.16  ? 79  LEU A N     1 
ATOM   551  C  CA    . LEU A 1 79  ? -7.229  2.019   -5.675  1.00 33.28  ? 79  LEU A CA    1 
ATOM   552  C  C     . LEU A 1 79  ? -8.076  1.684   -6.911  1.00 34.08  ? 79  LEU A C     1 
ATOM   553  O  O     . LEU A 1 79  ? -7.851  2.222   -7.998  1.00 33.71  ? 79  LEU A O     1 
ATOM   554  C  CB    . LEU A 1 79  ? -6.217  3.112   -6.023  1.00 32.52  ? 79  LEU A CB    1 
ATOM   555  C  CG    . LEU A 1 79  ? -5.397  3.716   -4.885  1.00 34.19  ? 79  LEU A CG    1 
ATOM   556  C  CD1   . LEU A 1 79  ? -4.407  4.717   -5.466  1.00 33.76  ? 79  LEU A CD1   1 
ATOM   557  C  CD2   . LEU A 1 79  ? -6.322  4.395   -3.875  1.00 33.49  ? 79  LEU A CD2   1 
ATOM   558  N  N     . ASP A 1 80  ? -9.036  0.781   -6.738  1.00 35.60  ? 80  ASP A N     1 
ATOM   559  C  CA    . ASP A 1 80  ? -9.881  0.350   -7.840  1.00 39.10  ? 80  ASP A CA    1 
ATOM   560  C  C     . ASP A 1 80  ? -11.231 1.048   -7.920  1.00 42.32  ? 80  ASP A C     1 
ATOM   561  O  O     . ASP A 1 80  ? -12.092 0.632   -8.699  1.00 42.78  ? 80  ASP A O     1 
ATOM   562  C  CB    . ASP A 1 80  ? -10.114 -1.153  -7.768  1.00 39.04  ? 80  ASP A CB    1 
ATOM   563  C  CG    . ASP A 1 80  ? -10.787 -1.571  -6.481  1.00 40.67  ? 80  ASP A CG    1 
ATOM   564  O  OD1   . ASP A 1 80  ? -11.454 -0.717  -5.855  1.00 42.59  ? 80  ASP A OD1   1 
ATOM   565  O  OD2   . ASP A 1 80  ? -10.664 -2.755  -6.099  1.00 41.61  ? 80  ASP A OD2   1 
ATOM   566  N  N     . VAL A 1 81  ? -11.426 2.092   -7.119  1.00 44.21  ? 81  VAL A N     1 
ATOM   567  C  CA    . VAL A 1 81  ? -12.685 2.832   -7.142  1.00 45.06  ? 81  VAL A CA    1 
ATOM   568  C  C     . VAL A 1 81  ? -12.459 4.177   -7.823  1.00 45.42  ? 81  VAL A C     1 
ATOM   569  O  O     . VAL A 1 81  ? -12.079 5.160   -7.182  1.00 45.78  ? 81  VAL A O     1 
ATOM   570  C  CB    . VAL A 1 81  ? -13.234 3.059   -5.723  1.00 44.89  ? 81  VAL A CB    1 
ATOM   571  C  CG1   . VAL A 1 81  ? -14.522 3.846   -5.796  1.00 45.87  ? 81  VAL A CG1   1 
ATOM   572  C  CG2   . VAL A 1 81  ? -13.476 1.716   -5.036  1.00 44.93  ? 81  VAL A CG2   1 
ATOM   573  N  N     . ALA A 1 82  ? -12.698 4.196   -9.134  1.00 45.97  ? 82  ALA A N     1 
ATOM   574  C  CA    . ALA A 1 82  ? -12.518 5.376   -9.975  1.00 45.67  ? 82  ALA A CA    1 
ATOM   575  C  C     . ALA A 1 82  ? -12.942 6.671   -9.311  1.00 46.66  ? 82  ALA A C     1 
ATOM   576  O  O     . ALA A 1 82  ? -14.039 6.765   -8.765  1.00 48.24  ? 82  ALA A O     1 
ATOM   577  C  CB    . ALA A 1 82  ? -13.274 5.198   -11.279 1.00 44.15  ? 82  ALA A CB    1 
ATOM   578  N  N     . GLY A 1 83  ? -12.066 7.669   -9.359  1.00 46.96  ? 83  GLY A N     1 
ATOM   579  C  CA    . GLY A 1 83  ? -12.378 8.959   -8.772  1.00 46.94  ? 83  GLY A CA    1 
ATOM   580  C  C     . GLY A 1 83  ? -12.414 9.020   -7.253  1.00 46.84  ? 83  GLY A C     1 
ATOM   581  O  O     . GLY A 1 83  ? -12.657 10.089  -6.688  1.00 47.22  ? 83  GLY A O     1 
ATOM   582  N  N     . GLU A 1 84  ? -12.176 7.895   -6.584  1.00 46.47  ? 84  GLU A N     1 
ATOM   583  C  CA    . GLU A 1 84  ? -12.187 7.873   -5.122  1.00 45.97  ? 84  GLU A CA    1 
ATOM   584  C  C     . GLU A 1 84  ? -10.839 8.317   -4.540  1.00 45.30  ? 84  GLU A C     1 
ATOM   585  O  O     . GLU A 1 84  ? -9.799  7.743   -4.858  1.00 46.28  ? 84  GLU A O     1 
ATOM   586  C  CB    . GLU A 1 84  ? -12.525 6.471   -4.619  1.00 45.39  ? 84  GLU A CB    1 
ATOM   587  C  CG    . GLU A 1 84  ? -12.769 6.421   -3.132  1.00 46.55  ? 84  GLU A CG    1 
ATOM   588  C  CD    . GLU A 1 84  ? -13.134 5.039   -2.648  1.00 47.94  ? 84  GLU A CD    1 
ATOM   589  O  OE1   . GLU A 1 84  ? -12.245 4.163   -2.603  1.00 47.88  ? 84  GLU A OE1   1 
ATOM   590  O  OE2   . GLU A 1 84  ? -14.318 4.829   -2.314  1.00 50.76  ? 84  GLU A OE2   1 
ATOM   591  N  N     . PRO A 1 85  ? -10.841 9.352   -3.681  1.00 44.56  ? 85  PRO A N     1 
ATOM   592  C  CA    . PRO A 1 85  ? -9.592  9.834   -3.082  1.00 43.07  ? 85  PRO A CA    1 
ATOM   593  C  C     . PRO A 1 85  ? -8.897  8.707   -2.321  1.00 42.21  ? 85  PRO A C     1 
ATOM   594  O  O     . PRO A 1 85  ? -9.550  7.929   -1.622  1.00 44.11  ? 85  PRO A O     1 
ATOM   595  C  CB    . PRO A 1 85  ? -10.062 10.949  -2.146  1.00 42.91  ? 85  PRO A CB    1 
ATOM   596  C  CG    . PRO A 1 85  ? -11.310 11.440  -2.797  1.00 42.62  ? 85  PRO A CG    1 
ATOM   597  C  CD    . PRO A 1 85  ? -11.985 10.156  -3.218  1.00 44.46  ? 85  PRO A CD    1 
ATOM   598  N  N     . PRO A 1 86  ? -7.566  8.604   -2.445  1.00 40.48  ? 86  PRO A N     1 
ATOM   599  C  CA    . PRO A 1 86  ? -6.806  7.558   -1.760  1.00 39.10  ? 86  PRO A CA    1 
ATOM   600  C  C     . PRO A 1 86  ? -7.083  7.394   -0.261  1.00 38.72  ? 86  PRO A C     1 
ATOM   601  O  O     . PRO A 1 86  ? -7.325  6.279   0.200   1.00 36.58  ? 86  PRO A O     1 
ATOM   602  C  CB    . PRO A 1 86  ? -5.363  7.952   -2.043  1.00 37.97  ? 86  PRO A CB    1 
ATOM   603  C  CG    . PRO A 1 86  ? -5.457  8.523   -3.404  1.00 38.26  ? 86  PRO A CG    1 
ATOM   604  C  CD    . PRO A 1 86  ? -6.679  9.402   -3.306  1.00 39.65  ? 86  PRO A CD    1 
ATOM   605  N  N     . HIS A 1 87  ? -7.058  8.484   0.501   1.00 39.78  ? 87  HIS A N     1 
ATOM   606  C  CA    . HIS A 1 87  ? -7.286  8.354   1.938   1.00 43.11  ? 87  HIS A CA    1 
ATOM   607  C  C     . HIS A 1 87  ? -8.710  7.948   2.295   1.00 42.40  ? 87  HIS A C     1 
ATOM   608  O  O     . HIS A 1 87  ? -8.967  7.482   3.412   1.00 42.28  ? 87  HIS A O     1 
ATOM   609  C  CB    . HIS A 1 87  ? -6.897  9.632   2.690   1.00 47.79  ? 87  HIS A CB    1 
ATOM   610  C  CG    . HIS A 1 87  ? -7.792  10.795  2.419   1.00 52.72  ? 87  HIS A CG    1 
ATOM   611  N  ND1   . HIS A 1 87  ? -7.747  11.510  1.241   1.00 55.29  ? 87  HIS A ND1   1 
ATOM   612  C  CD2   . HIS A 1 87  ? -8.758  11.369  3.174   1.00 54.58  ? 87  HIS A CD2   1 
ATOM   613  C  CE1   . HIS A 1 87  ? -8.647  12.476  1.281   1.00 56.50  ? 87  HIS A CE1   1 
ATOM   614  N  NE2   . HIS A 1 87  ? -9.275  12.412  2.443   1.00 57.68  ? 87  HIS A NE2   1 
ATOM   615  N  N     . LEU A 1 88  ? -9.632  8.126   1.352   1.00 41.19  ? 88  LEU A N     1 
ATOM   616  C  CA    . LEU A 1 88  ? -11.012 7.724   1.578   1.00 40.20  ? 88  LEU A CA    1 
ATOM   617  C  C     . LEU A 1 88  ? -10.990 6.207   1.385   1.00 38.60  ? 88  LEU A C     1 
ATOM   618  O  O     . LEU A 1 88  ? -11.619 5.452   2.132   1.00 37.84  ? 88  LEU A O     1 
ATOM   619  C  CB    . LEU A 1 88  ? -11.940 8.400   0.564   1.00 43.21  ? 88  LEU A CB    1 
ATOM   620  C  CG    . LEU A 1 88  ? -13.455 8.267   0.779   1.00 44.89  ? 88  LEU A CG    1 
ATOM   621  C  CD1   . LEU A 1 88  ? -14.173 9.291   -0.081  1.00 46.28  ? 88  LEU A CD1   1 
ATOM   622  C  CD2   . LEU A 1 88  ? -13.928 6.863   0.438   1.00 45.56  ? 88  LEU A CD2   1 
ATOM   623  N  N     . THR A 1 89  ? -10.245 5.764   0.380   1.00 36.92  ? 89  THR A N     1 
ATOM   624  C  CA    . THR A 1 89  ? -10.100 4.337   0.124   1.00 35.27  ? 89  THR A CA    1 
ATOM   625  C  C     . THR A 1 89  ? -9.432  3.732   1.364   1.00 33.38  ? 89  THR A C     1 
ATOM   626  O  O     . THR A 1 89  ? -9.865  2.705   1.882   1.00 32.97  ? 89  THR A O     1 
ATOM   627  C  CB    . THR A 1 89  ? -9.186  4.076   -1.089  1.00 35.79  ? 89  THR A CB    1 
ATOM   628  O  OG1   . THR A 1 89  ? -9.703  4.760   -2.236  1.00 37.02  ? 89  THR A OG1   1 
ATOM   629  C  CG2   . THR A 1 89  ? -9.101  2.585   -1.382  1.00 35.97  ? 89  THR A CG2   1 
ATOM   630  N  N     . ALA A 1 90  ? -8.375  4.387   1.832   1.00 31.83  ? 90  ALA A N     1 
ATOM   631  C  CA    . ALA A 1 90  ? -7.637  3.931   3.002   1.00 31.83  ? 90  ALA A CA    1 
ATOM   632  C  C     . ALA A 1 90  ? -8.565  3.812   4.204   1.00 32.30  ? 90  ALA A C     1 
ATOM   633  O  O     . ALA A 1 90  ? -8.640  2.760   4.839   1.00 32.50  ? 90  ALA A O     1 
ATOM   634  C  CB    . ALA A 1 90  ? -6.494  4.904   3.313   1.00 29.95  ? 90  ALA A CB    1 
ATOM   635  N  N     . ALA A 1 91  ? -9.270  4.896   4.512   1.00 33.67  ? 91  ALA A N     1 
ATOM   636  C  CA    . ALA A 1 91  ? -10.195 4.911   5.645   1.00 33.83  ? 91  ALA A CA    1 
ATOM   637  C  C     . ALA A 1 91  ? -11.236 3.802   5.525   1.00 33.91  ? 91  ALA A C     1 
ATOM   638  O  O     . ALA A 1 91  ? -11.602 3.168   6.516   1.00 33.02  ? 91  ALA A O     1 
ATOM   639  C  CB    . ALA A 1 91  ? -10.878 6.255   5.731   1.00 33.46  ? 91  ALA A CB    1 
ATOM   640  N  N     . ARG A 1 92  ? -11.708 3.570   4.308   1.00 34.67  ? 92  ARG A N     1 
ATOM   641  C  CA    . ARG A 1 92  ? -12.696 2.530   4.069   1.00 36.26  ? 92  ARG A CA    1 
ATOM   642  C  C     . ARG A 1 92  ? -12.112 1.158   4.427   1.00 35.65  ? 92  ARG A C     1 
ATOM   643  O  O     . ARG A 1 92  ? -12.754 0.342   5.088   1.00 34.12  ? 92  ARG A O     1 
ATOM   644  C  CB    . ARG A 1 92  ? -13.116 2.558   2.603   1.00 38.69  ? 92  ARG A CB    1 
ATOM   645  C  CG    . ARG A 1 92  ? -14.449 1.905   2.339   1.00 44.18  ? 92  ARG A CG    1 
ATOM   646  C  CD    . ARG A 1 92  ? -14.306 0.621   1.549   1.00 48.61  ? 92  ARG A CD    1 
ATOM   647  N  NE    . ARG A 1 92  ? -13.561 0.788   0.300   1.00 52.52  ? 92  ARG A NE    1 
ATOM   648  C  CZ    . ARG A 1 92  ? -13.751 1.774   -0.575  1.00 53.82  ? 92  ARG A CZ    1 
ATOM   649  N  NH1   . ARG A 1 92  ? -14.664 2.711   -0.349  1.00 54.03  ? 92  ARG A NH1   1 
ATOM   650  N  NH2   . ARG A 1 92  ? -13.031 1.817   -1.690  1.00 54.63  ? 92  ARG A NH2   1 
ATOM   651  N  N     . GLU A 1 93  ? -10.876 0.922   4.002   1.00 36.02  ? 93  GLU A N     1 
ATOM   652  C  CA    . GLU A 1 93  ? -10.210 -0.343  4.264   1.00 35.82  ? 93  GLU A CA    1 
ATOM   653  C  C     . GLU A 1 93  ? -9.954  -0.544  5.751   1.00 34.85  ? 93  GLU A C     1 
ATOM   654  O  O     . GLU A 1 93  ? -10.137 -1.641  6.269   1.00 34.48  ? 93  GLU A O     1 
ATOM   655  C  CB    . GLU A 1 93  ? -8.879  -0.407  3.517   1.00 37.01  ? 93  GLU A CB    1 
ATOM   656  C  CG    . GLU A 1 93  ? -8.455  -1.818  3.156   1.00 42.21  ? 93  GLU A CG    1 
ATOM   657  C  CD    . GLU A 1 93  ? -9.391  -2.453  2.139   1.00 44.57  ? 93  GLU A CD    1 
ATOM   658  O  OE1   . GLU A 1 93  ? -9.862  -1.721  1.243   1.00 44.68  ? 93  GLU A OE1   1 
ATOM   659  O  OE2   . GLU A 1 93  ? -9.644  -3.676  2.216   1.00 51.72  ? 93  GLU A OE2   1 
ATOM   660  N  N     . LEU A 1 94  ? -9.523  0.510   6.439   1.00 34.67  ? 94  LEU A N     1 
ATOM   661  C  CA    . LEU A 1 94  ? -9.245  0.397   7.863   1.00 33.50  ? 94  LEU A CA    1 
ATOM   662  C  C     . LEU A 1 94  ? -10.504 -0.057  8.577   1.00 34.35  ? 94  LEU A C     1 
ATOM   663  O  O     . LEU A 1 94  ? -10.443 -0.887  9.478   1.00 33.49  ? 94  LEU A O     1 
ATOM   664  C  CB    . LEU A 1 94  ? -8.782  1.732   8.442   1.00 33.38  ? 94  LEU A CB    1 
ATOM   665  C  CG    . LEU A 1 94  ? -8.482  1.669   9.944   1.00 33.41  ? 94  LEU A CG    1 
ATOM   666  C  CD1   . LEU A 1 94  ? -7.287  0.767   10.197  1.00 32.45  ? 94  LEU A CD1   1 
ATOM   667  C  CD2   . LEU A 1 94  ? -8.209  3.060   10.466  1.00 33.50  ? 94  LEU A CD2   1 
ATOM   668  N  N     . ARG A 1 95  ? -11.647 0.488   8.164   1.00 35.65  ? 95  ARG A N     1 
ATOM   669  C  CA    . ARG A 1 95  ? -12.923 0.118   8.765   1.00 35.76  ? 95  ARG A CA    1 
ATOM   670  C  C     . ARG A 1 95  ? -13.288 -1.306  8.396   1.00 35.76  ? 95  ARG A C     1 
ATOM   671  O  O     . ARG A 1 95  ? -13.492 -2.141  9.271   1.00 35.78  ? 95  ARG A O     1 
ATOM   672  C  CB    . ARG A 1 95  ? -14.041 1.054   8.301   1.00 37.38  ? 95  ARG A CB    1 
ATOM   673  C  CG    . ARG A 1 95  ? -15.424 0.670   8.825   1.00 38.42  ? 95  ARG A CG    1 
ATOM   674  C  CD    . ARG A 1 95  ? -16.509 1.647   8.379   1.00 42.12  ? 95  ARG A CD    1 
ATOM   675  N  NE    . ARG A 1 95  ? -16.575 1.795   6.924   1.00 44.88  ? 95  ARG A NE    1 
ATOM   676  C  CZ    . ARG A 1 95  ? -16.181 2.885   6.262   1.00 47.04  ? 95  ARG A CZ    1 
ATOM   677  N  NH1   . ARG A 1 95  ? -15.689 3.933   6.925   1.00 45.69  ? 95  ARG A NH1   1 
ATOM   678  N  NH2   . ARG A 1 95  ? -16.276 2.930   4.933   1.00 44.61  ? 95  ARG A NH2   1 
ATOM   679  N  N     . GLU A 1 96  ? -13.363 -1.586  7.099   1.00 36.73  ? 96  GLU A N     1 
ATOM   680  C  CA    . GLU A 1 96  ? -13.723 -2.922  6.634   1.00 37.88  ? 96  GLU A CA    1 
ATOM   681  C  C     . GLU A 1 96  ? -12.760 -4.001  7.108   1.00 39.19  ? 96  GLU A C     1 
ATOM   682  O  O     . GLU A 1 96  ? -13.179 -5.076  7.530   1.00 38.30  ? 96  GLU A O     1 
ATOM   683  C  CB    . GLU A 1 96  ? -13.780 -2.957  5.109   1.00 38.14  ? 96  GLU A CB    1 
ATOM   684  C  CG    . GLU A 1 96  ? -14.704 -1.926  4.496   1.00 41.94  ? 96  GLU A CG    1 
ATOM   685  C  CD    . GLU A 1 96  ? -14.824 -2.071  2.987   1.00 43.08  ? 96  GLU A CD    1 
ATOM   686  O  OE1   . GLU A 1 96  ? -13.779 -2.251  2.317   1.00 45.52  ? 96  GLU A OE1   1 
ATOM   687  O  OE2   . GLU A 1 96  ? -15.962 -1.993  2.471   1.00 43.84  ? 96  GLU A OE2   1 
ATOM   688  N  N     . GLU A 1 97  ? -11.467 -3.701  7.040   1.00 41.38  ? 97  GLU A N     1 
ATOM   689  C  CA    . GLU A 1 97  ? -10.427 -4.648  7.416   1.00 42.83  ? 97  GLU A CA    1 
ATOM   690  C  C     . GLU A 1 97  ? -10.309 -4.935  8.908   1.00 41.17  ? 97  GLU A C     1 
ATOM   691  O  O     . GLU A 1 97  ? -10.314 -6.089  9.316   1.00 40.29  ? 97  GLU A O     1 
ATOM   692  C  CB    . GLU A 1 97  ? -9.076  -4.158  6.902   1.00 47.73  ? 97  GLU A CB    1 
ATOM   693  C  CG    . GLU A 1 97  ? -8.177  -5.262  6.395   1.00 56.24  ? 97  GLU A CG    1 
ATOM   694  C  CD    . GLU A 1 97  ? -8.462  -5.635  4.945   1.00 60.41  ? 97  GLU A CD    1 
ATOM   695  O  OE1   . GLU A 1 97  ? -8.021  -4.895  4.026   1.00 58.96  ? 97  GLU A OE1   1 
ATOM   696  O  OE2   . GLU A 1 97  ? -9.133  -6.671  4.737   1.00 63.48  ? 97  GLU A OE2   1 
ATOM   697  N  N     . VAL A 1 98  ? -10.187 -3.893  9.723   1.00 39.63  ? 98  VAL A N     1 
ATOM   698  C  CA    . VAL A 1 98  ? -10.044 -4.096  11.158  1.00 36.47  ? 98  VAL A CA    1 
ATOM   699  C  C     . VAL A 1 98  ? -11.061 -3.367  12.039  1.00 36.26  ? 98  VAL A C     1 
ATOM   700  O  O     . VAL A 1 98  ? -10.855 -3.227  13.237  1.00 36.42  ? 98  VAL A O     1 
ATOM   701  C  CB    . VAL A 1 98  ? -8.606  -3.742  11.614  1.00 35.62  ? 98  VAL A CB    1 
ATOM   702  C  CG1   . VAL A 1 98  ? -7.638  -4.801  11.117  1.00 35.25  ? 98  VAL A CG1   1 
ATOM   703  C  CG2   . VAL A 1 98  ? -8.198  -2.395  11.064  1.00 34.35  ? 98  VAL A CG2   1 
ATOM   704  N  N     . GLY A 1 99  ? -12.159 -2.913  11.440  1.00 37.06  ? 99  GLY A N     1 
ATOM   705  C  CA    . GLY A 1 99  ? -13.213 -2.231  12.184  1.00 37.59  ? 99  GLY A CA    1 
ATOM   706  C  C     . GLY A 1 99  ? -12.802 -1.037  13.026  1.00 38.15  ? 99  GLY A C     1 
ATOM   707  O  O     . GLY A 1 99  ? -13.293 -0.847  14.146  1.00 39.11  ? 99  GLY A O     1 
ATOM   708  N  N     . LEU A 1 100 ? -11.904 -0.225  12.487  1.00 37.96  ? 100 LEU A N     1 
ATOM   709  C  CA    . LEU A 1 100 ? -11.425 0.946   13.197  1.00 36.64  ? 100 LEU A CA    1 
ATOM   710  C  C     . LEU A 1 100 ? -11.668 2.217   12.412  1.00 37.06  ? 100 LEU A C     1 
ATOM   711  O  O     . LEU A 1 100 ? -11.663 2.221   11.176  1.00 36.60  ? 100 LEU A O     1 
ATOM   712  C  CB    . LEU A 1 100 ? -9.925  0.830   13.477  1.00 36.14  ? 100 LEU A CB    1 
ATOM   713  C  CG    . LEU A 1 100 ? -9.451  -0.211  14.484  1.00 36.37  ? 100 LEU A CG    1 
ATOM   714  C  CD1   . LEU A 1 100 ? -7.925  -0.182  14.575  1.00 36.24  ? 100 LEU A CD1   1 
ATOM   715  C  CD2   . LEU A 1 100 ? -10.076 0.088   15.834  1.00 35.73  ? 100 LEU A CD2   1 
ATOM   716  N  N     . GLN A 1 101 ? -11.879 3.296   13.152  1.00 36.19  ? 101 GLN A N     1 
ATOM   717  C  CA    . GLN A 1 101 ? -12.078 4.604   12.570  1.00 37.78  ? 101 GLN A CA    1 
ATOM   718  C  C     . GLN A 1 101 ? -10.976 5.446   13.217  1.00 37.74  ? 101 GLN A C     1 
ATOM   719  O  O     . GLN A 1 101 ? -10.578 5.186   14.357  1.00 37.75  ? 101 GLN A O     1 
ATOM   720  C  CB    . GLN A 1 101 ? -13.460 5.139   12.940  1.00 40.21  ? 101 GLN A CB    1 
ATOM   721  C  CG    . GLN A 1 101 ? -13.864 6.384   12.178  1.00 44.84  ? 101 GLN A CG    1 
ATOM   722  C  CD    . GLN A 1 101 ? -15.008 7.116   12.850  1.00 48.43  ? 101 GLN A CD    1 
ATOM   723  O  OE1   . GLN A 1 101 ? -14.896 7.521   14.008  1.00 49.25  ? 101 GLN A OE1   1 
ATOM   724  N  NE2   . GLN A 1 101 ? -16.113 7.292   12.129  1.00 49.81  ? 101 GLN A NE2   1 
ATOM   725  N  N     . ALA A 1 102 ? -10.463 6.436   12.498  1.00 36.76  ? 102 ALA A N     1 
ATOM   726  C  CA    . ALA A 1 102 ? -9.409  7.265   13.055  1.00 36.96  ? 102 ALA A CA    1 
ATOM   727  C  C     . ALA A 1 102 ? -9.720  8.738   12.889  1.00 37.70  ? 102 ALA A C     1 
ATOM   728  O  O     . ALA A 1 102 ? -10.239 9.163   11.856  1.00 36.63  ? 102 ALA A O     1 
ATOM   729  C  CB    . ALA A 1 102 ? -8.071  6.933   12.396  1.00 37.30  ? 102 ALA A CB    1 
ATOM   730  N  N     . SER A 1 103 ? -9.396  9.514   13.917  1.00 39.05  ? 103 SER A N     1 
ATOM   731  C  CA    . SER A 1 103 ? -9.620  10.952  13.893  1.00 39.84  ? 103 SER A CA    1 
ATOM   732  C  C     . SER A 1 103 ? -8.520  11.667  13.119  1.00 39.60  ? 103 SER A C     1 
ATOM   733  O  O     . SER A 1 103 ? -8.778  12.664  12.447  1.00 40.45  ? 103 SER A O     1 
ATOM   734  C  CB    . SER A 1 103 ? -9.675  11.515  15.318  1.00 41.35  ? 103 SER A CB    1 
ATOM   735  O  OG    . SER A 1 103 ? -10.892 11.178  15.969  1.00 44.43  ? 103 SER A OG    1 
ATOM   736  N  N     . THR A 1 104 ? -7.297  11.147  13.202  1.00 38.40  ? 104 THR A N     1 
ATOM   737  C  CA    . THR A 1 104 ? -6.156  11.765  12.536  1.00 36.58  ? 104 THR A CA    1 
ATOM   738  C  C     . THR A 1 104 ? -5.517  10.895  11.452  1.00 36.24  ? 104 THR A C     1 
ATOM   739  O  O     . THR A 1 104 ? -5.110  9.760   11.707  1.00 37.10  ? 104 THR A O     1 
ATOM   740  C  CB    . THR A 1 104 ? -5.075  12.142  13.572  1.00 36.06  ? 104 THR A CB    1 
ATOM   741  O  OG1   . THR A 1 104 ? -5.681  12.869  14.646  1.00 36.34  ? 104 THR A OG1   1 
ATOM   742  C  CG2   . THR A 1 104 ? -4.003  13.006  12.938  1.00 35.84  ? 104 THR A CG2   1 
ATOM   743  N  N     . TRP A 1 105 ? -5.436  11.437  10.241  1.00 34.71  ? 105 TRP A N     1 
ATOM   744  C  CA    . TRP A 1 105 ? -4.832  10.725  9.126   1.00 34.44  ? 105 TRP A CA    1 
ATOM   745  C  C     . TRP A 1 105 ? -3.663  11.527  8.580   1.00 34.66  ? 105 TRP A C     1 
ATOM   746  O  O     . TRP A 1 105 ? -3.816  12.700  8.238   1.00 35.86  ? 105 TRP A O     1 
ATOM   747  C  CB    . TRP A 1 105 ? -5.854  10.486  8.011   1.00 34.32  ? 105 TRP A CB    1 
ATOM   748  C  CG    . TRP A 1 105 ? -6.865  9.445   8.357   1.00 35.24  ? 105 TRP A CG    1 
ATOM   749  C  CD1   . TRP A 1 105 ? -7.949  9.591   9.172   1.00 34.07  ? 105 TRP A CD1   1 
ATOM   750  C  CD2   . TRP A 1 105 ? -6.851  8.068   7.949   1.00 37.22  ? 105 TRP A CD2   1 
ATOM   751  N  NE1   . TRP A 1 105 ? -8.610  8.393   9.302   1.00 35.11  ? 105 TRP A NE1   1 
ATOM   752  C  CE2   . TRP A 1 105 ? -7.959  7.441   8.563   1.00 35.92  ? 105 TRP A CE2   1 
ATOM   753  C  CE3   . TRP A 1 105 ? -6.007  7.303   7.127   1.00 36.59  ? 105 TRP A CE3   1 
ATOM   754  C  CZ2   . TRP A 1 105 ? -8.249  6.079   8.382   1.00 35.71  ? 105 TRP A CZ2   1 
ATOM   755  C  CZ3   . TRP A 1 105 ? -6.296  5.944   6.947   1.00 35.87  ? 105 TRP A CZ3   1 
ATOM   756  C  CH2   . TRP A 1 105 ? -7.409  5.351   7.573   1.00 34.92  ? 105 TRP A CH2   1 
ATOM   757  N  N     . GLN A 1 106 ? -2.497  10.892  8.510   1.00 32.60  ? 106 GLN A N     1 
ATOM   758  C  CA    . GLN A 1 106 ? -1.298  11.538  7.989   1.00 31.34  ? 106 GLN A CA    1 
ATOM   759  C  C     . GLN A 1 106 ? -0.608  10.581  7.029   1.00 30.05  ? 106 GLN A C     1 
ATOM   760  O  O     . GLN A 1 106 ? -0.931  9.392   6.989   1.00 29.97  ? 106 GLN A O     1 
ATOM   761  C  CB    . GLN A 1 106 ? -0.334  11.872  9.128   1.00 33.06  ? 106 GLN A CB    1 
ATOM   762  C  CG    . GLN A 1 106 ? -0.989  12.543  10.313  1.00 34.76  ? 106 GLN A CG    1 
ATOM   763  C  CD    . GLN A 1 106 ? -0.022  12.763  11.448  1.00 35.94  ? 106 GLN A CD    1 
ATOM   764  O  OE1   . GLN A 1 106 ? 0.832   13.649  11.390  1.00 37.16  ? 106 GLN A OE1   1 
ATOM   765  N  NE2   . GLN A 1 106 ? -0.142  11.945  12.492  1.00 37.57  ? 106 GLN A NE2   1 
ATOM   766  N  N     . VAL A 1 107 ? 0.334   11.099  6.249   1.00 28.86  ? 107 VAL A N     1 
ATOM   767  C  CA    . VAL A 1 107 ? 1.082   10.264  5.320   1.00 27.51  ? 107 VAL A CA    1 
ATOM   768  C  C     . VAL A 1 107 ? 2.309   9.787   6.071   1.00 27.66  ? 107 VAL A C     1 
ATOM   769  O  O     . VAL A 1 107 ? 2.992   10.573  6.725   1.00 28.68  ? 107 VAL A O     1 
ATOM   770  C  CB    . VAL A 1 107 ? 1.516   11.043  4.050   1.00 26.28  ? 107 VAL A CB    1 
ATOM   771  C  CG1   . VAL A 1 107 ? 2.645   10.303  3.334   1.00 23.51  ? 107 VAL A CG1   1 
ATOM   772  C  CG2   . VAL A 1 107 ? 0.317   11.202  3.110   1.00 22.82  ? 107 VAL A CG2   1 
ATOM   773  N  N     . LEU A 1 108 ? 2.567   8.489   5.995   1.00 27.37  ? 108 LEU A N     1 
ATOM   774  C  CA    . LEU A 1 108 ? 3.708   7.898   6.674   1.00 25.32  ? 108 LEU A CA    1 
ATOM   775  C  C     . LEU A 1 108 ? 4.816   7.594   5.674   1.00 24.77  ? 108 LEU A C     1 
ATOM   776  O  O     . LEU A 1 108 ? 5.916   8.125   5.790   1.00 25.51  ? 108 LEU A O     1 
ATOM   777  C  CB    . LEU A 1 108 ? 3.278   6.614   7.387   1.00 25.19  ? 108 LEU A CB    1 
ATOM   778  C  CG    . LEU A 1 108 ? 4.332   5.791   8.133   1.00 23.24  ? 108 LEU A CG    1 
ATOM   779  C  CD1   . LEU A 1 108 ? 4.897   6.605   9.288   1.00 22.11  ? 108 LEU A CD1   1 
ATOM   780  C  CD2   . LEU A 1 108 ? 3.692   4.503   8.644   1.00 22.21  ? 108 LEU A CD2   1 
ATOM   781  N  N     . VAL A 1 109 ? 4.521   6.749   4.687   1.00 25.18  ? 109 VAL A N     1 
ATOM   782  C  CA    . VAL A 1 109 ? 5.519   6.381   3.679   1.00 24.02  ? 109 VAL A CA    1 
ATOM   783  C  C     . VAL A 1 109 ? 4.921   5.875   2.364   1.00 23.31  ? 109 VAL A C     1 
ATOM   784  O  O     . VAL A 1 109 ? 3.929   5.137   2.351   1.00 22.38  ? 109 VAL A O     1 
ATOM   785  C  CB    . VAL A 1 109 ? 6.499   5.285   4.239   1.00 24.56  ? 109 VAL A CB    1 
ATOM   786  C  CG1   . VAL A 1 109 ? 5.751   3.975   4.489   1.00 22.33  ? 109 VAL A CG1   1 
ATOM   787  C  CG2   . VAL A 1 109 ? 7.660   5.069   3.273   1.00 23.53  ? 109 VAL A CG2   1 
ATOM   788  N  N     . ASP A 1 110 ? 5.516   6.302   1.257   1.00 23.44  ? 110 ASP A N     1 
ATOM   789  C  CA    . ASP A 1 110 ? 5.086   5.849   -0.062  1.00 24.73  ? 110 ASP A CA    1 
ATOM   790  C  C     . ASP A 1 110 ? 6.177   4.886   -0.512  1.00 24.02  ? 110 ASP A C     1 
ATOM   791  O  O     . ASP A 1 110 ? 7.351   5.081   -0.192  1.00 24.66  ? 110 ASP A O     1 
ATOM   792  C  CB    . ASP A 1 110 ? 5.018   6.993   -1.093  1.00 24.85  ? 110 ASP A CB    1 
ATOM   793  C  CG    . ASP A 1 110 ? 3.946   8.028   -0.779  1.00 27.43  ? 110 ASP A CG    1 
ATOM   794  O  OD1   . ASP A 1 110 ? 2.835   7.648   -0.350  1.00 25.71  ? 110 ASP A OD1   1 
ATOM   795  O  OD2   . ASP A 1 110 ? 4.214   9.234   -0.993  1.00 28.29  ? 110 ASP A OD2   1 
ATOM   796  N  N     . LEU A 1 111 ? 5.800   3.842   -1.238  1.00 23.22  ? 111 LEU A N     1 
ATOM   797  C  CA    . LEU A 1 111 ? 6.787   2.895   -1.739  1.00 21.46  ? 111 LEU A CA    1 
ATOM   798  C  C     . LEU A 1 111 ? 6.432   2.436   -3.144  1.00 20.62  ? 111 LEU A C     1 
ATOM   799  O  O     . LEU A 1 111 ? 5.258   2.260   -3.470  1.00 21.17  ? 111 LEU A O     1 
ATOM   800  C  CB    . LEU A 1 111 ? 6.911   1.672   -0.812  1.00 19.55  ? 111 LEU A CB    1 
ATOM   801  C  CG    . LEU A 1 111 ? 5.725   0.725   -0.569  1.00 19.66  ? 111 LEU A CG    1 
ATOM   802  C  CD1   . LEU A 1 111 ? 6.249   -0.640  -0.157  1.00 18.45  ? 111 LEU A CD1   1 
ATOM   803  C  CD2   . LEU A 1 111 ? 4.809   1.278   0.517   1.00 17.16  ? 111 LEU A CD2   1 
ATOM   804  N  N     . ASP A 1 112 ? 7.451   2.291   -3.983  1.00 20.82  ? 112 ASP A N     1 
ATOM   805  C  CA    . ASP A 1 112 ? 7.272   1.792   -5.343  1.00 21.11  ? 112 ASP A CA    1 
ATOM   806  C  C     . ASP A 1 112 ? 7.654   0.324   -5.192  1.00 21.17  ? 112 ASP A C     1 
ATOM   807  O  O     . ASP A 1 112 ? 8.833   -0.016  -5.064  1.00 20.71  ? 112 ASP A O     1 
ATOM   808  C  CB    . ASP A 1 112 ? 8.200   2.522   -6.315  1.00 20.53  ? 112 ASP A CB    1 
ATOM   809  C  CG    . ASP A 1 112 ? 7.805   3.978   -6.502  1.00 22.18  ? 112 ASP A CG    1 
ATOM   810  O  OD1   . ASP A 1 112 ? 6.636   4.317   -6.185  1.00 21.71  ? 112 ASP A OD1   1 
ATOM   811  O  OD2   . ASP A 1 112 ? 8.651   4.776   -6.970  1.00 20.03  ? 112 ASP A OD2   1 
ATOM   812  N  N     . THR A 1 113 ? 6.632   -0.527  -5.173  1.00 21.63  ? 113 THR A N     1 
ATOM   813  C  CA    . THR A 1 113 ? 6.779   -1.959  -4.938  1.00 23.01  ? 113 THR A CA    1 
ATOM   814  C  C     . THR A 1 113 ? 7.685   -2.810  -5.835  1.00 24.76  ? 113 THR A C     1 
ATOM   815  O  O     . THR A 1 113 ? 8.577   -3.496  -5.334  1.00 25.48  ? 113 THR A O     1 
ATOM   816  C  CB    . THR A 1 113 ? 5.392   -2.610  -4.860  1.00 20.43  ? 113 THR A CB    1 
ATOM   817  O  OG1   . THR A 1 113 ? 4.669   -2.322  -6.053  1.00 22.49  ? 113 THR A OG1   1 
ATOM   818  C  CG2   . THR A 1 113 ? 4.614   -2.045  -3.689  1.00 19.75  ? 113 THR A CG2   1 
ATOM   819  N  N     . ALA A 1 114 ? 7.456   -2.787  -7.144  1.00 26.34  ? 114 ALA A N     1 
ATOM   820  C  CA    . ALA A 1 114 ? 8.265   -3.572  -8.084  1.00 25.74  ? 114 ALA A CA    1 
ATOM   821  C  C     . ALA A 1 114 ? 8.705   -2.629  -9.197  1.00 24.52  ? 114 ALA A C     1 
ATOM   822  O  O     . ALA A 1 114 ? 8.212   -2.714  -10.320 1.00 25.17  ? 114 ALA A O     1 
ATOM   823  C  CB    . ALA A 1 114 ? 7.424   -4.724  -8.656  1.00 23.38  ? 114 ALA A CB    1 
ATOM   824  N  N     . PRO A 1 115 ? 9.652   -1.721  -8.894  1.00 24.78  ? 115 PRO A N     1 
ATOM   825  C  CA    . PRO A 1 115 ? 10.160  -0.737  -9.858  1.00 24.47  ? 115 PRO A CA    1 
ATOM   826  C  C     . PRO A 1 115 ? 10.682  -1.327  -11.163 1.00 25.59  ? 115 PRO A C     1 
ATOM   827  O  O     . PRO A 1 115 ? 10.669  -0.662  -12.198 1.00 26.25  ? 115 PRO A O     1 
ATOM   828  C  CB    . PRO A 1 115 ? 11.256  -0.009  -9.072  1.00 24.27  ? 115 PRO A CB    1 
ATOM   829  C  CG    . PRO A 1 115 ? 10.878  -0.217  -7.636  1.00 22.60  ? 115 PRO A CG    1 
ATOM   830  C  CD    . PRO A 1 115 ? 10.432  -1.659  -7.645  1.00 22.95  ? 115 PRO A CD    1 
ATOM   831  N  N     . GLY A 1 116 ? 11.131  -2.573  -11.116 1.00 25.00  ? 116 GLY A N     1 
ATOM   832  C  CA    . GLY A 1 116 ? 11.658  -3.192  -12.307 1.00 25.04  ? 116 GLY A CA    1 
ATOM   833  C  C     . GLY A 1 116 ? 10.647  -3.632  -13.348 1.00 27.66  ? 116 GLY A C     1 
ATOM   834  O  O     . GLY A 1 116 ? 10.999  -3.731  -14.527 1.00 28.00  ? 116 GLY A O     1 
ATOM   835  N  N     . PHE A 1 117 ? 9.402   -3.890  -12.954 1.00 26.89  ? 117 PHE A N     1 
ATOM   836  C  CA    . PHE A 1 117 ? 8.427   -4.355  -13.939 1.00 26.87  ? 117 PHE A CA    1 
ATOM   837  C  C     . PHE A 1 117 ? 6.982   -3.869  -13.826 1.00 26.14  ? 117 PHE A C     1 
ATOM   838  O  O     . PHE A 1 117 ? 6.160   -4.185  -14.691 1.00 27.33  ? 117 PHE A O     1 
ATOM   839  C  CB    . PHE A 1 117 ? 8.446   -5.890  -13.978 1.00 25.18  ? 117 PHE A CB    1 
ATOM   840  C  CG    . PHE A 1 117 ? 8.050   -6.543  -12.678 1.00 26.03  ? 117 PHE A CG    1 
ATOM   841  C  CD1   . PHE A 1 117 ? 9.007   -6.819  -11.702 1.00 24.23  ? 117 PHE A CD1   1 
ATOM   842  C  CD2   . PHE A 1 117 ? 6.718   -6.878  -12.427 1.00 25.55  ? 117 PHE A CD2   1 
ATOM   843  C  CE1   . PHE A 1 117 ? 8.649   -7.421  -10.496 1.00 24.65  ? 117 PHE A CE1   1 
ATOM   844  C  CE2   . PHE A 1 117 ? 6.348   -7.483  -11.224 1.00 26.04  ? 117 PHE A CE2   1 
ATOM   845  C  CZ    . PHE A 1 117 ? 7.318   -7.754  -10.254 1.00 25.22  ? 117 PHE A CZ    1 
ATOM   846  N  N     . SER A 1 118 ? 6.670   -3.096  -12.790 1.00 25.69  ? 118 SER A N     1 
ATOM   847  C  CA    . SER A 1 118 ? 5.304   -2.605  -12.609 1.00 26.13  ? 118 SER A CA    1 
ATOM   848  C  C     . SER A 1 118 ? 5.260   -1.143  -12.201 1.00 25.84  ? 118 SER A C     1 
ATOM   849  O  O     . SER A 1 118 ? 6.195   -0.640  -11.584 1.00 25.85  ? 118 SER A O     1 
ATOM   850  C  CB    . SER A 1 118 ? 4.574   -3.447  -11.546 1.00 25.85  ? 118 SER A CB    1 
ATOM   851  O  OG    . SER A 1 118 ? 3.276   -2.939  -11.264 1.00 21.93  ? 118 SER A OG    1 
ATOM   852  N  N     . ASP A 1 119 ? 4.168   -0.464  -12.540 1.00 25.87  ? 119 ASP A N     1 
ATOM   853  C  CA    . ASP A 1 119 ? 4.035   0.937   -12.165 1.00 26.52  ? 119 ASP A CA    1 
ATOM   854  C  C     . ASP A 1 119 ? 3.321   1.105   -10.815 1.00 25.63  ? 119 ASP A C     1 
ATOM   855  O  O     . ASP A 1 119 ? 3.045   2.226   -10.388 1.00 24.11  ? 119 ASP A O     1 
ATOM   856  C  CB    . ASP A 1 119 ? 3.293   1.731   -13.253 1.00 27.08  ? 119 ASP A CB    1 
ATOM   857  C  CG    . ASP A 1 119 ? 1.848   1.304   -13.415 1.00 28.44  ? 119 ASP A CG    1 
ATOM   858  O  OD1   . ASP A 1 119 ? 1.386   0.434   -12.647 1.00 28.45  ? 119 ASP A OD1   1 
ATOM   859  O  OD2   . ASP A 1 119 ? 1.169   1.842   -14.315 1.00 29.73  ? 119 ASP A OD2   1 
ATOM   860  N  N     . GLU A 1 120 ? 3.024   -0.003  -10.140 1.00 24.73  ? 120 GLU A N     1 
ATOM   861  C  CA    . GLU A 1 120 ? 2.353   0.102   -8.851  1.00 24.39  ? 120 GLU A CA    1 
ATOM   862  C  C     . GLU A 1 120 ? 3.153   0.938   -7.863  1.00 24.42  ? 120 GLU A C     1 
ATOM   863  O  O     . GLU A 1 120 ? 4.385   0.897   -7.831  1.00 23.86  ? 120 GLU A O     1 
ATOM   864  C  CB    . GLU A 1 120 ? 2.108   -1.267  -8.205  1.00 24.01  ? 120 GLU A CB    1 
ATOM   865  C  CG    . GLU A 1 120 ? 1.640   -1.112  -6.748  1.00 23.94  ? 120 GLU A CG    1 
ATOM   866  C  CD    . GLU A 1 120 ? 1.417   -2.418  -6.010  1.00 25.63  ? 120 GLU A CD    1 
ATOM   867  O  OE1   . GLU A 1 120 ? 2.346   -3.247  -5.934  1.00 25.78  ? 120 GLU A OE1   1 
ATOM   868  O  OE2   . GLU A 1 120 ? 0.301   -2.609  -5.486  1.00 25.07  ? 120 GLU A OE2   1 
ATOM   869  N  N     . SER A 1 121 ? 2.426   1.698   -7.056  1.00 23.64  ? 121 SER A N     1 
ATOM   870  C  CA    . SER A 1 121 ? 3.019   2.523   -6.020  1.00 23.18  ? 121 SER A CA    1 
ATOM   871  C  C     . SER A 1 121 ? 2.001   2.436   -4.900  1.00 22.85  ? 121 SER A C     1 
ATOM   872  O  O     . SER A 1 121 ? 0.799   2.386   -5.162  1.00 23.52  ? 121 SER A O     1 
ATOM   873  C  CB    . SER A 1 121 ? 3.178   3.969   -6.495  1.00 21.65  ? 121 SER A CB    1 
ATOM   874  O  OG    . SER A 1 121 ? 3.875   4.739   -5.533  1.00 20.93  ? 121 SER A OG    1 
ATOM   875  N  N     . VAL A 1 122 ? 2.469   2.398   -3.660  1.00 22.47  ? 122 VAL A N     1 
ATOM   876  C  CA    . VAL A 1 122 ? 1.556   2.297   -2.534  1.00 21.85  ? 122 VAL A CA    1 
ATOM   877  C  C     . VAL A 1 122 ? 1.763   3.394   -1.488  1.00 23.13  ? 122 VAL A C     1 
ATOM   878  O  O     . VAL A 1 122 ? 2.889   3.664   -1.061  1.00 23.81  ? 122 VAL A O     1 
ATOM   879  C  CB    . VAL A 1 122 ? 1.694   0.914   -1.868  1.00 21.89  ? 122 VAL A CB    1 
ATOM   880  C  CG1   . VAL A 1 122 ? 0.764   0.804   -0.678  1.00 20.71  ? 122 VAL A CG1   1 
ATOM   881  C  CG2   . VAL A 1 122 ? 1.386   -0.175  -2.890  1.00 22.36  ? 122 VAL A CG2   1 
ATOM   882  N  N     . ARG A 1 123 ? 0.668   4.037   -1.091  1.00 22.45  ? 123 ARG A N     1 
ATOM   883  C  CA    . ARG A 1 123 ? 0.734   5.074   -0.078  1.00 22.88  ? 123 ARG A CA    1 
ATOM   884  C  C     . ARG A 1 123 ? 0.303   4.496   1.262   1.00 23.81  ? 123 ARG A C     1 
ATOM   885  O  O     . ARG A 1 123 ? -0.800  3.961   1.400   1.00 24.06  ? 123 ARG A O     1 
ATOM   886  C  CB    . ARG A 1 123 ? -0.160  6.263   -0.450  1.00 23.61  ? 123 ARG A CB    1 
ATOM   887  C  CG    . ARG A 1 123 ? -0.399  7.234   0.714   1.00 22.97  ? 123 ARG A CG    1 
ATOM   888  C  CD    . ARG A 1 123 ? -0.589  8.678   0.250   1.00 24.33  ? 123 ARG A CD    1 
ATOM   889  N  NE    . ARG A 1 123 ? 0.681   9.307   -0.108  1.00 26.44  ? 123 ARG A NE    1 
ATOM   890  C  CZ    . ARG A 1 123 ? 0.831   10.602  -0.384  1.00 27.96  ? 123 ARG A CZ    1 
ATOM   891  N  NH1   . ARG A 1 123 ? -0.211  11.422  -0.352  1.00 27.42  ? 123 ARG A NH1   1 
ATOM   892  N  NH2   . ARG A 1 123 ? 2.034   11.086  -0.671  1.00 26.40  ? 123 ARG A NH2   1 
ATOM   893  N  N     . VAL A 1 124 ? 1.188   4.588   2.248   1.00 24.03  ? 124 VAL A N     1 
ATOM   894  C  CA    . VAL A 1 124 ? 0.885   4.083   3.579   1.00 24.22  ? 124 VAL A CA    1 
ATOM   895  C  C     . VAL A 1 124 ? 0.576   5.276   4.473   1.00 24.81  ? 124 VAL A C     1 
ATOM   896  O  O     . VAL A 1 124 ? 1.391   6.194   4.608   1.00 24.03  ? 124 VAL A O     1 
ATOM   897  C  CB    . VAL A 1 124 ? 2.080   3.302   4.200   1.00 23.64  ? 124 VAL A CB    1 
ATOM   898  C  CG1   . VAL A 1 124 ? 1.688   2.773   5.570   1.00 21.36  ? 124 VAL A CG1   1 
ATOM   899  C  CG2   . VAL A 1 124 ? 2.506   2.155   3.286   1.00 21.58  ? 124 VAL A CG2   1 
ATOM   900  N  N     . TYR A 1 125 ? -0.609  5.265   5.071   1.00 25.47  ? 125 TYR A N     1 
ATOM   901  C  CA    . TYR A 1 125 ? -1.014  6.341   5.964   1.00 25.35  ? 125 TYR A CA    1 
ATOM   902  C  C     . TYR A 1 125 ? -0.814  5.923   7.414   1.00 26.32  ? 125 TYR A C     1 
ATOM   903  O  O     . TYR A 1 125 ? -0.793  4.732   7.734   1.00 25.83  ? 125 TYR A O     1 
ATOM   904  C  CB    . TYR A 1 125 ? -2.499  6.688   5.784   1.00 24.17  ? 125 TYR A CB    1 
ATOM   905  C  CG    . TYR A 1 125 ? -2.890  7.208   4.423   1.00 23.14  ? 125 TYR A CG    1 
ATOM   906  C  CD1   . TYR A 1 125 ? -3.236  6.337   3.387   1.00 23.00  ? 125 TYR A CD1   1 
ATOM   907  C  CD2   . TYR A 1 125 ? -2.931  8.581   4.173   1.00 23.49  ? 125 TYR A CD2   1 
ATOM   908  C  CE1   . TYR A 1 125 ? -3.617  6.832   2.134   1.00 23.45  ? 125 TYR A CE1   1 
ATOM   909  C  CE2   . TYR A 1 125 ? -3.306  9.081   2.931   1.00 22.47  ? 125 TYR A CE2   1 
ATOM   910  C  CZ    . TYR A 1 125 ? -3.644  8.208   1.922   1.00 22.76  ? 125 TYR A CZ    1 
ATOM   911  O  OH    . TYR A 1 125 ? -4.000  8.723   0.705   1.00 23.01  ? 125 TYR A OH    1 
ATOM   912  N  N     . LEU A 1 126 ? -0.657  6.914   8.284   1.00 27.05  ? 126 LEU A N     1 
ATOM   913  C  CA    . LEU A 1 126 ? -0.535  6.673   9.712   1.00 27.41  ? 126 LEU A CA    1 
ATOM   914  C  C     . LEU A 1 126 ? -1.845  7.196   10.279  1.00 28.08  ? 126 LEU A C     1 
ATOM   915  O  O     . LEU A 1 126 ? -2.125  8.390   10.188  1.00 29.52  ? 126 LEU A O     1 
ATOM   916  C  CB    . LEU A 1 126 ? 0.623   7.464   10.323  1.00 26.63  ? 126 LEU A CB    1 
ATOM   917  C  CG    . LEU A 1 126 ? 0.626   7.469   11.862  1.00 27.33  ? 126 LEU A CG    1 
ATOM   918  C  CD1   . LEU A 1 126 ? 0.759   6.043   12.385  1.00 26.44  ? 126 LEU A CD1   1 
ATOM   919  C  CD2   . LEU A 1 126 ? 1.766   8.339   12.384  1.00 25.87  ? 126 LEU A CD2   1 
ATOM   920  N  N     . ALA A 1 127 ? -2.660  6.312   10.835  1.00 28.19  ? 127 ALA A N     1 
ATOM   921  C  CA    . ALA A 1 127 ? -3.931  6.738   11.406  1.00 28.48  ? 127 ALA A CA    1 
ATOM   922  C  C     . ALA A 1 127 ? -3.863  6.696   12.932  1.00 29.27  ? 127 ALA A C     1 
ATOM   923  O  O     . ALA A 1 127 ? -3.410  5.712   13.516  1.00 28.49  ? 127 ALA A O     1 
ATOM   924  C  CB    . ALA A 1 127 ? -5.065  5.844   10.903  1.00 27.63  ? 127 ALA A CB    1 
ATOM   925  N  N     . THR A 1 128 ? -4.307  7.775   13.573  1.00 29.72  ? 128 THR A N     1 
ATOM   926  C  CA    . THR A 1 128 ? -4.317  7.857   15.025  1.00 30.26  ? 128 THR A CA    1 
ATOM   927  C  C     . THR A 1 128 ? -5.688  8.305   15.534  1.00 31.98  ? 128 THR A C     1 
ATOM   928  O  O     . THR A 1 128 ? -6.573  8.619   14.741  1.00 32.02  ? 128 THR A O     1 
ATOM   929  C  CB    . THR A 1 128 ? -3.223  8.806   15.519  1.00 28.70  ? 128 THR A CB    1 
ATOM   930  O  OG1   . THR A 1 128 ? -3.221  9.991   14.722  1.00 30.12  ? 128 THR A OG1   1 
ATOM   931  C  CG2   . THR A 1 128 ? -1.872  8.137   15.398  1.00 30.61  ? 128 THR A CG2   1 
ATOM   932  N  N     . GLY A 1 129 ? -5.863  8.326   16.856  1.00 34.10  ? 129 GLY A N     1 
ATOM   933  C  CA    . GLY A 1 129 ? -7.147  8.709   17.423  1.00 35.21  ? 129 GLY A CA    1 
ATOM   934  C  C     . GLY A 1 129 ? -8.159  7.684   16.944  1.00 36.02  ? 129 GLY A C     1 
ATOM   935  O  O     . GLY A 1 129 ? -9.074  8.007   16.187  1.00 36.38  ? 129 GLY A O     1 
ATOM   936  N  N     . LEU A 1 130 ? -7.987  6.447   17.400  1.00 36.46  ? 130 LEU A N     1 
ATOM   937  C  CA    . LEU A 1 130 ? -8.825  5.325   16.988  1.00 36.37  ? 130 LEU A CA    1 
ATOM   938  C  C     . LEU A 1 130 ? -10.078 5.044   17.812  1.00 38.15  ? 130 LEU A C     1 
ATOM   939  O  O     . LEU A 1 130 ? -10.076 5.137   19.043  1.00 38.37  ? 130 LEU A O     1 
ATOM   940  C  CB    . LEU A 1 130 ? -7.967  4.054   16.947  1.00 35.02  ? 130 LEU A CB    1 
ATOM   941  C  CG    . LEU A 1 130 ? -6.555  4.192   16.352  1.00 34.84  ? 130 LEU A CG    1 
ATOM   942  C  CD1   . LEU A 1 130 ? -5.774  2.901   16.592  1.00 32.94  ? 130 LEU A CD1   1 
ATOM   943  C  CD2   . LEU A 1 130 ? -6.636  4.519   14.859  1.00 32.61  ? 130 LEU A CD2   1 
ATOM   944  N  N     . ARG A 1 131 ? -11.145 4.684   17.104  1.00 38.78  ? 131 ARG A N     1 
ATOM   945  C  CA    . ARG A 1 131 ? -12.428 4.330   17.700  1.00 39.81  ? 131 ARG A CA    1 
ATOM   946  C  C     . ARG A 1 131 ? -12.804 3.004   17.058  1.00 39.49  ? 131 ARG A C     1 
ATOM   947  O  O     . ARG A 1 131 ? -12.758 2.871   15.844  1.00 38.60  ? 131 ARG A O     1 
ATOM   948  C  CB    . ARG A 1 131 ? -13.517 5.349   17.342  1.00 42.44  ? 131 ARG A CB    1 
ATOM   949  C  CG    . ARG A 1 131 ? -13.419 6.726   17.998  1.00 46.32  ? 131 ARG A CG    1 
ATOM   950  C  CD    . ARG A 1 131 ? -13.883 6.724   19.460  1.00 48.15  ? 131 ARG A CD    1 
ATOM   951  N  NE    . ARG A 1 131 ? -15.194 6.105   19.660  1.00 47.44  ? 131 ARG A NE    1 
ATOM   952  C  CZ    . ARG A 1 131 ? -15.832 6.065   20.829  1.00 47.82  ? 131 ARG A CZ    1 
ATOM   953  N  NH1   . ARG A 1 131 ? -15.296 6.614   21.912  1.00 45.98  ? 131 ARG A NH1   1 
ATOM   954  N  NH2   . ARG A 1 131 ? -16.999 5.449   20.925  1.00 48.95  ? 131 ARG A NH2   1 
ATOM   955  N  N     . GLU A 1 132 ? -13.168 2.020   17.865  1.00 41.34  ? 132 GLU A N     1 
ATOM   956  C  CA    . GLU A 1 132 ? -13.565 0.730   17.331  1.00 42.40  ? 132 GLU A CA    1 
ATOM   957  C  C     . GLU A 1 132 ? -15.022 0.897   16.917  1.00 42.38  ? 132 GLU A C     1 
ATOM   958  O  O     . GLU A 1 132 ? -15.874 1.179   17.756  1.00 41.72  ? 132 GLU A O     1 
ATOM   959  C  CB    . GLU A 1 132 ? -13.389 -0.333  18.414  1.00 44.57  ? 132 GLU A CB    1 
ATOM   960  C  CG    . GLU A 1 132 ? -11.971 -0.305  18.993  1.00 50.85  ? 132 GLU A CG    1 
ATOM   961  C  CD    . GLU A 1 132 ? -11.712 -1.354  20.064  1.00 54.58  ? 132 GLU A CD    1 
ATOM   962  O  OE1   . GLU A 1 132 ? -12.462 -1.380  21.065  1.00 57.81  ? 132 GLU A OE1   1 
ATOM   963  O  OE2   . GLU A 1 132 ? -10.747 -2.142  19.907  1.00 55.62  ? 132 GLU A OE2   1 
ATOM   964  N  N     . VAL A 1 133 ? -15.303 0.752   15.621  1.00 42.67  ? 133 VAL A N     1 
ATOM   965  C  CA    . VAL A 1 133 ? -16.662 0.930   15.114  1.00 43.09  ? 133 VAL A CA    1 
ATOM   966  C  C     . VAL A 1 133 ? -17.253 -0.284  14.410  1.00 44.71  ? 133 VAL A C     1 
ATOM   967  O  O     . VAL A 1 133 ? -16.558 -1.266  14.145  1.00 44.55  ? 133 VAL A O     1 
ATOM   968  C  CB    . VAL A 1 133 ? -16.740 2.129   14.139  1.00 42.44  ? 133 VAL A CB    1 
ATOM   969  C  CG1   . VAL A 1 133 ? -16.139 3.375   14.783  1.00 40.71  ? 133 VAL A CG1   1 
ATOM   970  C  CG2   . VAL A 1 133 ? -16.031 1.793   12.847  1.00 42.96  ? 133 VAL A CG2   1 
ATOM   971  N  N     . GLY A 1 134 ? -18.551 -0.194  14.114  1.00 47.06  ? 134 GLY A N     1 
ATOM   972  C  CA    . GLY A 1 134 ? -19.269 -1.266  13.444  1.00 49.84  ? 134 GLY A CA    1 
ATOM   973  C  C     . GLY A 1 134 ? -20.068 -2.151  14.393  1.00 52.45  ? 134 GLY A C     1 
ATOM   974  O  O     . GLY A 1 134 ? -20.608 -1.675  15.394  1.00 51.20  ? 134 GLY A O     1 
ATOM   975  N  N     . ARG A 1 135 ? -20.129 -3.441  14.060  1.00 55.65  ? 135 ARG A N     1 
ATOM   976  C  CA    . ARG A 1 135 ? -20.827 -4.481  14.827  1.00 57.94  ? 135 ARG A CA    1 
ATOM   977  C  C     . ARG A 1 135 ? -22.130 -4.881  14.159  1.00 58.02  ? 135 ARG A C     1 
ATOM   978  O  O     . ARG A 1 135 ? -22.179 -5.053  12.943  1.00 58.85  ? 135 ARG A O     1 
ATOM   979  C  CB    . ARG A 1 135 ? -21.117 -4.030  16.261  1.00 60.89  ? 135 ARG A CB    1 
ATOM   980  C  CG    . ARG A 1 135 ? -21.768 -5.104  17.112  1.00 64.69  ? 135 ARG A CG    1 
ATOM   981  C  CD    . ARG A 1 135 ? -20.797 -6.234  17.421  1.00 67.72  ? 135 ARG A CD    1 
ATOM   982  N  NE    . ARG A 1 135 ? -20.325 -6.932  16.227  1.00 70.82  ? 135 ARG A NE    1 
ATOM   983  C  CZ    . ARG A 1 135 ? -19.410 -7.897  16.245  1.00 72.78  ? 135 ARG A CZ    1 
ATOM   984  N  NH1   . ARG A 1 135 ? -18.871 -8.276  17.398  1.00 73.61  ? 135 ARG A NH1   1 
ATOM   985  N  NH2   . ARG A 1 135 ? -19.030 -8.487  15.115  1.00 73.23  ? 135 ARG A NH2   1 
ATOM   986  N  N     . THR A 1 146 ? -8.117  -12.979 9.908   1.00 50.07  ? 146 THR A N     1 
ATOM   987  C  CA    . THR A 1 146 ? -7.398  -12.965 11.178  1.00 49.55  ? 146 THR A CA    1 
ATOM   988  C  C     . THR A 1 146 ? -6.515  -11.734 11.306  1.00 49.17  ? 146 THR A C     1 
ATOM   989  O  O     . THR A 1 146 ? -5.849  -11.334 10.350  1.00 49.09  ? 146 THR A O     1 
ATOM   990  C  CB    . THR A 1 146 ? -6.506  -14.228 11.347  1.00 49.86  ? 146 THR A CB    1 
ATOM   991  O  OG1   . THR A 1 146 ? -7.332  -15.355 11.663  1.00 51.30  ? 146 THR A OG1   1 
ATOM   992  C  CG2   . THR A 1 146 ? -5.466  -14.028 12.468  1.00 48.79  ? 146 THR A CG2   1 
ATOM   993  N  N     . MET A 1 147 ? -6.511  -11.139 12.496  1.00 47.80  ? 147 MET A N     1 
ATOM   994  C  CA    . MET A 1 147 ? -5.699  -9.961  12.755  1.00 45.14  ? 147 MET A CA    1 
ATOM   995  C  C     . MET A 1 147 ? -5.146  -10.021 14.169  1.00 42.13  ? 147 MET A C     1 
ATOM   996  O  O     . MET A 1 147 ? -5.649  -10.764 15.010  1.00 41.83  ? 147 MET A O     1 
ATOM   997  C  CB    . MET A 1 147 ? -6.526  -8.680  12.550  1.00 47.60  ? 147 MET A CB    1 
ATOM   998  C  CG    . MET A 1 147 ? -7.630  -8.430  13.572  1.00 48.96  ? 147 MET A CG    1 
ATOM   999  S  SD    . MET A 1 147 ? -7.031  -7.615  15.074  1.00 53.15  ? 147 MET A SD    1 
ATOM   1000 C  CE    . MET A 1 147 ? -7.146  -5.893  14.606  1.00 51.53  ? 147 MET A CE    1 
ATOM   1001 N  N     . GLY A 1 148 ? -4.094  -9.248  14.414  1.00 39.11  ? 148 GLY A N     1 
ATOM   1002 C  CA    . GLY A 1 148 ? -3.477  -9.216  15.724  1.00 35.12  ? 148 GLY A CA    1 
ATOM   1003 C  C     . GLY A 1 148 ? -2.887  -7.847  15.989  1.00 34.03  ? 148 GLY A C     1 
ATOM   1004 O  O     . GLY A 1 148 ? -2.495  -7.136  15.056  1.00 34.53  ? 148 GLY A O     1 
ATOM   1005 N  N     . TRP A 1 149 ? -2.838  -7.466  17.260  1.00 31.43  ? 149 TRP A N     1 
ATOM   1006 C  CA    . TRP A 1 149 ? -2.278  -6.180  17.649  1.00 29.52  ? 149 TRP A CA    1 
ATOM   1007 C  C     . TRP A 1 149 ? -0.835  -6.372  18.066  1.00 28.36  ? 149 TRP A C     1 
ATOM   1008 O  O     . TRP A 1 149 ? -0.523  -7.293  18.815  1.00 28.73  ? 149 TRP A O     1 
ATOM   1009 C  CB    . TRP A 1 149 ? -3.061  -5.573  18.811  1.00 29.12  ? 149 TRP A CB    1 
ATOM   1010 C  CG    . TRP A 1 149 ? -4.317  -4.925  18.385  1.00 28.85  ? 149 TRP A CG    1 
ATOM   1011 C  CD1   . TRP A 1 149 ? -5.541  -5.507  18.252  1.00 28.25  ? 149 TRP A CD1   1 
ATOM   1012 C  CD2   . TRP A 1 149 ? -4.469  -3.563  17.979  1.00 28.89  ? 149 TRP A CD2   1 
ATOM   1013 N  NE1   . TRP A 1 149 ? -6.450  -4.592  17.785  1.00 28.72  ? 149 TRP A NE1   1 
ATOM   1014 C  CE2   . TRP A 1 149 ? -5.818  -3.388  17.607  1.00 29.65  ? 149 TRP A CE2   1 
ATOM   1015 C  CE3   . TRP A 1 149 ? -3.593  -2.473  17.890  1.00 27.89  ? 149 TRP A CE3   1 
ATOM   1016 C  CZ2   . TRP A 1 149 ? -6.316  -2.161  17.150  1.00 30.53  ? 149 TRP A CZ2   1 
ATOM   1017 C  CZ3   . TRP A 1 149 ? -4.085  -1.256  17.437  1.00 29.54  ? 149 TRP A CZ3   1 
ATOM   1018 C  CH2   . TRP A 1 149 ? -5.436  -1.110  17.072  1.00 30.80  ? 149 TRP A CH2   1 
ATOM   1019 N  N     . TYR A 1 150 ? 0.042   -5.497  17.586  1.00 27.77  ? 150 TYR A N     1 
ATOM   1020 C  CA    . TYR A 1 150 ? 1.458   -5.594  17.908  1.00 27.19  ? 150 TYR A CA    1 
ATOM   1021 C  C     . TYR A 1 150 ? 2.090   -4.297  18.383  1.00 28.22  ? 150 TYR A C     1 
ATOM   1022 O  O     . TYR A 1 150 ? 1.876   -3.234  17.793  1.00 29.08  ? 150 TYR A O     1 
ATOM   1023 C  CB    . TYR A 1 150 ? 2.253   -6.061  16.687  1.00 26.23  ? 150 TYR A CB    1 
ATOM   1024 C  CG    . TYR A 1 150 ? 1.869   -7.418  16.157  1.00 25.76  ? 150 TYR A CG    1 
ATOM   1025 C  CD1   . TYR A 1 150 ? 0.699   -7.595  15.414  1.00 25.42  ? 150 TYR A CD1   1 
ATOM   1026 C  CD2   . TYR A 1 150 ? 2.677   -8.529  16.398  1.00 24.75  ? 150 TYR A CD2   1 
ATOM   1027 C  CE1   . TYR A 1 150 ? 0.342   -8.851  14.917  1.00 27.75  ? 150 TYR A CE1   1 
ATOM   1028 C  CE2   . TYR A 1 150 ? 2.333   -9.787  15.912  1.00 26.63  ? 150 TYR A CE2   1 
ATOM   1029 C  CZ    . TYR A 1 150 ? 1.168   -9.943  15.172  1.00 27.70  ? 150 TYR A CZ    1 
ATOM   1030 O  OH    . TYR A 1 150 ? 0.834   -11.188 14.685  1.00 29.26  ? 150 TYR A OH    1 
ATOM   1031 N  N     . PRO A 1 151 ? 2.867   -4.361  19.471  1.00 29.14  ? 151 PRO A N     1 
ATOM   1032 C  CA    . PRO A 1 151 ? 3.512   -3.132  19.935  1.00 30.36  ? 151 PRO A CA    1 
ATOM   1033 C  C     . PRO A 1 151 ? 4.452   -2.800  18.769  1.00 30.63  ? 151 PRO A C     1 
ATOM   1034 O  O     . PRO A 1 151 ? 5.066   -3.707  18.197  1.00 30.15  ? 151 PRO A O     1 
ATOM   1035 C  CB    . PRO A 1 151 ? 4.276   -3.590  21.177  1.00 29.78  ? 151 PRO A CB    1 
ATOM   1036 C  CG    . PRO A 1 151 ? 3.429   -4.707  21.694  1.00 29.89  ? 151 PRO A CG    1 
ATOM   1037 C  CD    . PRO A 1 151 ? 3.069   -5.459  20.432  1.00 29.74  ? 151 PRO A CD    1 
ATOM   1038 N  N     . ILE A 1 152 ? 4.560   -1.527  18.403  1.00 29.58  ? 152 ILE A N     1 
ATOM   1039 C  CA    . ILE A 1 152 ? 5.398   -1.158  17.272  1.00 29.03  ? 152 ILE A CA    1 
ATOM   1040 C  C     . ILE A 1 152 ? 6.801   -1.756  17.307  1.00 29.90  ? 152 ILE A C     1 
ATOM   1041 O  O     . ILE A 1 152 ? 7.340   -2.161  16.270  1.00 30.11  ? 152 ILE A O     1 
ATOM   1042 C  CB    . ILE A 1 152 ? 5.466   0.372   17.130  1.00 27.76  ? 152 ILE A CB    1 
ATOM   1043 C  CG1   . ILE A 1 152 ? 4.099   0.872   16.653  1.00 26.72  ? 152 ILE A CG1   1 
ATOM   1044 C  CG2   . ILE A 1 152 ? 6.596   0.773   16.179  1.00 25.04  ? 152 ILE A CG2   1 
ATOM   1045 C  CD1   . ILE A 1 152 ? 4.022   2.355   16.413  1.00 26.68  ? 152 ILE A CD1   1 
ATOM   1046 N  N     . ALA A 1 153 ? 7.388   -1.833  18.495  1.00 30.51  ? 153 ALA A N     1 
ATOM   1047 C  CA    . ALA A 1 153 ? 8.727   -2.390  18.617  1.00 31.29  ? 153 ALA A CA    1 
ATOM   1048 C  C     . ALA A 1 153 ? 8.728   -3.891  18.343  1.00 30.85  ? 153 ALA A C     1 
ATOM   1049 O  O     . ALA A 1 153 ? 9.685   -4.407  17.762  1.00 31.06  ? 153 ALA A O     1 
ATOM   1050 C  CB    . ALA A 1 153 ? 9.296   -2.104  20.005  1.00 34.17  ? 153 ALA A CB    1 
ATOM   1051 N  N     . GLU A 1 154 ? 7.669   -4.587  18.765  1.00 29.94  ? 154 GLU A N     1 
ATOM   1052 C  CA    . GLU A 1 154 ? 7.564   -6.025  18.533  1.00 31.32  ? 154 GLU A CA    1 
ATOM   1053 C  C     . GLU A 1 154 ? 7.486   -6.231  17.024  1.00 30.33  ? 154 GLU A C     1 
ATOM   1054 O  O     . GLU A 1 154 ? 8.142   -7.113  16.467  1.00 31.30  ? 154 GLU A O     1 
ATOM   1055 C  CB    . GLU A 1 154 ? 6.300   -6.613  19.192  1.00 34.68  ? 154 GLU A CB    1 
ATOM   1056 C  CG    . GLU A 1 154 ? 6.087   -8.124  18.903  1.00 40.84  ? 154 GLU A CG    1 
ATOM   1057 C  CD    . GLU A 1 154 ? 4.879   -8.772  19.638  1.00 46.73  ? 154 GLU A CD    1 
ATOM   1058 O  OE1   . GLU A 1 154 ? 4.481   -8.285  20.726  1.00 48.75  ? 154 GLU A OE1   1 
ATOM   1059 O  OE2   . GLU A 1 154 ? 4.345   -9.798  19.138  1.00 47.23  ? 154 GLU A OE2   1 
ATOM   1060 N  N     . ALA A 1 155 ? 6.678   -5.397  16.372  1.00 29.37  ? 155 ALA A N     1 
ATOM   1061 C  CA    . ALA A 1 155 ? 6.484   -5.462  14.926  1.00 26.48  ? 155 ALA A CA    1 
ATOM   1062 C  C     . ALA A 1 155 ? 7.786   -5.192  14.178  1.00 24.71  ? 155 ALA A C     1 
ATOM   1063 O  O     . ALA A 1 155 ? 8.070   -5.842  13.172  1.00 25.15  ? 155 ALA A O     1 
ATOM   1064 C  CB    . ALA A 1 155 ? 5.401   -4.463  14.497  1.00 24.52  ? 155 ALA A CB    1 
ATOM   1065 N  N     . ALA A 1 156 ? 8.574   -4.234  14.668  1.00 23.33  ? 156 ALA A N     1 
ATOM   1066 C  CA    . ALA A 1 156 ? 9.850   -3.900  14.046  1.00 22.85  ? 156 ALA A CA    1 
ATOM   1067 C  C     . ALA A 1 156 ? 10.812  -5.087  14.136  1.00 23.33  ? 156 ALA A C     1 
ATOM   1068 O  O     . ALA A 1 156 ? 11.542  -5.388  13.192  1.00 21.88  ? 156 ALA A O     1 
ATOM   1069 C  CB    . ALA A 1 156 ? 10.459  -2.682  14.723  1.00 22.54  ? 156 ALA A CB    1 
ATOM   1070 N  N     . ARG A 1 157 ? 10.811  -5.766  15.277  1.00 25.37  ? 157 ARG A N     1 
ATOM   1071 C  CA    . ARG A 1 157 ? 11.692  -6.920  15.453  1.00 26.56  ? 157 ARG A CA    1 
ATOM   1072 C  C     . ARG A 1 157 ? 11.246  -8.090  14.582  1.00 25.76  ? 157 ARG A C     1 
ATOM   1073 O  O     . ARG A 1 157 ? 12.082  -8.857  14.107  1.00 26.41  ? 157 ARG A O     1 
ATOM   1074 C  CB    . ARG A 1 157 ? 11.759  -7.331  16.934  1.00 26.92  ? 157 ARG A CB    1 
ATOM   1075 C  CG    . ARG A 1 157 ? 12.425  -6.267  17.819  1.00 30.03  ? 157 ARG A CG    1 
ATOM   1076 C  CD    . ARG A 1 157 ? 12.683  -6.763  19.249  1.00 33.22  ? 157 ARG A CD    1 
ATOM   1077 N  NE    . ARG A 1 157 ? 11.449  -7.031  19.989  1.00 35.06  ? 157 ARG A NE    1 
ATOM   1078 C  CZ    . ARG A 1 157 ? 10.814  -6.142  20.750  1.00 35.34  ? 157 ARG A CZ    1 
ATOM   1079 N  NH1   . ARG A 1 157 ? 11.297  -4.912  20.890  1.00 36.19  ? 157 ARG A NH1   1 
ATOM   1080 N  NH2   . ARG A 1 157 ? 9.683   -6.482  21.357  1.00 34.46  ? 157 ARG A NH2   1 
ATOM   1081 N  N     . ARG A 1 158 ? 9.939   -8.231  14.367  1.00 24.20  ? 158 ARG A N     1 
ATOM   1082 C  CA    . ARG A 1 158 ? 9.439   -9.313  13.524  1.00 23.52  ? 158 ARG A CA    1 
ATOM   1083 C  C     . ARG A 1 158 ? 9.947   -9.087  12.098  1.00 23.51  ? 158 ARG A C     1 
ATOM   1084 O  O     . ARG A 1 158 ? 10.268  -10.040 11.388  1.00 23.68  ? 158 ARG A O     1 
ATOM   1085 C  CB    . ARG A 1 158 ? 7.906   -9.348  13.542  1.00 23.60  ? 158 ARG A CB    1 
ATOM   1086 C  CG    . ARG A 1 158 ? 7.306   -9.747  14.893  1.00 26.17  ? 158 ARG A CG    1 
ATOM   1087 C  CD    . ARG A 1 158 ? 5.802   -9.482  14.966  1.00 25.39  ? 158 ARG A CD    1 
ATOM   1088 N  NE    . ARG A 1 158 ? 5.008   -10.300 14.046  1.00 26.57  ? 158 ARG A NE    1 
ATOM   1089 C  CZ    . ARG A 1 158 ? 4.761   -11.598 14.213  1.00 27.58  ? 158 ARG A CZ    1 
ATOM   1090 N  NH1   . ARG A 1 158 ? 5.251   -12.234 15.271  1.00 27.70  ? 158 ARG A NH1   1 
ATOM   1091 N  NH2   . ARG A 1 158 ? 4.012   -12.257 13.332  1.00 26.72  ? 158 ARG A NH2   1 
ATOM   1092 N  N     . VAL A 1 159 ? 10.028  -7.821  11.687  1.00 23.02  ? 159 VAL A N     1 
ATOM   1093 C  CA    . VAL A 1 159 ? 10.513  -7.477  10.351  1.00 22.93  ? 159 VAL A CA    1 
ATOM   1094 C  C     . VAL A 1 159 ? 11.968  -7.899  10.199  1.00 24.61  ? 159 VAL A C     1 
ATOM   1095 O  O     . VAL A 1 159 ? 12.326  -8.602  9.250   1.00 24.36  ? 159 VAL A O     1 
ATOM   1096 C  CB    . VAL A 1 159 ? 10.447  -5.953  10.079  1.00 23.81  ? 159 VAL A CB    1 
ATOM   1097 C  CG1   . VAL A 1 159 ? 11.215  -5.630  8.797   1.00 22.52  ? 159 VAL A CG1   1 
ATOM   1098 C  CG2   . VAL A 1 159 ? 8.989   -5.489  9.963   1.00 21.13  ? 159 VAL A CG2   1 
ATOM   1099 N  N     . LEU A 1 160 ? 12.794  -7.449  11.145  1.00 25.49  ? 160 LEU A N     1 
ATOM   1100 C  CA    . LEU A 1 160 ? 14.224  -7.736  11.169  1.00 26.56  ? 160 LEU A CA    1 
ATOM   1101 C  C     . LEU A 1 160 ? 14.527  -9.197  11.462  1.00 27.42  ? 160 LEU A C     1 
ATOM   1102 O  O     . LEU A 1 160 ? 15.680  -9.618  11.440  1.00 29.44  ? 160 LEU A O     1 
ATOM   1103 C  CB    . LEU A 1 160 ? 14.912  -6.850  12.208  1.00 26.63  ? 160 LEU A CB    1 
ATOM   1104 C  CG    . LEU A 1 160 ? 15.383  -5.472  11.731  1.00 28.87  ? 160 LEU A CG    1 
ATOM   1105 C  CD1   . LEU A 1 160 ? 16.644  -5.620  10.889  1.00 31.54  ? 160 LEU A CD1   1 
ATOM   1106 C  CD2   . LEU A 1 160 ? 14.298  -4.801  10.929  1.00 29.27  ? 160 LEU A CD2   1 
ATOM   1107 N  N     . ARG A 1 161 ? 13.482  -9.967  11.725  1.00 27.01  ? 161 ARG A N     1 
ATOM   1108 C  CA    . ARG A 1 161 ? 13.620  -11.380 12.028  1.00 27.08  ? 161 ARG A CA    1 
ATOM   1109 C  C     . ARG A 1 161 ? 12.996  -12.203 10.894  1.00 26.88  ? 161 ARG A C     1 
ATOM   1110 O  O     . ARG A 1 161 ? 13.002  -13.427 10.935  1.00 26.06  ? 161 ARG A O     1 
ATOM   1111 C  CB    . ARG A 1 161 ? 12.926  -11.652 13.358  1.00 28.96  ? 161 ARG A CB    1 
ATOM   1112 C  CG    . ARG A 1 161 ? 12.968  -13.055 13.865  1.00 30.77  ? 161 ARG A CG    1 
ATOM   1113 C  CD    . ARG A 1 161 ? 12.006  -13.140 15.029  1.00 31.94  ? 161 ARG A CD    1 
ATOM   1114 N  NE    . ARG A 1 161 ? 12.378  -12.223 16.103  1.00 31.97  ? 161 ARG A NE    1 
ATOM   1115 C  CZ    . ARG A 1 161 ? 11.515  -11.520 16.833  1.00 29.42  ? 161 ARG A CZ    1 
ATOM   1116 N  NH1   . ARG A 1 161 ? 10.206  -11.603 16.613  1.00 24.71  ? 161 ARG A NH1   1 
ATOM   1117 N  NH2   . ARG A 1 161 ? 11.967  -10.759 17.817  1.00 28.29  ? 161 ARG A NH2   1 
ATOM   1118 N  N     . GLY A 1 162 ? 12.450  -11.520 9.891   1.00 25.52  ? 162 GLY A N     1 
ATOM   1119 C  CA    . GLY A 1 162 ? 11.861  -12.208 8.749   1.00 25.90  ? 162 GLY A CA    1 
ATOM   1120 C  C     . GLY A 1 162 ? 10.438  -12.732 8.876   1.00 25.51  ? 162 GLY A C     1 
ATOM   1121 O  O     . GLY A 1 162 ? 9.960   -13.458 8.002   1.00 23.35  ? 162 GLY A O     1 
ATOM   1122 N  N     . GLU A 1 163 ? 9.752   -12.366 9.953   1.00 25.45  ? 163 GLU A N     1 
ATOM   1123 C  CA    . GLU A 1 163 ? 8.382   -12.823 10.164  1.00 26.19  ? 163 GLU A CA    1 
ATOM   1124 C  C     . GLU A 1 163 ? 7.367   -11.902 9.481   1.00 25.48  ? 163 GLU A C     1 
ATOM   1125 O  O     . GLU A 1 163 ? 6.182   -12.227 9.379   1.00 24.57  ? 163 GLU A O     1 
ATOM   1126 C  CB    . GLU A 1 163 ? 8.121   -12.960 11.667  1.00 28.17  ? 163 GLU A CB    1 
ATOM   1127 C  CG    . GLU A 1 163 ? 9.083   -13.962 12.298  1.00 28.29  ? 163 GLU A CG    1 
ATOM   1128 C  CD    . GLU A 1 163 ? 8.984   -14.037 13.803  1.00 30.68  ? 163 GLU A CD    1 
ATOM   1129 O  OE1   . GLU A 1 163 ? 8.878   -12.972 14.441  1.00 32.35  ? 163 GLU A OE1   1 
ATOM   1130 O  OE2   . GLU A 1 163 ? 9.033   -15.159 14.351  1.00 31.41  ? 163 GLU A OE2   1 
ATOM   1131 N  N     . ILE A 1 164 ? 7.856   -10.754 9.010   1.00 25.48  ? 164 ILE A N     1 
ATOM   1132 C  CA    . ILE A 1 164 ? 7.051   -9.782  8.267   1.00 23.44  ? 164 ILE A CA    1 
ATOM   1133 C  C     . ILE A 1 164 ? 7.868   -9.496  7.007   1.00 22.76  ? 164 ILE A C     1 
ATOM   1134 O  O     . ILE A 1 164 ? 8.937   -8.895  7.079   1.00 22.41  ? 164 ILE A O     1 
ATOM   1135 C  CB    . ILE A 1 164 ? 6.820   -8.471  9.070   1.00 22.19  ? 164 ILE A CB    1 
ATOM   1136 C  CG1   . ILE A 1 164 ? 5.920   -8.754  10.282  1.00 21.07  ? 164 ILE A CG1   1 
ATOM   1137 C  CG2   . ILE A 1 164 ? 6.167   -7.408  8.170   1.00 22.93  ? 164 ILE A CG2   1 
ATOM   1138 C  CD1   . ILE A 1 164 ? 5.682   -7.557  11.179  1.00 20.11  ? 164 ILE A CD1   1 
ATOM   1139 N  N     . VAL A 1 165 ? 7.377   -9.954  5.860   1.00 22.50  ? 165 VAL A N     1 
ATOM   1140 C  CA    . VAL A 1 165 ? 8.092   -9.773  4.600   1.00 22.25  ? 165 VAL A CA    1 
ATOM   1141 C  C     . VAL A 1 165 ? 7.340   -8.968  3.541   1.00 23.40  ? 165 VAL A C     1 
ATOM   1142 O  O     . VAL A 1 165 ? 7.946   -8.473  2.588   1.00 23.41  ? 165 VAL A O     1 
ATOM   1143 C  CB    . VAL A 1 165 ? 8.491   -11.130 3.995   1.00 21.83  ? 165 VAL A CB    1 
ATOM   1144 C  CG1   . VAL A 1 165 ? 9.528   -11.784 4.874   1.00 19.91  ? 165 VAL A CG1   1 
ATOM   1145 C  CG2   . VAL A 1 165 ? 7.259   -12.024 3.852   1.00 21.15  ? 165 VAL A CG2   1 
ATOM   1146 N  N     . ASN A 1 166 ? 6.023   -8.861  3.686   1.00 23.61  ? 166 ASN A N     1 
ATOM   1147 C  CA    . ASN A 1 166 ? 5.232   -8.068  2.753   1.00 22.73  ? 166 ASN A CA    1 
ATOM   1148 C  C     . ASN A 1 166 ? 5.941   -6.702  2.714   1.00 20.88  ? 166 ASN A C     1 
ATOM   1149 O  O     . ASN A 1 166 ? 6.154   -6.081  3.753   1.00 19.92  ? 166 ASN A O     1 
ATOM   1150 C  CB    . ASN A 1 166 ? 3.801   -7.953  3.289   1.00 23.13  ? 166 ASN A CB    1 
ATOM   1151 C  CG    . ASN A 1 166 ? 2.955   -6.982  2.504   1.00 22.61  ? 166 ASN A CG    1 
ATOM   1152 O  OD1   . ASN A 1 166 ? 3.216   -5.780  2.496   1.00 23.79  ? 166 ASN A OD1   1 
ATOM   1153 N  ND2   . ASN A 1 166 ? 1.926   -7.496  1.842   1.00 23.25  ? 166 ASN A ND2   1 
ATOM   1154 N  N     . SER A 1 167 ? 6.320   -6.249  1.519   1.00 20.75  ? 167 SER A N     1 
ATOM   1155 C  CA    . SER A 1 167 ? 7.059   -4.988  1.368   1.00 20.54  ? 167 SER A CA    1 
ATOM   1156 C  C     . SER A 1 167 ? 6.367   -3.734  1.909   1.00 20.29  ? 167 SER A C     1 
ATOM   1157 O  O     . SER A 1 167 ? 7.035   -2.821  2.416   1.00 18.73  ? 167 SER A O     1 
ATOM   1158 C  CB    . SER A 1 167 ? 7.438   -4.764  -0.106  1.00 19.47  ? 167 SER A CB    1 
ATOM   1159 O  OG    . SER A 1 167 ? 6.316   -4.338  -0.860  1.00 19.53  ? 167 SER A OG    1 
ATOM   1160 N  N     . ILE A 1 168 ? 5.040   -3.687  1.794   1.00 20.87  ? 168 ILE A N     1 
ATOM   1161 C  CA    . ILE A 1 168 ? 4.251   -2.548  2.277   1.00 21.70  ? 168 ILE A CA    1 
ATOM   1162 C  C     . ILE A 1 168 ? 4.271   -2.502  3.803   1.00 21.35  ? 168 ILE A C     1 
ATOM   1163 O  O     . ILE A 1 168 ? 4.350   -1.432  4.413   1.00 21.20  ? 168 ILE A O     1 
ATOM   1164 C  CB    . ILE A 1 168 ? 2.794   -2.656  1.787   1.00 20.79  ? 168 ILE A CB    1 
ATOM   1165 C  CG1   . ILE A 1 168 ? 2.761   -2.545  0.259   1.00 21.23  ? 168 ILE A CG1   1 
ATOM   1166 C  CG2   . ILE A 1 168 ? 1.945   -1.581  2.435   1.00 20.55  ? 168 ILE A CG2   1 
ATOM   1167 C  CD1   . ILE A 1 168 ? 1.515   -3.060  -0.353  1.00 21.89  ? 168 ILE A CD1   1 
ATOM   1168 N  N     . ALA A 1 169 ? 4.206   -3.691  4.397   1.00 21.29  ? 169 ALA A N     1 
ATOM   1169 C  CA    . ALA A 1 169 ? 4.215   -3.865  5.838   1.00 20.69  ? 169 ALA A CA    1 
ATOM   1170 C  C     . ALA A 1 169 ? 5.586   -3.487  6.366   1.00 22.42  ? 169 ALA A C     1 
ATOM   1171 O  O     . ALA A 1 169 ? 5.697   -2.782  7.371   1.00 22.95  ? 169 ALA A O     1 
ATOM   1172 C  CB    . ALA A 1 169 ? 3.894   -5.325  6.192   1.00 19.17  ? 169 ALA A CB    1 
ATOM   1173 N  N     . ILE A 1 170 ? 6.632   -3.960  5.692   1.00 21.50  ? 170 ILE A N     1 
ATOM   1174 C  CA    . ILE A 1 170 ? 7.988   -3.646  6.114   1.00 21.22  ? 170 ILE A CA    1 
ATOM   1175 C  C     . ILE A 1 170 ? 8.189   -2.132  6.170   1.00 21.60  ? 170 ILE A C     1 
ATOM   1176 O  O     . ILE A 1 170 ? 8.645   -1.600  7.185   1.00 20.89  ? 170 ILE A O     1 
ATOM   1177 C  CB    . ILE A 1 170 ? 9.044   -4.252  5.161   1.00 19.04  ? 170 ILE A CB    1 
ATOM   1178 C  CG1   . ILE A 1 170 ? 9.079   -5.773  5.317   1.00 20.09  ? 170 ILE A CG1   1 
ATOM   1179 C  CG2   . ILE A 1 170 ? 10.412  -3.662  5.469   1.00 19.29  ? 170 ILE A CG2   1 
ATOM   1180 C  CD1   . ILE A 1 170 ? 10.053  -6.475  4.366   1.00 18.25  ? 170 ILE A CD1   1 
ATOM   1181 N  N     . ALA A 1 171 ? 7.836   -1.447  5.080   1.00 22.52  ? 171 ALA A N     1 
ATOM   1182 C  CA    . ALA A 1 171 ? 7.986   0.006   4.988   1.00 21.60  ? 171 ALA A CA    1 
ATOM   1183 C  C     . ALA A 1 171 ? 7.184   0.727   6.065   1.00 22.05  ? 171 ALA A C     1 
ATOM   1184 O  O     . ALA A 1 171 ? 7.714   1.597   6.759   1.00 22.02  ? 171 ALA A O     1 
ATOM   1185 C  CB    . ALA A 1 171 ? 7.556   0.493   3.615   1.00 20.14  ? 171 ALA A CB    1 
ATOM   1186 N  N     . GLY A 1 172 ? 5.912   0.355   6.207   1.00 21.97  ? 172 GLY A N     1 
ATOM   1187 C  CA    . GLY A 1 172 ? 5.058   0.987   7.200   1.00 21.40  ? 172 GLY A CA    1 
ATOM   1188 C  C     . GLY A 1 172 ? 5.494   0.761   8.637   1.00 20.71  ? 172 GLY A C     1 
ATOM   1189 O  O     . GLY A 1 172 ? 5.532   1.693   9.437   1.00 21.03  ? 172 GLY A O     1 
ATOM   1190 N  N     . VAL A 1 173 ? 5.813   -0.483  8.973   1.00 19.48  ? 173 VAL A N     1 
ATOM   1191 C  CA    . VAL A 1 173 ? 6.250   -0.809  10.319  1.00 19.68  ? 173 VAL A CA    1 
ATOM   1192 C  C     . VAL A 1 173 ? 7.551   -0.086  10.666  1.00 21.11  ? 173 VAL A C     1 
ATOM   1193 O  O     . VAL A 1 173 ? 7.637   0.596   11.692  1.00 21.74  ? 173 VAL A O     1 
ATOM   1194 C  CB    . VAL A 1 173 ? 6.452   -2.343  10.483  1.00 19.10  ? 173 VAL A CB    1 
ATOM   1195 C  CG1   . VAL A 1 173 ? 7.276   -2.647  11.730  1.00 19.19  ? 173 VAL A CG1   1 
ATOM   1196 C  CG2   . VAL A 1 173 ? 5.110   -3.033  10.569  1.00 16.82  ? 173 VAL A CG2   1 
ATOM   1197 N  N     . LEU A 1 174 ? 8.568   -0.218  9.822   1.00 20.38  ? 174 LEU A N     1 
ATOM   1198 C  CA    . LEU A 1 174 ? 9.822   0.442   10.140  1.00 22.62  ? 174 LEU A CA    1 
ATOM   1199 C  C     . LEU A 1 174 ? 9.714   1.960   10.099  1.00 24.02  ? 174 LEU A C     1 
ATOM   1200 O  O     . LEU A 1 174 ? 10.451  2.646   10.806  1.00 24.96  ? 174 LEU A O     1 
ATOM   1201 C  CB    . LEU A 1 174 ? 10.942  -0.035  9.215   1.00 21.45  ? 174 LEU A CB    1 
ATOM   1202 C  CG    . LEU A 1 174 ? 11.246  -1.530  9.330   1.00 23.24  ? 174 LEU A CG    1 
ATOM   1203 C  CD1   . LEU A 1 174 ? 12.508  -1.853  8.530   1.00 21.50  ? 174 LEU A CD1   1 
ATOM   1204 C  CD2   . LEU A 1 174 ? 11.428  -1.914  10.808  1.00 22.22  ? 174 LEU A CD2   1 
ATOM   1205 N  N     . ALA A 1 175 ? 8.805   2.491   9.281   1.00 24.01  ? 175 ALA A N     1 
ATOM   1206 C  CA    . ALA A 1 175 ? 8.636   3.943   9.208   1.00 24.57  ? 175 ALA A CA    1 
ATOM   1207 C  C     . ALA A 1 175 ? 8.007   4.466   10.506  1.00 25.02  ? 175 ALA A C     1 
ATOM   1208 O  O     . ALA A 1 175 ? 8.501   5.429   11.090  1.00 25.45  ? 175 ALA A O     1 
ATOM   1209 C  CB    . ALA A 1 175 ? 7.772   4.326   8.006   1.00 22.81  ? 175 ALA A CB    1 
ATOM   1210 N  N     . VAL A 1 176 ? 6.932   3.827   10.968  1.00 26.16  ? 176 VAL A N     1 
ATOM   1211 C  CA    . VAL A 1 176 ? 6.275   4.266   12.199  1.00 27.00  ? 176 VAL A CA    1 
ATOM   1212 C  C     . VAL A 1 176 ? 7.183   4.021   13.409  1.00 28.35  ? 176 VAL A C     1 
ATOM   1213 O  O     . VAL A 1 176 ? 7.058   4.680   14.443  1.00 29.20  ? 176 VAL A O     1 
ATOM   1214 C  CB    . VAL A 1 176 ? 4.902   3.561   12.408  1.00 27.06  ? 176 VAL A CB    1 
ATOM   1215 C  CG1   . VAL A 1 176 ? 5.100   2.144   12.918  1.00 28.11  ? 176 VAL A CG1   1 
ATOM   1216 C  CG2   . VAL A 1 176 ? 4.046   4.369   13.376  1.00 23.66  ? 176 VAL A CG2   1 
ATOM   1217 N  N     . HIS A 1 177 ? 8.101   3.071   13.276  1.00 27.64  ? 177 HIS A N     1 
ATOM   1218 C  CA    . HIS A 1 177 ? 9.041   2.788   14.346  1.00 27.27  ? 177 HIS A CA    1 
ATOM   1219 C  C     . HIS A 1 177 ? 10.004  3.974   14.436  1.00 27.43  ? 177 HIS A C     1 
ATOM   1220 O  O     . HIS A 1 177 ? 10.329  4.426   15.532  1.00 28.45  ? 177 HIS A O     1 
ATOM   1221 C  CB    . HIS A 1 177 ? 9.811   1.504   14.047  1.00 27.84  ? 177 HIS A CB    1 
ATOM   1222 C  CG    . HIS A 1 177 ? 10.813  1.144   15.099  1.00 28.35  ? 177 HIS A CG    1 
ATOM   1223 N  ND1   . HIS A 1 177 ? 10.478  1.004   16.429  1.00 29.50  ? 177 HIS A ND1   1 
ATOM   1224 C  CD2   . HIS A 1 177 ? 12.141  0.888   15.015  1.00 27.35  ? 177 HIS A CD2   1 
ATOM   1225 C  CE1   . HIS A 1 177 ? 11.556  0.677   17.118  1.00 29.16  ? 177 HIS A CE1   1 
ATOM   1226 N  NE2   . HIS A 1 177 ? 12.579  0.600   16.285  1.00 28.11  ? 177 HIS A NE2   1 
ATOM   1227 N  N     . ALA A 1 178 ? 10.455  4.469   13.281  1.00 25.60  ? 178 ALA A N     1 
ATOM   1228 C  CA    . ALA A 1 178 ? 11.352  5.626   13.219  1.00 26.95  ? 178 ALA A CA    1 
ATOM   1229 C  C     . ALA A 1 178 ? 10.632  6.855   13.782  1.00 28.32  ? 178 ALA A C     1 
ATOM   1230 O  O     . ALA A 1 178 ? 11.239  7.734   14.383  1.00 28.43  ? 178 ALA A O     1 
ATOM   1231 C  CB    . ALA A 1 178 ? 11.764  5.896   11.783  1.00 25.15  ? 178 ALA A CB    1 
ATOM   1232 N  N     . VAL A 1 179 ? 9.327   6.909   13.569  1.00 30.37  ? 179 VAL A N     1 
ATOM   1233 C  CA    . VAL A 1 179 ? 8.526   8.004   14.074  1.00 32.30  ? 179 VAL A CA    1 
ATOM   1234 C  C     . VAL A 1 179 ? 8.400   7.877   15.591  1.00 34.11  ? 179 VAL A C     1 
ATOM   1235 O  O     . VAL A 1 179 ? 8.678   8.826   16.321  1.00 35.43  ? 179 VAL A O     1 
ATOM   1236 C  CB    . VAL A 1 179 ? 7.117   8.001   13.423  1.00 31.85  ? 179 VAL A CB    1 
ATOM   1237 C  CG1   . VAL A 1 179 ? 6.185   8.957   14.147  1.00 32.19  ? 179 VAL A CG1   1 
ATOM   1238 C  CG2   . VAL A 1 179 ? 7.232   8.411   11.968  1.00 33.36  ? 179 VAL A CG2   1 
ATOM   1239 N  N     . THR A 1 180 ? 7.997   6.702   16.067  1.00 34.73  ? 180 THR A N     1 
ATOM   1240 C  CA    . THR A 1 180 ? 7.830   6.485   17.504  1.00 36.15  ? 180 THR A CA    1 
ATOM   1241 C  C     . THR A 1 180 ? 9.105   6.644   18.323  1.00 36.60  ? 180 THR A C     1 
ATOM   1242 O  O     . THR A 1 180 ? 9.037   6.900   19.521  1.00 36.64  ? 180 THR A O     1 
ATOM   1243 C  CB    . THR A 1 180 ? 7.266   5.096   17.804  1.00 36.80  ? 180 THR A CB    1 
ATOM   1244 O  OG1   . THR A 1 180 ? 8.168   4.098   17.311  1.00 40.12  ? 180 THR A OG1   1 
ATOM   1245 C  CG2   . THR A 1 180 ? 5.907   4.930   17.150  1.00 37.90  ? 180 THR A CG2   1 
ATOM   1246 N  N     . THR A 1 181 ? 10.260  6.481   17.685  1.00 37.47  ? 181 THR A N     1 
ATOM   1247 C  CA    . THR A 1 181 ? 11.534  6.619   18.380  1.00 38.33  ? 181 THR A CA    1 
ATOM   1248 C  C     . THR A 1 181 ? 12.012  8.059   18.288  1.00 39.36  ? 181 THR A C     1 
ATOM   1249 O  O     . THR A 1 181 ? 13.114  8.391   18.723  1.00 41.21  ? 181 THR A O     1 
ATOM   1250 C  CB    . THR A 1 181 ? 12.619  5.719   17.773  1.00 39.19  ? 181 THR A CB    1 
ATOM   1251 O  OG1   . THR A 1 181 ? 12.922  6.162   16.446  1.00 41.30  ? 181 THR A OG1   1 
ATOM   1252 C  CG2   . THR A 1 181 ? 12.153  4.277   17.733  1.00 39.27  ? 181 THR A CG2   1 
ATOM   1253 N  N     . GLY A 1 182 ? 11.176  8.908   17.702  1.00 39.45  ? 182 GLY A N     1 
ATOM   1254 C  CA    . GLY A 1 182 ? 11.508  10.314  17.571  1.00 38.67  ? 182 GLY A CA    1 
ATOM   1255 C  C     . GLY A 1 182 ? 12.493  10.637  16.471  1.00 38.18  ? 182 GLY A C     1 
ATOM   1256 O  O     . GLY A 1 182 ? 12.989  11.760  16.401  1.00 38.23  ? 182 GLY A O     1 
ATOM   1257 N  N     . PHE A 1 183 ? 12.776  9.668   15.605  1.00 37.66  ? 183 PHE A N     1 
ATOM   1258 C  CA    . PHE A 1 183 ? 13.717  9.892   14.517  1.00 36.44  ? 183 PHE A CA    1 
ATOM   1259 C  C     . PHE A 1 183 ? 13.091  10.675  13.363  1.00 37.22  ? 183 PHE A C     1 
ATOM   1260 O  O     . PHE A 1 183 ? 13.781  11.440  12.686  1.00 37.78  ? 183 PHE A O     1 
ATOM   1261 C  CB    . PHE A 1 183 ? 14.264  8.559   13.986  1.00 35.95  ? 183 PHE A CB    1 
ATOM   1262 C  CG    . PHE A 1 183 ? 15.307  8.723   12.912  1.00 35.81  ? 183 PHE A CG    1 
ATOM   1263 C  CD1   . PHE A 1 183 ? 16.634  8.985   13.245  1.00 34.62  ? 183 PHE A CD1   1 
ATOM   1264 C  CD2   . PHE A 1 183 ? 14.952  8.685   11.566  1.00 33.82  ? 183 PHE A CD2   1 
ATOM   1265 C  CE1   . PHE A 1 183 ? 17.588  9.213   12.253  1.00 34.82  ? 183 PHE A CE1   1 
ATOM   1266 C  CE2   . PHE A 1 183 ? 15.896  8.911   10.571  1.00 33.79  ? 183 PHE A CE2   1 
ATOM   1267 C  CZ    . PHE A 1 183 ? 17.219  9.177   10.916  1.00 34.22  ? 183 PHE A CZ    1 
ATOM   1268 N  N     . ALA A 1 184 ? 11.794  10.485  13.131  1.00 36.87  ? 184 ALA A N     1 
ATOM   1269 C  CA    . ALA A 1 184 ? 11.117  11.191  12.042  1.00 38.83  ? 184 ALA A CA    1 
ATOM   1270 C  C     . ALA A 1 184 ? 9.683   11.556  12.393  1.00 38.77  ? 184 ALA A C     1 
ATOM   1271 O  O     . ALA A 1 184 ? 9.167   11.145  13.434  1.00 38.64  ? 184 ALA A O     1 
ATOM   1272 C  CB    . ALA A 1 184 ? 11.142  10.349  10.765  1.00 39.61  ? 184 ALA A CB    1 
ATOM   1273 N  N     . GLN A 1 185 ? 9.045   12.314  11.505  1.00 39.44  ? 185 GLN A N     1 
ATOM   1274 C  CA    . GLN A 1 185 ? 7.669   12.771  11.704  1.00 41.95  ? 185 GLN A CA    1 
ATOM   1275 C  C     . GLN A 1 185 ? 6.708   12.327  10.601  1.00 40.94  ? 185 GLN A C     1 
ATOM   1276 O  O     . GLN A 1 185 ? 7.115   12.100  9.461   1.00 42.43  ? 185 GLN A O     1 
ATOM   1277 C  CB    . GLN A 1 185 ? 7.630   14.300  11.762  1.00 44.67  ? 185 GLN A CB    1 
ATOM   1278 C  CG    . GLN A 1 185 ? 8.571   14.924  12.758  1.00 49.99  ? 185 GLN A CG    1 
ATOM   1279 C  CD    . GLN A 1 185 ? 8.258   14.500  14.170  1.00 54.37  ? 185 GLN A CD    1 
ATOM   1280 O  OE1   . GLN A 1 185 ? 7.122   14.639  14.632  1.00 55.80  ? 185 GLN A OE1   1 
ATOM   1281 N  NE2   . GLN A 1 185 ? 9.267   13.980  14.874  1.00 57.87  ? 185 GLN A NE2   1 
ATOM   1282 N  N     . PRO A 1 186 ? 5.411   12.200  10.929  1.00 39.96  ? 186 PRO A N     1 
ATOM   1283 C  CA    . PRO A 1 186 ? 4.437   11.792  9.913   1.00 39.45  ? 186 PRO A CA    1 
ATOM   1284 C  C     . PRO A 1 186 ? 4.287   12.999  8.999   1.00 39.83  ? 186 PRO A C     1 
ATOM   1285 O  O     . PRO A 1 186 ? 4.786   14.074  9.320   1.00 40.43  ? 186 PRO A O     1 
ATOM   1286 C  CB    . PRO A 1 186 ? 3.169   11.541  10.723  1.00 39.11  ? 186 PRO A CB    1 
ATOM   1287 C  CG    . PRO A 1 186 ? 3.683   11.220  12.090  1.00 39.32  ? 186 PRO A CG    1 
ATOM   1288 C  CD    . PRO A 1 186 ? 4.789   12.225  12.261  1.00 38.99  ? 186 PRO A CD    1 
ATOM   1289 N  N     . ARG A 1 187 ? 3.602   12.847  7.876   1.00 38.93  ? 187 ARG A N     1 
ATOM   1290 C  CA    . ARG A 1 187 ? 3.438   13.975  6.972   1.00 37.64  ? 187 ARG A CA    1 
ATOM   1291 C  C     . ARG A 1 187 ? 1.985   14.295  6.648   1.00 38.33  ? 187 ARG A C     1 
ATOM   1292 O  O     . ARG A 1 187 ? 1.097   13.467  6.847   1.00 38.35  ? 187 ARG A O     1 
ATOM   1293 C  CB    . ARG A 1 187 ? 4.215   13.719  5.684   1.00 36.42  ? 187 ARG A CB    1 
ATOM   1294 C  CG    . ARG A 1 187 ? 5.711   13.877  5.854   1.00 35.77  ? 187 ARG A CG    1 
ATOM   1295 C  CD    . ARG A 1 187 ? 6.437   13.426  4.607   1.00 34.92  ? 187 ARG A CD    1 
ATOM   1296 N  NE    . ARG A 1 187 ? 6.456   11.974  4.515   1.00 34.59  ? 187 ARG A NE    1 
ATOM   1297 C  CZ    . ARG A 1 187 ? 6.660   11.305  3.390   1.00 33.92  ? 187 ARG A CZ    1 
ATOM   1298 N  NH1   . ARG A 1 187 ? 6.861   11.966  2.259   1.00 32.62  ? 187 ARG A NH1   1 
ATOM   1299 N  NH2   . ARG A 1 187 ? 6.660   9.978   3.399   1.00 33.15  ? 187 ARG A NH2   1 
ATOM   1300 N  N     . PRO A 1 188 ? 1.727   15.517  6.149   1.00 38.65  ? 188 PRO A N     1 
ATOM   1301 C  CA    . PRO A 1 188 ? 0.394   16.006  5.776   1.00 38.04  ? 188 PRO A CA    1 
ATOM   1302 C  C     . PRO A 1 188 ? -0.247  15.170  4.675   1.00 38.20  ? 188 PRO A C     1 
ATOM   1303 O  O     . PRO A 1 188 ? 0.441   14.671  3.777   1.00 37.77  ? 188 PRO A O     1 
ATOM   1304 C  CB    . PRO A 1 188 ? 0.666   17.431  5.306   1.00 37.95  ? 188 PRO A CB    1 
ATOM   1305 C  CG    . PRO A 1 188 ? 1.883   17.815  6.072   1.00 38.45  ? 188 PRO A CG    1 
ATOM   1306 C  CD    . PRO A 1 188 ? 2.729   16.586  5.991   1.00 38.48  ? 188 PRO A CD    1 
ATOM   1307 N  N     . LEU A 1 189 ? -1.568  15.033  4.740   1.00 38.13  ? 189 LEU A N     1 
ATOM   1308 C  CA    . LEU A 1 189 ? -2.296  14.257  3.750   1.00 38.24  ? 189 LEU A CA    1 
ATOM   1309 C  C     . LEU A 1 189 ? -2.111  14.804  2.348   1.00 38.75  ? 189 LEU A C     1 
ATOM   1310 O  O     . LEU A 1 189 ? -2.259  14.071  1.376   1.00 41.20  ? 189 LEU A O     1 
ATOM   1311 C  CB    . LEU A 1 189 ? -3.786  14.230  4.080   1.00 36.79  ? 189 LEU A CB    1 
ATOM   1312 C  CG    . LEU A 1 189 ? -4.238  13.326  5.220   1.00 36.46  ? 189 LEU A CG    1 
ATOM   1313 C  CD1   . LEU A 1 189 ? -5.727  13.513  5.440   1.00 36.13  ? 189 LEU A CD1   1 
ATOM   1314 C  CD2   . LEU A 1 189 ? -3.925  11.878  4.883   1.00 35.87  ? 189 LEU A CD2   1 
ATOM   1315 N  N     . ASP A 1 190 ? -1.791  16.089  2.235   1.00 39.05  ? 190 ASP A N     1 
ATOM   1316 C  CA    . ASP A 1 190 ? -1.611  16.692  0.920   1.00 39.34  ? 190 ASP A CA    1 
ATOM   1317 C  C     . ASP A 1 190 ? -0.201  16.532  0.368   1.00 37.62  ? 190 ASP A C     1 
ATOM   1318 O  O     . ASP A 1 190 ? 0.167   17.194  -0.599  1.00 37.94  ? 190 ASP A O     1 
ATOM   1319 C  CB    . ASP A 1 190 ? -2.008  18.173  0.948   1.00 42.48  ? 190 ASP A CB    1 
ATOM   1320 C  CG    . ASP A 1 190 ? -1.386  18.924  2.103   1.00 46.44  ? 190 ASP A CG    1 
ATOM   1321 O  OD1   . ASP A 1 190 ? -0.150  18.841  2.273   1.00 49.80  ? 190 ASP A OD1   1 
ATOM   1322 O  OD2   . ASP A 1 190 ? -2.131  19.602  2.841   1.00 49.15  ? 190 ASP A OD2   1 
ATOM   1323 N  N     . THR A 1 191 ? 0.588   15.652  0.980   1.00 36.36  ? 191 THR A N     1 
ATOM   1324 C  CA    . THR A 1 191 ? 1.946   15.383  0.510   1.00 33.54  ? 191 THR A CA    1 
ATOM   1325 C  C     . THR A 1 191 ? 1.828   14.789  -0.890  1.00 33.84  ? 191 THR A C     1 
ATOM   1326 O  O     . THR A 1 191 ? 1.000   13.907  -1.127  1.00 34.21  ? 191 THR A O     1 
ATOM   1327 C  CB    . THR A 1 191 ? 2.658   14.352  1.402   1.00 32.28  ? 191 THR A CB    1 
ATOM   1328 O  OG1   . THR A 1 191 ? 2.807   14.879  2.726   1.00 32.63  ? 191 THR A OG1   1 
ATOM   1329 C  CG2   . THR A 1 191 ? 4.016   14.004  0.827   1.00 30.95  ? 191 THR A CG2   1 
ATOM   1330 N  N     . GLU A 1 192 ? 2.641   15.266  -1.819  1.00 33.53  ? 192 GLU A N     1 
ATOM   1331 C  CA    . GLU A 1 192 ? 2.590   14.748  -3.180  1.00 35.30  ? 192 GLU A CA    1 
ATOM   1332 C  C     . GLU A 1 192 ? 2.939   13.258  -3.242  1.00 33.52  ? 192 GLU A C     1 
ATOM   1333 O  O     . GLU A 1 192 ? 3.892   12.810  -2.607  1.00 33.37  ? 192 GLU A O     1 
ATOM   1334 C  CB    . GLU A 1 192 ? 3.563   15.526  -4.071  1.00 38.12  ? 192 GLU A CB    1 
ATOM   1335 C  CG    . GLU A 1 192 ? 4.984   15.547  -3.514  1.00 44.31  ? 192 GLU A CG    1 
ATOM   1336 C  CD    . GLU A 1 192 ? 5.967   16.284  -4.404  1.00 46.56  ? 192 GLU A CD    1 
ATOM   1337 O  OE1   . GLU A 1 192 ? 6.109   15.887  -5.585  1.00 49.26  ? 192 GLU A OE1   1 
ATOM   1338 O  OE2   . GLU A 1 192 ? 6.597   17.251  -3.919  1.00 46.18  ? 192 GLU A OE2   1 
ATOM   1339 N  N     . TRP A 1 193 ? 2.148   12.499  -3.995  1.00 31.96  ? 193 TRP A N     1 
ATOM   1340 C  CA    . TRP A 1 193 ? 2.385   11.072  -4.189  1.00 29.96  ? 193 TRP A CA    1 
ATOM   1341 C  C     . TRP A 1 193 ? 2.929   11.009  -5.613  1.00 30.27  ? 193 TRP A C     1 
ATOM   1342 O  O     . TRP A 1 193 ? 2.199   10.787  -6.572  1.00 31.52  ? 193 TRP A O     1 
ATOM   1343 C  CB    . TRP A 1 193 ? 1.075   10.291  -4.082  1.00 28.91  ? 193 TRP A CB    1 
ATOM   1344 C  CG    . TRP A 1 193 ? 1.224   8.793   -4.187  1.00 28.52  ? 193 TRP A CG    1 
ATOM   1345 C  CD1   . TRP A 1 193 ? 2.384   8.087   -4.369  1.00 27.94  ? 193 TRP A CD1   1 
ATOM   1346 C  CD2   . TRP A 1 193 ? 0.172   7.819   -4.114  1.00 27.75  ? 193 TRP A CD2   1 
ATOM   1347 N  NE1   . TRP A 1 193 ? 2.115   6.736   -4.416  1.00 26.03  ? 193 TRP A NE1   1 
ATOM   1348 C  CE2   . TRP A 1 193 ? 0.767   6.544   -4.261  1.00 26.30  ? 193 TRP A CE2   1 
ATOM   1349 C  CE3   . TRP A 1 193 ? -1.218  7.899   -3.935  1.00 29.17  ? 193 TRP A CE3   1 
ATOM   1350 C  CZ2   . TRP A 1 193 ? 0.021   5.360   -4.236  1.00 26.62  ? 193 TRP A CZ2   1 
ATOM   1351 C  CZ3   . TRP A 1 193 ? -1.963  6.713   -3.911  1.00 27.82  ? 193 TRP A CZ3   1 
ATOM   1352 C  CH2   . TRP A 1 193 ? -1.339  5.464   -4.061  1.00 28.08  ? 193 TRP A CH2   1 
ATOM   1353 N  N     . ILE A 1 194 ? 4.230   11.221  -5.735  1.00 30.86  ? 194 ILE A N     1 
ATOM   1354 C  CA    . ILE A 1 194 ? 4.895   11.249  -7.026  1.00 29.72  ? 194 ILE A CA    1 
ATOM   1355 C  C     . ILE A 1 194 ? 4.566   10.160  -8.029  1.00 29.74  ? 194 ILE A C     1 
ATOM   1356 O  O     . ILE A 1 194 ? 4.241   10.456  -9.177  1.00 29.27  ? 194 ILE A O     1 
ATOM   1357 C  CB    . ILE A 1 194 ? 6.428   11.265  -6.855  1.00 29.94  ? 194 ILE A CB    1 
ATOM   1358 C  CG1   . ILE A 1 194 ? 6.843   12.477  -6.022  1.00 31.91  ? 194 ILE A CG1   1 
ATOM   1359 C  CG2   . ILE A 1 194 ? 7.104   11.321  -8.210  1.00 27.46  ? 194 ILE A CG2   1 
ATOM   1360 C  CD1   . ILE A 1 194 ? 8.344   12.645  -5.900  1.00 35.87  ? 194 ILE A CD1   1 
ATOM   1361 N  N     . ASP A 1 195 ? 4.647   8.903   -7.606  1.00 29.86  ? 195 ASP A N     1 
ATOM   1362 C  CA    . ASP A 1 195 ? 4.427   7.800   -8.531  1.00 28.21  ? 195 ASP A CA    1 
ATOM   1363 C  C     . ASP A 1 195 ? 3.065   7.140   -8.528  1.00 26.37  ? 195 ASP A C     1 
ATOM   1364 O  O     . ASP A 1 195 ? 2.930   6.010   -8.978  1.00 27.56  ? 195 ASP A O     1 
ATOM   1365 C  CB    . ASP A 1 195 ? 5.511   6.734   -8.320  1.00 28.83  ? 195 ASP A CB    1 
ATOM   1366 C  CG    . ASP A 1 195 ? 6.920   7.302   -8.437  1.00 27.98  ? 195 ASP A CG    1 
ATOM   1367 O  OD1   . ASP A 1 195 ? 7.224   7.938   -9.465  1.00 26.80  ? 195 ASP A OD1   1 
ATOM   1368 O  OD2   . ASP A 1 195 ? 7.725   7.110   -7.501  1.00 29.73  ? 195 ASP A OD2   1 
ATOM   1369 N  N     . ARG A 1 196 ? 2.051   7.832   -8.040  1.00 27.32  ? 196 ARG A N     1 
ATOM   1370 C  CA    . ARG A 1 196 ? 0.714   7.249   -8.024  1.00 29.59  ? 196 ARG A CA    1 
ATOM   1371 C  C     . ARG A 1 196 ? 0.319   6.808   -9.444  1.00 29.32  ? 196 ARG A C     1 
ATOM   1372 O  O     . ARG A 1 196 ? 0.311   7.622   -10.370 1.00 30.65  ? 196 ARG A O     1 
ATOM   1373 C  CB    . ARG A 1 196 ? -0.287  8.268   -7.488  1.00 30.62  ? 196 ARG A CB    1 
ATOM   1374 C  CG    . ARG A 1 196 ? -1.719  7.822   -7.616  1.00 34.84  ? 196 ARG A CG    1 
ATOM   1375 C  CD    . ARG A 1 196 ? -2.656  8.894   -7.121  1.00 36.31  ? 196 ARG A CD    1 
ATOM   1376 N  NE    . ARG A 1 196 ? -4.035  8.575   -7.460  1.00 39.89  ? 196 ARG A NE    1 
ATOM   1377 C  CZ    . ARG A 1 196 ? -5.080  9.282   -7.052  1.00 41.21  ? 196 ARG A CZ    1 
ATOM   1378 N  NH1   . ARG A 1 196 ? -4.896  10.352  -6.288  1.00 41.67  ? 196 ARG A NH1   1 
ATOM   1379 N  NH2   . ARG A 1 196 ? -6.307  8.912   -7.401  1.00 41.57  ? 196 ARG A NH2   1 
ATOM   1380 N  N     . PRO A 1 197 ? -0.015  5.515   -9.628  1.00 28.79  ? 197 PRO A N     1 
ATOM   1381 C  CA    . PRO A 1 197 ? -0.406  4.955   -10.931 1.00 28.65  ? 197 PRO A CA    1 
ATOM   1382 C  C     . PRO A 1 197 ? -1.642  5.618   -11.539 1.00 29.44  ? 197 PRO A C     1 
ATOM   1383 O  O     . PRO A 1 197 ? -2.550  6.038   -10.824 1.00 29.70  ? 197 PRO A O     1 
ATOM   1384 C  CB    . PRO A 1 197 ? -0.672  3.481   -10.622 1.00 26.10  ? 197 PRO A CB    1 
ATOM   1385 C  CG    . PRO A 1 197 ? 0.034   3.235   -9.330  1.00 26.64  ? 197 PRO A CG    1 
ATOM   1386 C  CD    . PRO A 1 197 ? -0.167  4.505   -8.569  1.00 27.63  ? 197 PRO A CD    1 
ATOM   1387 N  N     . THR A 1 198 ? -1.677  5.688   -12.864 1.00 29.73  ? 198 THR A N     1 
ATOM   1388 C  CA    . THR A 1 198 ? -2.810  6.277   -13.560 1.00 30.80  ? 198 THR A CA    1 
ATOM   1389 C  C     . THR A 1 198 ? -3.151  5.510   -14.839 1.00 31.96  ? 198 THR A C     1 
ATOM   1390 O  O     . THR A 1 198 ? -4.301  5.501   -15.275 1.00 32.97  ? 198 THR A O     1 
ATOM   1391 C  CB    . THR A 1 198 ? -2.527  7.731   -13.925 1.00 28.98  ? 198 THR A CB    1 
ATOM   1392 O  OG1   . THR A 1 198 ? -1.293  7.807   -14.645 1.00 30.93  ? 198 THR A OG1   1 
ATOM   1393 C  CG2   . THR A 1 198 ? -2.424  8.573   -12.683 1.00 30.79  ? 198 THR A CG2   1 
ATOM   1394 N  N     . ALA A 1 199 ? -2.144  4.859   -15.417 1.00 32.06  ? 199 ALA A N     1 
ATOM   1395 C  CA    . ALA A 1 199 ? -2.291  4.106   -16.659 1.00 31.38  ? 199 ALA A CA    1 
ATOM   1396 C  C     . ALA A 1 199 ? -3.418  3.091   -16.685 1.00 32.39  ? 199 ALA A C     1 
ATOM   1397 O  O     . ALA A 1 199 ? -4.285  3.144   -17.559 1.00 32.14  ? 199 ALA A O     1 
ATOM   1398 C  CB    . ALA A 1 199 ? -0.978  3.407   -17.002 1.00 30.58  ? 199 ALA A CB    1 
ATOM   1399 N  N     . PHE A 1 200 ? -3.410  2.160   -15.740 1.00 33.18  ? 200 PHE A N     1 
ATOM   1400 C  CA    . PHE A 1 200 ? -4.434  1.130   -15.727 1.00 34.06  ? 200 PHE A CA    1 
ATOM   1401 C  C     . PHE A 1 200 ? -5.841  1.692   -15.572 1.00 35.61  ? 200 PHE A C     1 
ATOM   1402 O  O     . PHE A 1 200 ? -6.752  1.305   -16.308 1.00 36.07  ? 200 PHE A O     1 
ATOM   1403 C  CB    . PHE A 1 200 ? -4.163  0.109   -14.628 1.00 33.10  ? 200 PHE A CB    1 
ATOM   1404 C  CG    . PHE A 1 200 ? -5.021  -1.115  -14.736 1.00 33.77  ? 200 PHE A CG    1 
ATOM   1405 C  CD1   . PHE A 1 200 ? -4.876  -1.983  -15.818 1.00 33.16  ? 200 PHE A CD1   1 
ATOM   1406 C  CD2   . PHE A 1 200 ? -5.989  -1.394  -13.774 1.00 32.02  ? 200 PHE A CD2   1 
ATOM   1407 C  CE1   . PHE A 1 200 ? -5.681  -3.116  -15.943 1.00 32.02  ? 200 PHE A CE1   1 
ATOM   1408 C  CE2   . PHE A 1 200 ? -6.797  -2.517  -13.888 1.00 31.60  ? 200 PHE A CE2   1 
ATOM   1409 C  CZ    . PHE A 1 200 ? -6.642  -3.385  -14.978 1.00 32.49  ? 200 PHE A CZ    1 
ATOM   1410 N  N     . ALA A 1 201 ? -6.021  2.595   -14.611 1.00 36.73  ? 201 ALA A N     1 
ATOM   1411 C  CA    . ALA A 1 201 ? -7.323  3.209   -14.382 1.00 37.84  ? 201 ALA A CA    1 
ATOM   1412 C  C     . ALA A 1 201 ? -7.772  3.916   -15.655 1.00 39.13  ? 201 ALA A C     1 
ATOM   1413 O  O     . ALA A 1 201 ? -8.945  3.857   -16.030 1.00 40.65  ? 201 ALA A O     1 
ATOM   1414 C  CB    . ALA A 1 201 ? -7.245  4.203   -13.231 1.00 36.21  ? 201 ALA A CB    1 
ATOM   1415 N  N     . ALA A 1 202 ? -6.829  4.579   -16.319 1.00 39.96  ? 202 ALA A N     1 
ATOM   1416 C  CA    . ALA A 1 202 ? -7.112  5.298   -17.553 1.00 41.22  ? 202 ALA A CA    1 
ATOM   1417 C  C     . ALA A 1 202 ? -7.739  4.369   -18.590 1.00 43.44  ? 202 ALA A C     1 
ATOM   1418 O  O     . ALA A 1 202 ? -8.589  4.789   -19.373 1.00 44.22  ? 202 ALA A O     1 
ATOM   1419 C  CB    . ALA A 1 202 ? -5.838  5.913   -18.104 1.00 39.77  ? 202 ALA A CB    1 
ATOM   1420 N  N     . ARG A 1 203 ? -7.320  3.107   -18.598 1.00 44.68  ? 203 ARG A N     1 
ATOM   1421 C  CA    . ARG A 1 203 ? -7.867  2.138   -19.540 1.00 46.64  ? 203 ARG A CA    1 
ATOM   1422 C  C     . ARG A 1 203 ? -9.377  1.967   -19.394 1.00 49.90  ? 203 ARG A C     1 
ATOM   1423 O  O     . ARG A 1 203 ? -10.085 1.811   -20.389 1.00 49.53  ? 203 ARG A O     1 
ATOM   1424 C  CB    . ARG A 1 203 ? -7.201  0.782   -19.352 1.00 44.76  ? 203 ARG A CB    1 
ATOM   1425 C  CG    . ARG A 1 203 ? -5.796  0.721   -19.851 1.00 41.69  ? 203 ARG A CG    1 
ATOM   1426 C  CD    . ARG A 1 203 ? -5.198  -0.638  -19.578 1.00 40.74  ? 203 ARG A CD    1 
ATOM   1427 N  NE    . ARG A 1 203 ? -3.861  -0.741  -20.147 1.00 39.40  ? 203 ARG A NE    1 
ATOM   1428 C  CZ    . ARG A 1 203 ? -3.607  -1.106  -21.397 1.00 39.03  ? 203 ARG A CZ    1 
ATOM   1429 N  NH1   . ARG A 1 203 ? -4.610  -1.417  -22.211 1.00 38.08  ? 203 ARG A NH1   1 
ATOM   1430 N  NH2   . ARG A 1 203 ? -2.353  -1.139  -21.839 1.00 37.86  ? 203 ARG A NH2   1 
ATOM   1431 N  N     . ARG A 1 204 ? -9.859  1.984   -18.153 1.00 54.16  ? 204 ARG A N     1 
ATOM   1432 C  CA    . ARG A 1 204 ? -11.286 1.827   -17.862 1.00 58.93  ? 204 ARG A CA    1 
ATOM   1433 C  C     . ARG A 1 204 ? -11.875 0.617   -18.604 1.00 61.72  ? 204 ARG A C     1 
ATOM   1434 O  O     . ARG A 1 204 ? -12.810 0.754   -19.401 1.00 61.62  ? 204 ARG A O     1 
ATOM   1435 C  CB    . ARG A 1 204 ? -12.049 3.087   -18.275 1.00 59.52  ? 204 ARG A CB    1 
ATOM   1436 C  CG    . ARG A 1 204 ? -11.297 4.388   -18.082 1.00 61.36  ? 204 ARG A CG    1 
ATOM   1437 C  CD    . ARG A 1 204 ? -12.092 5.544   -18.663 1.00 63.47  ? 204 ARG A CD    1 
ATOM   1438 N  NE    . ARG A 1 204 ? -12.793 5.154   -19.888 1.00 67.41  ? 204 ARG A NE    1 
ATOM   1439 C  CZ    . ARG A 1 204 ? -12.201 4.773   -21.020 1.00 68.96  ? 204 ARG A CZ    1 
ATOM   1440 N  NH1   . ARG A 1 204 ? -10.878 4.729   -21.107 1.00 70.03  ? 204 ARG A NH1   1 
ATOM   1441 N  NH2   . ARG A 1 204 ? -12.937 4.417   -22.067 1.00 69.50  ? 204 ARG A NH2   1 
ATOM   1442 N  N     . ALA A 1 205 ? -11.330 -0.569  -18.338 1.00 64.81  ? 205 ALA A N     1 
ATOM   1443 C  CA    . ALA A 1 205 ? -11.795 -1.789  -18.994 1.00 66.93  ? 205 ALA A CA    1 
ATOM   1444 C  C     . ALA A 1 205 ? -13.013 -2.394  -18.296 1.00 67.96  ? 205 ALA A C     1 
ATOM   1445 O  O     . ALA A 1 205 ? -13.008 -3.562  -17.907 1.00 67.91  ? 205 ALA A O     1 
ATOM   1446 C  CB    . ALA A 1 205 ? -10.655 -2.812  -19.062 1.00 66.44  ? 205 ALA A CB    1 
ATOM   1447 N  N     . GLU A 1 206 ? -14.059 -1.593  -18.145 1.00 69.77  ? 206 GLU A N     1 
ATOM   1448 C  CA    . GLU A 1 206 ? -15.272 -2.064  -17.496 1.00 71.17  ? 206 GLU A CA    1 
ATOM   1449 C  C     . GLU A 1 206 ? -16.522 -1.718  -18.290 1.00 71.30  ? 206 GLU A C     1 
ATOM   1450 O  O     . GLU A 1 206 ? -16.780 -0.548  -18.592 1.00 71.38  ? 206 GLU A O     1 
ATOM   1451 C  CB    . GLU A 1 206 ? -15.398 -1.473  -16.091 1.00 72.13  ? 206 GLU A CB    1 
ATOM   1452 C  CG    . GLU A 1 206 ? -14.257 -1.825  -15.164 1.00 74.60  ? 206 GLU A CG    1 
ATOM   1453 C  CD    . GLU A 1 206 ? -14.679 -1.856  -13.705 1.00 76.09  ? 206 GLU A CD    1 
ATOM   1454 O  OE1   . GLU A 1 206 ? -15.501 -2.728  -13.344 1.00 76.16  ? 206 GLU A OE1   1 
ATOM   1455 O  OE2   . GLU A 1 206 ? -14.192 -1.009  -12.922 1.00 77.41  ? 206 GLU A OE2   1 
ATOM   1456 N  N     . ARG A 1 207 ? -17.290 -2.748  -18.629 1.00 70.87  ? 207 ARG A N     1 
ATOM   1457 C  CA    . ARG A 1 207 ? -18.535 -2.573  -19.364 1.00 69.36  ? 207 ARG A CA    1 
ATOM   1458 C  C     . ARG A 1 207 ? -19.629 -2.392  -18.309 1.00 69.98  ? 207 ARG A C     1 
ATOM   1459 O  O     . ARG A 1 207 ? -20.339 -1.364  -18.350 1.00 70.71  ? 207 ARG A O     1 
ATOM   1460 C  CB    . ARG A 1 207 ? -18.824 -3.810  -20.226 1.00 66.46  ? 207 ARG A CB    1 
ATOM   1461 C  CG    . ARG A 1 207 ? -20.107 -3.729  -21.037 1.00 63.89  ? 207 ARG A CG    1 
ATOM   1462 C  CD    . ARG A 1 207 ? -19.918 -2.999  -22.357 1.00 61.62  ? 207 ARG A CD    1 
ATOM   1463 N  NE    . ARG A 1 207 ? -21.198 -2.590  -22.931 1.00 60.67  ? 207 ARG A NE    1 
ATOM   1464 C  CZ    . ARG A 1 207 ? -21.374 -2.222  -24.198 1.00 60.59  ? 207 ARG A CZ    1 
ATOM   1465 N  NH1   . ARG A 1 207 ? -20.347 -2.217  -25.039 1.00 60.04  ? 207 ARG A NH1   1 
ATOM   1466 N  NH2   . ARG A 1 207 ? -22.577 -1.852  -24.624 1.00 59.23  ? 207 ARG A NH2   1 
ATOM   1467 O  OXT   . ARG A 1 207 ? -19.752 -3.283  -17.439 1.00 70.27  ? 207 ARG A OXT   1 
HETATM 1468 N  N1    . APR B 2 .   ? -5.715  -11.778 -10.234 1.00 55.25  ? 208 APR A N1    1 
HETATM 1469 C  C2    . APR B 2 .   ? -7.066  -11.531 -10.220 1.00 55.82  ? 208 APR A C2    1 
HETATM 1470 N  N3    . APR B 2 .   ? -7.598  -10.915 -9.113  1.00 54.78  ? 208 APR A N3    1 
HETATM 1471 C  C4    . APR B 2 .   ? -6.811  -10.552 -8.057  1.00 53.89  ? 208 APR A C4    1 
HETATM 1472 C  C5    . APR B 2 .   ? -5.436  -10.808 -8.083  1.00 54.91  ? 208 APR A C5    1 
HETATM 1473 C  C6    . APR B 2 .   ? -4.911  -11.416 -9.172  1.00 55.10  ? 208 APR A C6    1 
HETATM 1474 N  N6    . APR B 2 .   ? -3.572  -11.658 -9.182  1.00 53.77  ? 208 APR A N6    1 
HETATM 1475 N  N7    . APR B 2 .   ? -4.866  -10.354 -6.915  1.00 54.43  ? 208 APR A N7    1 
HETATM 1476 C  C8    . APR B 2 .   ? -5.867  -9.823  -6.167  1.00 53.58  ? 208 APR A C8    1 
HETATM 1477 N  N9    . APR B 2 .   ? -7.055  -9.943  -6.857  1.00 53.45  ? 208 APR A N9    1 
HETATM 1478 C  "C1'" . APR B 2 .   ? -8.339  -9.474  -6.329  1.00 53.76  ? 208 APR A "C1'" 1 
HETATM 1479 C  "C2'" . APR B 2 .   ? -9.518  -10.192 -5.724  1.00 53.87  ? 208 APR A "C2'" 1 
HETATM 1480 O  "O2'" . APR B 2 .   ? -10.600 -9.861  -6.598  1.00 53.72  ? 208 APR A "O2'" 1 
HETATM 1481 C  "C3'" . APR B 2 .   ? -9.454  -9.530  -4.383  1.00 53.26  ? 208 APR A "C3'" 1 
HETATM 1482 O  "O3'" . APR B 2 .   ? -10.657 -9.781  -3.697  1.00 55.75  ? 208 APR A "O3'" 1 
HETATM 1483 O  "O4'" . APR B 2 .   ? -8.626  -8.082  -6.089  1.00 52.52  ? 208 APR A "O4'" 1 
HETATM 1484 C  "C4'" . APR B 2 .   ? -9.293  -8.048  -4.800  1.00 52.29  ? 208 APR A "C4'" 1 
HETATM 1485 C  "C5'" . APR B 2 .   ? -8.479  -7.684  -3.565  1.00 50.92  ? 208 APR A "C5'" 1 
HETATM 1486 O  "O5'" . APR B 2 .   ? -8.636  -6.302  -3.352  1.00 48.09  ? 208 APR A "O5'" 1 
HETATM 1487 P  PA    . APR B 2 .   ? -7.966  -5.497  -2.205  1.00 44.54  ? 208 APR A PA    1 
HETATM 1488 O  O1A   . APR B 2 .   ? -8.461  -6.232  -0.945  1.00 52.25  ? 208 APR A O1A   1 
HETATM 1489 O  O2A   . APR B 2 .   ? -8.528  -4.074  -2.473  1.00 44.08  ? 208 APR A O2A   1 
HETATM 1490 O  O3A   . APR B 2 .   ? -6.399  -5.447  -2.230  1.00 45.12  ? 208 APR A O3A   1 
HETATM 1491 P  PB    . APR B 2 .   ? -5.166  -6.386  -2.033  1.00 39.75  ? 208 APR A PB    1 
HETATM 1492 O  O1B   . APR B 2 .   ? -5.162  -7.615  -2.972  1.00 39.38  ? 208 APR A O1B   1 
HETATM 1493 O  O2B   . APR B 2 .   ? -5.085  -6.900  -0.560  1.00 39.89  ? 208 APR A O2B   1 
HETATM 1494 O  O5D   . APR B 2 .   ? -3.851  -5.628  -2.241  1.00 39.74  ? 208 APR A O5D   1 
HETATM 1495 C  C5D   . APR B 2 .   ? -3.486  -4.440  -1.545  1.00 38.71  ? 208 APR A C5D   1 
HETATM 1496 O  O4D   . APR B 2 .   ? -1.394  -5.459  -0.995  1.00 39.13  ? 208 APR A O4D   1 
HETATM 1497 O  O1D   . APR B 2 .   ? 0.564   -6.302  -1.159  1.00 41.16  ? 208 APR A O1D   1 
HETATM 1498 C  C1D   . APR B 2 .   ? -0.696  -6.408  -1.788  1.00 39.66  ? 208 APR A C1D   1 
HETATM 1499 O  O2D   . APR B 2 .   ? 0.383   -6.227  -3.850  1.00 37.91  ? 208 APR A O2D   1 
HETATM 1500 C  C2D   . APR B 2 .   ? -0.875  -6.050  -3.251  1.00 38.16  ? 208 APR A C2D   1 
HETATM 1501 O  O3D   . APR B 2 .   ? -0.575  -3.538  -3.285  1.00 38.73  ? 208 APR A O3D   1 
HETATM 1502 C  C3D   . APR B 2 .   ? -1.419  -4.661  -3.187  1.00 37.88  ? 208 APR A C3D   1 
HETATM 1503 C  C4D   . APR B 2 .   ? -1.958  -4.389  -1.754  1.00 39.67  ? 208 APR A C4D   1 
HETATM 1504 GD GD    . GD3 C 3 .   ? -10.091 -5.811  0.741   0.50 69.02  ? 301 GD3 A GD    1 
HETATM 1505 O  O     . HOH D 4 .   ? -7.238  -6.191  1.005   1.00 58.11  ? 302 HOH A O     1 
HETATM 1506 O  O     . HOH D 4 .   ? -10.337 -3.419  -0.261  1.00 58.60  ? 303 HOH A O     1 
HETATM 1507 O  O     . HOH D 4 .   ? -12.593 7.989   15.170  1.00 54.82  ? 304 HOH A O     1 
HETATM 1508 O  O     . HOH D 4 .   ? -1.345  1.890   -13.968 1.00 26.82  ? 305 HOH A O     1 
HETATM 1509 O  O     . HOH D 4 .   ? -2.125  -0.842  11.027  1.00 23.55  ? 306 HOH A O     1 
HETATM 1510 O  O     . HOH D 4 .   ? 5.787   9.801   -3.604  1.00 24.99  ? 307 HOH A O     1 
HETATM 1511 O  O     . HOH D 4 .   ? -4.383  -3.076  -9.500  1.00 27.97  ? 308 HOH A O     1 
HETATM 1512 O  O     . HOH D 4 .   ? 4.646   -12.726 7.335   1.00 23.56  ? 309 HOH A O     1 
HETATM 1513 O  O     . HOH D 4 .   ? 0.551   4.870   -14.227 1.00 27.11  ? 310 HOH A O     1 
HETATM 1514 O  O     . HOH D 4 .   ? 6.603   10.587  7.039   1.00 37.11  ? 311 HOH A O     1 
HETATM 1515 O  O     . HOH D 4 .   ? 0.849   -4.758  4.127   1.00 20.58  ? 312 HOH A O     1 
HETATM 1516 O  O     . HOH D 4 .   ? 5.765   7.818   -5.304  1.00 22.87  ? 313 HOH A O     1 
HETATM 1517 O  O     . HOH D 4 .   ? 2.990   -18.396 6.192   1.00 35.73  ? 314 HOH A O     1 
HETATM 1518 O  O     . HOH D 4 .   ? -3.968  3.332   -12.934 1.00 31.29  ? 315 HOH A O     1 
HETATM 1519 O  O     . HOH D 4 .   ? 5.410   -14.720 9.865   1.00 32.80  ? 316 HOH A O     1 
HETATM 1520 O  O     . HOH D 4 .   ? 3.205   4.633   -11.044 1.00 27.05  ? 317 HOH A O     1 
HETATM 1521 O  O     . HOH D 4 .   ? 2.514   2.457   -16.796 1.00 26.81  ? 318 HOH A O     1 
HETATM 1522 O  O     . HOH D 4 .   ? -2.150  10.271  12.154  1.00 23.03  ? 319 HOH A O     1 
HETATM 1523 O  O     . HOH D 4 .   ? 11.654  -9.439  6.492   1.00 29.66  ? 320 HOH A O     1 
HETATM 1524 O  O     . HOH D 4 .   ? -1.704  2.349   -20.793 1.00 33.71  ? 321 HOH A O     1 
HETATM 1525 O  O     . HOH D 4 .   ? -10.001 3.900   -5.283  1.00 37.67  ? 322 HOH A O     1 
HETATM 1526 O  O     . HOH D 4 .   ? 2.515   -4.850  -3.892  1.00 26.67  ? 323 HOH A O     1 
HETATM 1527 O  O     . HOH D 4 .   ? 6.370   10.186  -0.080  1.00 29.73  ? 324 HOH A O     1 
HETATM 1528 O  O     . HOH D 4 .   ? -6.185  6.182   19.518  1.00 37.30  ? 325 HOH A O     1 
HETATM 1529 O  O     . HOH D 4 .   ? -3.437  11.118  0.191   1.00 37.56  ? 326 HOH A O     1 
HETATM 1530 O  O     . HOH D 4 .   ? -11.722 3.969   9.018   1.00 26.68  ? 327 HOH A O     1 
HETATM 1531 O  O     . HOH D 4 .   ? 7.087   -14.732 6.770   1.00 28.02  ? 328 HOH A O     1 
HETATM 1532 O  O     . HOH D 4 .   ? -14.203 -2.895  16.010  1.00 44.17  ? 329 HOH A O     1 
HETATM 1533 O  O     . HOH D 4 .   ? -2.994  -6.498  3.119   1.00 27.23  ? 330 HOH A O     1 
HETATM 1534 O  O     . HOH D 4 .   ? 3.448   -17.853 8.926   1.00 39.53  ? 331 HOH A O     1 
HETATM 1535 O  O     . HOH D 4 .   ? 11.119  0.200   -14.827 1.00 43.11  ? 332 HOH A O     1 
HETATM 1536 O  O     . HOH D 4 .   ? 5.441   2.771   -17.531 1.00 33.71  ? 333 HOH A O     1 
HETATM 1537 O  O     . HOH D 4 .   ? 7.592   8.435   1.648   1.00 30.87  ? 334 HOH A O     1 
HETATM 1538 O  O     . HOH D 4 .   ? 3.809   -15.443 7.418   1.00 27.24  ? 335 HOH A O     1 
HETATM 1539 O  O     . HOH D 4 .   ? -9.664  -5.416  -17.081 1.00 52.28  ? 336 HOH A O     1 
HETATM 1540 O  O     . HOH D 4 .   ? -5.663  4.031   -10.455 1.00 35.37  ? 337 HOH A O     1 
HETATM 1541 O  O     . HOH D 4 .   ? 3.430   6.306   -13.278 1.00 40.20  ? 338 HOH A O     1 
HETATM 1542 O  O     . HOH D 4 .   ? -6.836  -15.179 3.832   1.00 34.67  ? 339 HOH A O     1 
HETATM 1543 O  O     . HOH D 4 .   ? -16.519 5.159   10.654  1.00 36.61  ? 340 HOH A O     1 
HETATM 1544 O  O     . HOH D 4 .   ? 7.561   -16.367 8.459   1.00 36.26  ? 341 HOH A O     1 
HETATM 1545 O  O     . HOH D 4 .   ? 4.698   -10.330 5.744   1.00 21.48  ? 342 HOH A O     1 
HETATM 1546 O  O     . HOH D 4 .   ? 14.601  -10.896 18.418  1.00 44.32  ? 343 HOH A O     1 
HETATM 1547 O  O     . HOH D 4 .   ? 0.806   -21.011 -4.980  1.00 38.14  ? 344 HOH A O     1 
HETATM 1548 O  O     . HOH D 4 .   ? 2.025   -16.205 12.299  1.00 32.91  ? 345 HOH A O     1 
HETATM 1549 O  O     . HOH D 4 .   ? 0.658   -20.100 5.563   1.00 36.19  ? 346 HOH A O     1 
HETATM 1550 O  O     . HOH D 4 .   ? -5.040  -8.799  -13.317 1.00 34.76  ? 347 HOH A O     1 
HETATM 1551 O  O     . HOH D 4 .   ? 7.776   -10.004 -25.366 1.00 43.80  ? 348 HOH A O     1 
HETATM 1552 O  O     . HOH D 4 .   ? 10.359  -2.068  1.971   0.50 11.67  ? 349 HOH A O     1 
HETATM 1553 O  O     . HOH D 4 .   ? -1.677  6.271   26.906  1.00 63.99  ? 350 HOH A O     1 
HETATM 1554 O  O     . HOH D 4 .   ? 2.936   -9.160  12.575  1.00 22.61  ? 351 HOH A O     1 
HETATM 1555 O  O     . HOH D 4 .   ? 6.292   -11.872 18.204  0.50 24.86  ? 352 HOH A O     1 
HETATM 1556 O  O     . HOH D 4 .   ? -3.733  3.887   -20.122 1.00 43.32  ? 353 HOH A O     1 
HETATM 1557 O  O     . HOH D 4 .   ? 5.651   4.477   -22.157 1.00 64.67  ? 354 HOH A O     1 
HETATM 1558 O  O     . HOH D 4 .   ? 0.260   -8.646  0.211   1.00 200.00 ? 355 HOH A O     1 
HETATM 1559 O  O     . HOH D 4 .   ? -2.015  -6.185  -6.234  1.00 20.97  ? 356 HOH A O     1 
HETATM 1560 O  O     . HOH D 4 .   ? -4.098  -14.502 -2.971  1.00 27.42  ? 357 HOH A O     1 
HETATM 1561 O  O     . HOH D 4 .   ? -5.544  -6.475  2.409   1.00 34.11  ? 358 HOH A O     1 
HETATM 1562 O  O     . HOH D 4 .   ? 5.815   -1.983  -28.462 1.00 46.22  ? 359 HOH A O     1 
HETATM 1563 O  O     . HOH D 4 .   ? -11.272 6.545   9.661   1.00 24.91  ? 360 HOH A O     1 
HETATM 1564 O  O     . HOH D 4 .   ? -10.997 -3.837  -3.478  1.00 46.35  ? 361 HOH A O     1 
HETATM 1565 O  O     . HOH D 4 .   ? -17.295 0.703   4.649   1.00 49.49  ? 362 HOH A O     1 
HETATM 1566 O  O     . HOH D 4 .   ? -3.345  -12.571 16.216  1.00 34.16  ? 363 HOH A O     1 
HETATM 1567 O  O     . HOH D 4 .   ? -6.529  11.169  -0.916  1.00 51.05  ? 364 HOH A O     1 
HETATM 1568 O  O     . HOH D 4 .   ? 6.134   -10.093 -5.454  1.00 20.18  ? 365 HOH A O     1 
HETATM 1569 O  O     . HOH D 4 .   ? -13.816 8.888   6.522   1.00 53.66  ? 366 HOH A O     1 
HETATM 1570 O  O     . HOH D 4 .   ? 4.677   17.766  -0.753  1.00 34.99  ? 367 HOH A O     1 
HETATM 1571 O  O     . HOH D 4 .   ? -10.677 0.093   -15.472 1.00 58.01  ? 368 HOH A O     1 
HETATM 1572 O  O     . HOH D 4 .   ? 5.617   -18.910 8.686   1.00 40.84  ? 369 HOH A O     1 
HETATM 1573 O  O     . HOH D 4 .   ? 13.456  -1.856  -15.142 1.00 44.17  ? 370 HOH A O     1 
HETATM 1574 O  O     . HOH D 4 .   ? -9.250  -6.062  18.504  1.00 55.08  ? 371 HOH A O     1 
HETATM 1575 O  O     . HOH D 4 .   ? -16.241 5.496   -9.426  1.00 46.94  ? 372 HOH A O     1 
HETATM 1576 O  O     . HOH D 4 .   ? 14.742  6.475   -31.398 1.00 70.00  ? 373 HOH A O     1 
HETATM 1577 O  O     . HOH D 4 .   ? -13.787 8.864   9.337   1.00 46.41  ? 374 HOH A O     1 
HETATM 1578 O  O     . HOH D 4 .   ? -1.866  11.904  16.282  1.00 38.61  ? 375 HOH A O     1 
HETATM 1579 O  O     . HOH D 4 .   ? -5.947  11.857  17.615  1.00 43.92  ? 376 HOH A O     1 
HETATM 1580 O  O     . HOH D 4 .   ? 11.193  -9.679  20.037  1.00 30.62  ? 377 HOH A O     1 
HETATM 1581 O  O     . HOH D 4 .   ? -0.519  -5.597  1.665   1.00 22.63  ? 378 HOH A O     1 
HETATM 1582 O  O     . HOH D 4 .   ? -12.472 -2.995  -1.586  1.00 55.64  ? 379 HOH A O     1 
HETATM 1583 O  O     . HOH D 4 .   ? -10.361 -1.203  -2.104  1.00 43.37  ? 380 HOH A O     1 
HETATM 1584 O  O     . HOH D 4 .   ? -6.634  -14.732 -1.604  1.00 47.94  ? 381 HOH A O     1 
HETATM 1585 O  O     . HOH D 4 .   ? 1.415   8.066   -13.575 1.00 43.29  ? 382 HOH A O     1 
HETATM 1586 O  O     . HOH D 4 .   ? -12.866 1.805   -22.387 1.00 59.84  ? 383 HOH A O     1 
HETATM 1587 O  O     . HOH D 4 .   ? 6.205   -4.622  -28.752 1.00 50.84  ? 384 HOH A O     1 
HETATM 1588 O  O     . HOH D 4 .   ? -3.646  -7.669  -5.331  1.00 39.38  ? 385 HOH A O     1 
HETATM 1589 O  O     . HOH D 4 .   ? -3.971  7.077   18.384  1.00 27.84  ? 386 HOH A O     1 
HETATM 1590 O  O     . HOH D 4 .   ? -10.551 0.396   0.498   1.00 52.04  ? 387 HOH A O     1 
# 
